data_7O40
#
_entry.id   7O40
#
_cell.length_a   1.00
_cell.length_b   1.00
_cell.length_c   1.00
_cell.angle_alpha   90.00
_cell.angle_beta   90.00
_cell.angle_gamma   90.00
#
_symmetry.space_group_name_H-M   'P 1'
#
loop_
_entity.id
_entity.type
_entity.pdbx_description
1 polymer 'Protein sll0617'
2 non-polymer "ADENOSINE-5'-DIPHOSPHATE"
#
_entity_poly.entity_id   1
_entity_poly.type   'polypeptide(L)'
_entity_poly.pdbx_seq_one_letter_code
;ALFDRLGRVVRANLNDLVSKAEDPEKVLEQAVIDMQEDLVQLRQAVARTIAEEKRTEQRLNQDTQEAKKWEDRAKLALTN
GEENLAREALARKKSLTDTAAAYQTQLAQQRTMSENLRRNLAALEAKISEAKTKKNMLQARAKAAKANAELQQTLGGLGT
SSATSAFERMENKVLDMEATSQAAGELAGFGIENQFAQLEASSGVEDELAALKASMAGGALPGTSAATPQLEAAPVDSSV
PANNASQDDAVIDQELDDLRRRLNNL
;
_entity_poly.pdbx_strand_id   C,E,F,A,B,D
#
loop_
_chem_comp.id
_chem_comp.type
_chem_comp.name
_chem_comp.formula
ADP non-polymer ADENOSINE-5'-DIPHOSPHATE 'C10 H15 N5 O10 P2'
#
# COMPACT_ATOMS: atom_id res chain seq x y z
N ALA A 1 -19.73 18.43 -13.91
CA ALA A 1 -18.57 17.65 -13.48
C ALA A 1 -18.94 16.65 -12.41
N LEU A 2 -20.24 16.51 -12.16
CA LEU A 2 -20.75 15.59 -11.16
C LEU A 2 -20.38 14.14 -11.41
N PHE A 3 -20.48 13.69 -12.68
CA PHE A 3 -20.22 12.32 -13.10
C PHE A 3 -18.77 11.92 -12.89
N ASP A 4 -17.83 12.80 -13.30
CA ASP A 4 -16.41 12.63 -13.08
C ASP A 4 -16.03 12.65 -11.61
N ARG A 5 -16.70 13.47 -10.76
CA ARG A 5 -16.53 13.44 -9.32
C ARG A 5 -16.90 12.10 -8.72
N LEU A 6 -18.03 11.50 -9.18
CA LEU A 6 -18.44 10.16 -8.79
C LEU A 6 -17.40 9.13 -9.18
N GLY A 7 -16.76 9.32 -10.35
CA GLY A 7 -15.61 8.55 -10.82
C GLY A 7 -14.46 8.50 -9.85
N ARG A 8 -14.16 9.62 -9.12
CA ARG A 8 -13.20 9.65 -8.04
C ARG A 8 -13.57 8.73 -6.89
N VAL A 9 -14.87 8.68 -6.50
CA VAL A 9 -15.37 7.85 -5.41
C VAL A 9 -15.11 6.37 -5.68
N VAL A 10 -15.37 5.90 -6.93
CA VAL A 10 -15.14 4.53 -7.35
C VAL A 10 -13.67 4.17 -7.24
N ARG A 11 -12.76 5.05 -7.73
CA ARG A 11 -11.32 4.87 -7.69
C ARG A 11 -10.76 4.76 -6.29
N ALA A 12 -11.30 5.57 -5.35
CA ALA A 12 -10.91 5.61 -3.97
C ALA A 12 -11.10 4.29 -3.26
N ASN A 13 -12.26 3.63 -3.47
CA ASN A 13 -12.57 2.32 -2.94
C ASN A 13 -11.64 1.26 -3.49
N LEU A 14 -11.30 1.32 -4.80
CA LEU A 14 -10.35 0.40 -5.44
C LEU A 14 -8.95 0.49 -4.84
N ASN A 15 -8.44 1.72 -4.57
CA ASN A 15 -7.18 1.98 -3.88
C ASN A 15 -7.21 1.38 -2.50
N ASP A 16 -8.31 1.63 -1.73
CA ASP A 16 -8.51 1.14 -0.38
C ASP A 16 -8.49 -0.39 -0.32
N LEU A 17 -9.21 -1.05 -1.27
CA LEU A 17 -9.31 -2.49 -1.37
C LEU A 17 -7.97 -3.16 -1.59
N VAL A 18 -7.16 -2.64 -2.56
CA VAL A 18 -5.81 -3.07 -2.84
C VAL A 18 -4.92 -2.82 -1.64
N SER A 19 -5.04 -1.64 -0.97
CA SER A 19 -4.29 -1.26 0.20
C SER A 19 -4.49 -2.18 1.39
N LYS A 20 -5.74 -2.67 1.59
CA LYS A 20 -6.07 -3.73 2.52
C LYS A 20 -5.36 -5.04 2.21
N ALA A 21 -5.29 -5.42 0.91
CA ALA A 21 -4.65 -6.64 0.45
C ALA A 21 -3.15 -6.55 0.48
N GLU A 22 -2.55 -5.32 0.48
CA GLU A 22 -1.14 -5.09 0.73
C GLU A 22 -0.82 -5.58 2.13
N ASP A 23 -0.10 -6.74 2.23
CA ASP A 23 0.38 -7.31 3.47
C ASP A 23 1.63 -6.54 3.85
N PRO A 24 1.92 -6.22 5.12
CA PRO A 24 3.00 -5.28 5.46
C PRO A 24 4.34 -5.90 5.25
N GLU A 25 4.63 -7.09 5.83
CA GLU A 25 5.89 -7.77 5.64
C GLU A 25 6.17 -8.18 4.20
N LYS A 26 5.18 -8.79 3.50
CA LYS A 26 5.32 -9.29 2.14
C LYS A 26 5.58 -8.25 1.09
N VAL A 27 4.80 -7.14 1.09
CA VAL A 27 4.92 -6.08 0.11
C VAL A 27 6.20 -5.29 0.31
N LEU A 28 6.57 -5.04 1.60
CA LEU A 28 7.82 -4.41 1.99
C LEU A 28 9.00 -5.26 1.56
N GLU A 29 8.90 -6.60 1.76
CA GLU A 29 9.87 -7.59 1.38
C GLU A 29 10.14 -7.54 -0.11
N GLN A 30 9.06 -7.58 -0.93
CA GLN A 30 9.12 -7.52 -2.38
C GLN A 30 9.70 -6.23 -2.91
N ALA A 31 9.33 -5.07 -2.31
CA ALA A 31 9.74 -3.75 -2.75
C ALA A 31 11.25 -3.60 -2.76
N VAL A 32 11.95 -4.09 -1.72
CA VAL A 32 13.39 -4.15 -1.66
C VAL A 32 13.98 -5.04 -2.73
N ILE A 33 13.35 -6.21 -3.02
CA ILE A 33 13.76 -7.11 -4.09
C ILE A 33 13.70 -6.46 -5.46
N ASP A 34 12.61 -5.68 -5.74
CA ASP A 34 12.42 -4.95 -6.98
C ASP A 34 13.58 -4.01 -7.23
N MET A 35 13.95 -3.19 -6.22
CA MET A 35 15.01 -2.20 -6.29
C MET A 35 16.37 -2.81 -6.58
N GLN A 36 16.68 -3.99 -5.96
CA GLN A 36 17.91 -4.73 -6.22
C GLN A 36 18.08 -5.13 -7.67
N GLU A 37 17.03 -5.70 -8.32
CA GLU A 37 17.07 -6.14 -9.70
C GLU A 37 17.17 -5.02 -10.70
N ASP A 38 16.40 -3.92 -10.47
CA ASP A 38 16.38 -2.73 -11.29
C ASP A 38 17.77 -2.08 -11.28
N LEU A 39 18.43 -2.03 -10.09
CA LEU A 39 19.80 -1.57 -9.88
C LEU A 39 20.80 -2.37 -10.71
N VAL A 40 20.66 -3.74 -10.78
CA VAL A 40 21.60 -4.57 -11.53
C VAL A 40 21.64 -4.21 -13.02
N GLN A 41 20.45 -4.02 -13.65
CA GLN A 41 20.33 -3.69 -15.06
C GLN A 41 20.99 -2.36 -15.37
N LEU A 42 20.78 -1.35 -14.49
CA LEU A 42 21.39 -0.04 -14.56
C LEU A 42 22.90 -0.12 -14.46
N ARG A 43 23.41 -0.98 -13.58
CA ARG A 43 24.85 -1.15 -13.45
C ARG A 43 25.37 -1.53 -14.84
N GLN A 44 24.87 -2.64 -15.37
CA GLN A 44 25.25 -3.09 -16.69
C GLN A 44 25.13 -2.00 -17.76
N ALA A 45 24.08 -1.13 -17.69
CA ALA A 45 23.92 0.02 -18.59
C ALA A 45 25.04 1.02 -18.48
N VAL A 46 25.41 1.42 -17.24
CA VAL A 46 26.50 2.31 -16.91
C VAL A 46 27.83 1.73 -17.35
N ALA A 47 28.03 0.40 -17.14
CA ALA A 47 29.19 -0.35 -17.61
C ALA A 47 29.32 -0.30 -19.12
N ARG A 48 28.18 -0.39 -19.87
CA ARG A 48 28.13 -0.21 -21.30
C ARG A 48 28.57 1.18 -21.75
N THR A 49 28.14 2.27 -21.06
CA THR A 49 28.62 3.62 -21.34
C THR A 49 30.10 3.81 -21.05
N ILE A 50 30.61 3.22 -19.95
CA ILE A 50 32.00 3.19 -19.56
C ILE A 50 32.83 2.44 -20.58
N ALA A 51 32.29 1.34 -21.16
CA ALA A 51 32.92 0.60 -22.23
C ALA A 51 33.16 1.46 -23.44
N GLU A 52 32.16 2.29 -23.84
CA GLU A 52 32.25 3.22 -24.94
C GLU A 52 33.28 4.32 -24.70
N GLU A 53 33.46 4.77 -23.43
CA GLU A 53 34.54 5.64 -23.01
C GLU A 53 35.91 5.01 -23.28
N LYS A 54 36.11 3.72 -22.90
CA LYS A 54 37.32 2.95 -23.17
C LYS A 54 37.54 2.76 -24.66
N ARG A 55 36.46 2.56 -25.39
CA ARG A 55 36.53 2.36 -26.84
C ARG A 55 37.24 3.56 -27.45
N THR A 56 36.66 4.74 -27.28
CA THR A 56 37.26 5.95 -27.79
C THR A 56 38.73 6.05 -27.48
N GLU A 57 39.13 5.70 -26.23
CA GLU A 57 40.52 5.68 -25.78
C GLU A 57 41.39 4.75 -26.60
N GLN A 58 40.91 3.52 -26.92
CA GLN A 58 41.63 2.53 -27.72
C GLN A 58 41.98 3.04 -29.09
N ARG A 59 41.01 3.60 -29.84
CA ARG A 59 41.16 4.12 -31.18
C ARG A 59 42.11 5.28 -31.23
N LEU A 60 41.95 6.22 -30.28
CA LEU A 60 42.72 7.43 -30.14
C LEU A 60 44.19 7.18 -29.93
N ASN A 61 44.48 6.26 -29.01
CA ASN A 61 45.84 5.89 -28.66
C ASN A 61 46.49 5.12 -29.80
N GLN A 62 45.65 4.53 -30.63
CA GLN A 62 46.11 3.78 -31.80
C GLN A 62 46.44 4.74 -32.97
N ASP A 63 45.58 5.75 -33.18
CA ASP A 63 45.73 6.77 -34.23
C ASP A 63 47.02 7.55 -34.03
N THR A 64 47.33 7.92 -32.75
CA THR A 64 48.55 8.61 -32.38
C THR A 64 49.81 7.83 -32.69
N GLN A 65 49.84 6.49 -32.44
CA GLN A 65 50.95 5.63 -32.79
C GLN A 65 51.14 5.51 -34.29
N GLU A 66 50.04 5.31 -35.04
CA GLU A 66 50.03 5.20 -36.48
C GLU A 66 50.50 6.48 -37.15
N ALA A 67 50.16 7.62 -36.56
CA ALA A 67 50.57 8.90 -37.10
C ALA A 67 52.08 8.98 -37.15
N LYS A 68 52.73 8.32 -36.19
CA LYS A 68 54.18 8.29 -36.12
C LYS A 68 54.75 7.53 -37.30
N LYS A 69 54.19 6.35 -37.56
CA LYS A 69 54.63 5.52 -38.67
C LYS A 69 54.69 6.35 -39.95
N TRP A 70 53.67 7.19 -40.13
CA TRP A 70 53.60 8.05 -41.30
C TRP A 70 54.60 9.18 -41.28
N GLU A 71 54.76 9.87 -40.12
CA GLU A 71 55.66 11.00 -39.95
C GLU A 71 57.11 10.64 -40.21
N ASP A 72 57.57 9.48 -39.66
CA ASP A 72 58.92 8.97 -39.82
C ASP A 72 59.20 8.55 -41.26
N ARG A 73 58.20 7.94 -41.96
CA ARG A 73 58.27 7.59 -43.36
C ARG A 73 58.47 8.78 -44.28
N ALA A 74 57.89 9.96 -43.97
CA ALA A 74 58.07 11.19 -44.71
C ALA A 74 59.53 11.63 -44.76
N LYS A 75 60.29 11.46 -43.64
CA LYS A 75 61.72 11.72 -43.54
C LYS A 75 62.49 10.86 -44.53
N LEU A 76 62.15 9.55 -44.59
CA LEU A 76 62.73 8.56 -45.48
C LEU A 76 62.47 8.87 -46.93
N ALA A 77 61.24 9.25 -47.31
CA ALA A 77 60.84 9.56 -48.67
C ALA A 77 61.63 10.72 -49.26
N LEU A 78 61.83 11.82 -48.48
CA LEU A 78 62.66 12.94 -48.86
C LEU A 78 64.10 12.53 -49.09
N THR A 79 64.59 11.59 -48.26
CA THR A 79 65.95 11.07 -48.39
C THR A 79 66.10 10.21 -49.65
N ASN A 80 65.02 9.57 -50.06
CA ASN A 80 65.01 8.75 -51.25
C ASN A 80 64.99 9.58 -52.52
N GLY A 81 64.66 10.90 -52.43
CA GLY A 81 64.60 11.78 -53.57
C GLY A 81 63.26 11.78 -54.22
N GLU A 82 62.21 11.90 -53.41
CA GLU A 82 60.86 11.94 -53.93
C GLU A 82 59.91 12.91 -53.21
N GLU A 83 59.65 14.06 -53.84
CA GLU A 83 58.71 15.03 -53.33
C GLU A 83 57.31 14.45 -53.20
N ASN A 84 56.87 13.63 -54.20
CA ASN A 84 55.49 13.20 -54.35
C ASN A 84 54.98 12.32 -53.24
N LEU A 85 55.71 11.23 -52.89
CA LEU A 85 55.30 10.29 -51.87
C LEU A 85 55.60 10.88 -50.51
N ALA A 86 56.55 11.84 -50.42
CA ALA A 86 56.80 12.58 -49.19
C ALA A 86 55.58 13.37 -48.77
N ARG A 87 54.95 14.09 -49.72
CA ARG A 87 53.70 14.81 -49.54
C ARG A 87 52.54 13.93 -49.16
N GLU A 88 52.38 12.76 -49.85
CA GLU A 88 51.36 11.77 -49.55
C GLU A 88 51.52 11.23 -48.15
N ALA A 89 52.78 10.91 -47.73
CA ALA A 89 53.10 10.45 -46.40
C ALA A 89 52.72 11.47 -45.33
N LEU A 90 53.00 12.78 -45.59
CA LEU A 90 52.58 13.91 -44.79
C LEU A 90 51.07 14.04 -44.69
N ALA A 91 50.33 13.89 -45.81
CA ALA A 91 48.87 13.93 -45.87
C ALA A 91 48.21 12.83 -45.05
N ARG A 92 48.71 11.57 -45.18
CA ARG A 92 48.25 10.42 -44.42
C ARG A 92 48.50 10.62 -42.93
N LYS A 93 49.66 11.22 -42.55
CA LYS A 93 49.96 11.65 -41.19
C LYS A 93 48.95 12.64 -40.65
N LYS A 94 48.56 13.66 -41.48
CA LYS A 94 47.54 14.63 -41.14
C LYS A 94 46.19 14.02 -40.85
N SER A 95 45.72 13.05 -41.67
CA SER A 95 44.41 12.45 -41.53
C SER A 95 44.21 11.78 -40.17
N LEU A 96 45.22 10.98 -39.73
CA LEU A 96 45.25 10.36 -38.42
C LEU A 96 45.38 11.34 -37.30
N THR A 97 46.16 12.44 -37.48
CA THR A 97 46.31 13.50 -36.50
C THR A 97 44.99 14.18 -36.25
N ASP A 98 44.23 14.49 -37.33
CA ASP A 98 42.92 15.11 -37.29
C ASP A 98 41.90 14.22 -36.56
N THR A 99 41.86 12.89 -36.83
CA THR A 99 40.98 11.94 -36.14
C THR A 99 41.28 11.83 -34.68
N ALA A 100 42.59 11.75 -34.32
CA ALA A 100 43.07 11.70 -32.94
C ALA A 100 42.66 12.94 -32.17
N ALA A 101 42.74 14.10 -32.81
CA ALA A 101 42.35 15.36 -32.20
C ALA A 101 40.86 15.29 -31.82
N ALA A 102 40.04 14.91 -32.78
CA ALA A 102 38.60 14.75 -32.57
C ALA A 102 38.28 13.78 -31.46
N TYR A 103 38.97 12.61 -31.41
CA TYR A 103 38.80 11.61 -30.38
C TYR A 103 39.15 12.06 -28.97
N GLN A 104 40.25 12.78 -28.80
CA GLN A 104 40.68 13.27 -27.48
C GLN A 104 39.60 14.16 -26.87
N THR A 105 39.05 15.04 -27.71
CA THR A 105 37.98 15.95 -27.30
C THR A 105 36.75 15.13 -26.88
N GLN A 106 36.36 14.18 -27.72
CA GLN A 106 35.24 13.29 -27.46
C GLN A 106 35.40 12.50 -26.17
N LEU A 107 36.64 12.05 -25.86
CA LEU A 107 37.00 11.34 -24.65
C LEU A 107 36.72 12.16 -23.40
N ALA A 108 37.00 13.49 -23.44
CA ALA A 108 36.65 14.41 -22.36
C ALA A 108 35.16 14.45 -22.11
N GLN A 109 34.33 14.47 -23.19
CA GLN A 109 32.87 14.34 -23.11
C GLN A 109 32.44 13.02 -22.49
N GLN A 110 33.06 11.88 -22.90
CA GLN A 110 32.79 10.56 -22.36
C GLN A 110 33.07 10.41 -20.90
N ARG A 111 34.24 10.88 -20.42
CA ARG A 111 34.63 10.84 -19.02
C ARG A 111 33.74 11.65 -18.12
N THR A 112 33.37 12.90 -18.52
CA THR A 112 32.50 13.75 -17.74
C THR A 112 31.12 13.15 -17.52
N MET A 113 30.51 12.56 -18.58
CA MET A 113 29.27 11.80 -18.46
C MET A 113 29.40 10.60 -17.54
N SER A 114 30.52 9.84 -17.69
CA SER A 114 30.81 8.66 -16.90
C SER A 114 30.94 8.94 -15.42
N GLU A 115 31.65 10.04 -15.03
CA GLU A 115 31.84 10.45 -13.67
C GLU A 115 30.55 10.75 -12.95
N ASN A 116 29.63 11.51 -13.60
CA ASN A 116 28.33 11.84 -13.05
C ASN A 116 27.48 10.61 -12.81
N LEU A 117 27.48 9.66 -13.77
CA LEU A 117 26.84 8.35 -13.62
C LEU A 117 27.44 7.55 -12.46
N ARG A 118 28.80 7.50 -12.35
CA ARG A 118 29.51 6.79 -11.30
C ARG A 118 29.16 7.28 -9.90
N ARG A 119 29.12 8.63 -9.69
CA ARG A 119 28.73 9.25 -8.45
C ARG A 119 27.32 8.97 -8.03
N ASN A 120 26.35 9.04 -8.98
CA ASN A 120 24.96 9.10 -8.60
C ASN A 120 24.39 7.69 -8.56
N LEU A 121 25.05 6.72 -9.23
CA LEU A 121 24.82 5.29 -9.07
C LEU A 121 25.17 4.84 -7.66
N ALA A 122 26.29 5.34 -7.09
CA ALA A 122 26.76 5.03 -5.74
C ALA A 122 25.74 5.42 -4.70
N ALA A 123 25.06 6.57 -4.90
CA ALA A 123 23.94 7.01 -4.09
C ALA A 123 22.78 6.03 -4.09
N LEU A 124 22.41 5.45 -5.26
CA LEU A 124 21.37 4.45 -5.37
C LEU A 124 21.65 3.20 -4.58
N GLU A 125 22.91 2.68 -4.63
CA GLU A 125 23.36 1.53 -3.89
C GLU A 125 23.26 1.73 -2.40
N ALA A 126 23.63 2.93 -1.91
CA ALA A 126 23.47 3.36 -0.54
C ALA A 126 22.02 3.36 -0.09
N LYS A 127 21.07 3.85 -0.93
CA LYS A 127 19.64 3.84 -0.65
C LYS A 127 19.08 2.44 -0.56
N ILE A 128 19.51 1.52 -1.45
CA ILE A 128 19.14 0.11 -1.43
C ILE A 128 19.67 -0.58 -0.18
N SER A 129 20.91 -0.27 0.25
CA SER A 129 21.48 -0.75 1.50
C SER A 129 20.68 -0.30 2.71
N GLU A 130 20.27 1.00 2.74
CA GLU A 130 19.40 1.58 3.74
C GLU A 130 18.06 0.90 3.79
N ALA A 131 17.44 0.65 2.61
CA ALA A 131 16.17 -0.03 2.47
C ALA A 131 16.22 -1.46 3.00
N LYS A 132 17.28 -2.24 2.67
CA LYS A 132 17.48 -3.61 3.13
C LYS A 132 17.64 -3.66 4.65
N THR A 133 18.46 -2.74 5.25
CA THR A 133 18.64 -2.64 6.69
C THR A 133 17.37 -2.25 7.44
N LYS A 134 16.63 -1.24 6.94
CA LYS A 134 15.35 -0.76 7.44
C LYS A 134 14.31 -1.86 7.41
N LYS A 135 14.27 -2.63 6.30
CA LYS A 135 13.35 -3.72 6.08
C LYS A 135 13.44 -4.81 7.14
N ASN A 136 14.66 -5.23 7.52
CA ASN A 136 14.87 -6.25 8.54
C ASN A 136 14.33 -5.83 9.90
N MET A 137 14.56 -4.56 10.32
CA MET A 137 14.00 -4.03 11.55
C MET A 137 12.49 -3.91 11.53
N LEU A 138 11.87 -3.46 10.41
CA LEU A 138 10.42 -3.41 10.25
C LEU A 138 9.80 -4.77 10.31
N GLN A 139 10.42 -5.80 9.66
CA GLN A 139 10.02 -7.18 9.74
C GLN A 139 10.05 -7.73 11.16
N ALA A 140 11.14 -7.47 11.92
CA ALA A 140 11.27 -7.87 13.33
C ALA A 140 10.23 -7.22 14.21
N ARG A 141 10.00 -5.90 14.04
CA ARG A 141 9.04 -5.10 14.77
C ARG A 141 7.61 -5.54 14.51
N ALA A 142 7.26 -5.88 13.25
CA ALA A 142 5.95 -6.39 12.86
C ALA A 142 5.60 -7.70 13.54
N LYS A 143 6.57 -8.66 13.62
CA LYS A 143 6.43 -9.91 14.34
C LYS A 143 6.22 -9.69 15.82
N ALA A 144 7.00 -8.76 16.43
CA ALA A 144 6.90 -8.37 17.82
C ALA A 144 5.54 -7.76 18.16
N ALA A 145 5.00 -6.90 17.26
CA ALA A 145 3.72 -6.24 17.41
C ALA A 145 2.58 -7.24 17.54
N LYS A 146 2.59 -8.32 16.71
CA LYS A 146 1.65 -9.42 16.79
C LYS A 146 1.73 -10.16 18.09
N ALA A 147 2.96 -10.53 18.55
CA ALA A 147 3.19 -11.27 19.78
C ALA A 147 2.67 -10.53 20.98
N ASN A 148 2.89 -9.19 21.05
CA ASN A 148 2.33 -8.33 22.08
C ASN A 148 0.82 -8.33 22.06
N ALA A 149 0.18 -8.23 20.88
CA ALA A 149 -1.27 -8.25 20.72
C ALA A 149 -1.87 -9.57 21.18
N GLU A 150 -1.25 -10.72 20.79
CA GLU A 150 -1.63 -12.06 21.21
C GLU A 150 -1.54 -12.19 22.71
N LEU A 151 -0.41 -11.76 23.33
CA LEU A 151 -0.14 -11.82 24.74
C LEU A 151 -1.11 -11.03 25.58
N GLN A 152 -1.41 -9.75 25.21
CA GLN A 152 -2.34 -8.88 25.92
C GLN A 152 -3.75 -9.44 25.92
N GLN A 153 -4.24 -9.94 24.77
CA GLN A 153 -5.53 -10.58 24.64
C GLN A 153 -5.66 -11.84 25.47
N THR A 154 -4.61 -12.73 25.46
CA THR A 154 -4.59 -13.99 26.18
C THR A 154 -4.66 -13.80 27.68
N LEU A 155 -3.91 -12.82 28.23
CA LEU A 155 -3.95 -12.46 29.63
C LEU A 155 -5.29 -11.92 30.10
N GLY A 156 -5.95 -11.06 29.28
CA GLY A 156 -7.18 -10.38 29.65
C GLY A 156 -8.43 -11.23 29.61
N GLY A 157 -9.49 -10.75 30.32
CA GLY A 157 -10.85 -11.23 30.30
C GLY A 157 -11.57 -10.42 29.26
N LEU A 158 -11.18 -10.59 27.98
CA LEU A 158 -11.61 -9.73 26.90
C LEU A 158 -12.48 -10.56 25.98
N GLY A 159 -13.79 -10.20 25.92
CA GLY A 159 -14.82 -10.81 25.12
C GLY A 159 -15.40 -12.06 25.77
N THR A 160 -16.54 -12.53 25.18
CA THR A 160 -17.33 -13.69 25.54
C THR A 160 -16.66 -14.96 25.03
N SER A 161 -15.73 -14.80 24.08
CA SER A 161 -15.15 -15.88 23.31
C SER A 161 -13.78 -16.28 23.82
N SER A 162 -13.36 -15.82 25.02
CA SER A 162 -12.02 -16.06 25.53
C SER A 162 -12.02 -17.36 26.31
N ALA A 163 -10.83 -18.02 26.39
CA ALA A 163 -10.54 -19.13 27.29
C ALA A 163 -10.65 -18.68 28.75
N THR A 164 -10.18 -17.46 29.09
CA THR A 164 -10.21 -16.89 30.44
C THR A 164 -11.63 -16.75 30.96
N SER A 165 -12.57 -16.23 30.12
CA SER A 165 -13.93 -15.97 30.57
C SER A 165 -14.80 -17.18 30.35
N ALA A 166 -14.27 -18.25 29.71
CA ALA A 166 -14.84 -19.57 29.84
C ALA A 166 -14.62 -20.11 31.24
N PHE A 167 -13.37 -19.96 31.77
CA PHE A 167 -12.91 -20.43 33.07
C PHE A 167 -13.73 -19.80 34.19
N GLU A 168 -14.00 -18.45 34.12
CA GLU A 168 -14.92 -17.69 34.96
C GLU A 168 -16.19 -18.42 35.31
N ARG A 169 -17.02 -18.69 34.27
CA ARG A 169 -18.30 -19.35 34.40
C ARG A 169 -18.21 -20.74 34.96
N MET A 170 -17.21 -21.56 34.52
CA MET A 170 -17.04 -22.91 34.98
C MET A 170 -16.75 -23.02 36.46
N GLU A 171 -15.84 -22.17 37.00
CA GLU A 171 -15.52 -22.14 38.41
C GLU A 171 -16.72 -21.79 39.25
N ASN A 172 -17.51 -20.77 38.82
CA ASN A 172 -18.74 -20.38 39.47
C ASN A 172 -19.76 -21.49 39.49
N LYS A 173 -19.94 -22.24 38.36
CA LYS A 173 -20.81 -23.40 38.28
C LYS A 173 -20.47 -24.48 39.28
N VAL A 174 -19.15 -24.81 39.47
CA VAL A 174 -18.68 -25.75 40.48
C VAL A 174 -19.02 -25.29 41.88
N LEU A 175 -18.75 -24.01 42.22
CA LEU A 175 -19.00 -23.43 43.53
C LEU A 175 -20.47 -23.43 43.89
N ASP A 176 -21.38 -23.15 42.91
CA ASP A 176 -22.83 -23.21 43.06
C ASP A 176 -23.28 -24.61 43.46
N MET A 177 -22.71 -25.67 42.82
CA MET A 177 -22.97 -27.07 43.13
C MET A 177 -22.55 -27.46 44.53
N GLU A 178 -21.34 -27.03 44.99
CA GLU A 178 -20.83 -27.30 46.32
C GLU A 178 -21.73 -26.73 47.40
N ALA A 179 -22.15 -25.47 47.21
CA ALA A 179 -23.06 -24.76 48.08
C ALA A 179 -24.43 -25.42 48.15
N THR A 180 -24.97 -25.89 47.00
CA THR A 180 -26.24 -26.60 46.91
C THR A 180 -26.24 -27.90 47.70
N SER A 181 -25.18 -28.73 47.56
CA SER A 181 -25.03 -30.01 48.22
C SER A 181 -25.01 -29.90 49.73
N GLN A 182 -24.29 -28.87 50.27
CA GLN A 182 -24.24 -28.57 51.69
C GLN A 182 -25.61 -28.26 52.28
N ALA A 183 -26.38 -27.37 51.60
CA ALA A 183 -27.69 -26.93 51.99
C ALA A 183 -28.71 -28.03 52.04
N ALA A 184 -28.66 -28.99 51.08
CA ALA A 184 -29.50 -30.16 51.05
C ALA A 184 -29.33 -31.01 52.30
N GLY A 185 -28.07 -31.17 52.78
CA GLY A 185 -27.73 -31.82 54.04
C GLY A 185 -28.27 -31.10 55.24
N GLU A 186 -28.18 -29.73 55.28
CA GLU A 186 -28.68 -28.91 56.37
C GLU A 186 -30.16 -29.12 56.63
N LEU A 187 -30.97 -29.14 55.54
CA LEU A 187 -32.41 -29.30 55.59
C LEU A 187 -32.82 -30.72 55.88
N ALA A 188 -32.01 -31.72 55.45
CA ALA A 188 -32.18 -33.13 55.79
C ALA A 188 -32.08 -33.37 57.27
N GLY A 189 -31.08 -32.73 57.92
CA GLY A 189 -30.74 -32.90 59.32
C GLY A 189 -29.43 -33.61 59.35
N PHE A 190 -28.59 -33.29 60.37
CA PHE A 190 -27.29 -33.87 60.56
C PHE A 190 -27.38 -34.62 61.88
N GLY A 191 -27.18 -35.97 61.85
CA GLY A 191 -27.34 -36.82 63.03
C GLY A 191 -26.19 -37.74 63.29
N ILE A 192 -25.23 -37.84 62.34
CA ILE A 192 -24.06 -38.70 62.45
C ILE A 192 -23.11 -38.08 63.45
N GLU A 193 -23.09 -36.72 63.49
CA GLU A 193 -22.29 -35.90 64.36
C GLU A 193 -22.60 -36.19 65.82
N ASN A 194 -23.91 -36.32 66.16
CA ASN A 194 -24.40 -36.68 67.48
C ASN A 194 -23.92 -38.07 67.88
N GLN A 195 -24.04 -39.06 66.96
CA GLN A 195 -23.57 -40.43 67.14
C GLN A 195 -22.07 -40.53 67.36
N PHE A 196 -21.27 -39.75 66.60
CA PHE A 196 -19.82 -39.72 66.67
C PHE A 196 -19.33 -39.32 68.05
N ALA A 197 -19.96 -38.29 68.67
CA ALA A 197 -19.68 -37.86 70.02
C ALA A 197 -19.91 -38.97 71.04
N GLN A 198 -21.01 -39.75 70.88
CA GLN A 198 -21.32 -40.90 71.70
C GLN A 198 -20.24 -41.95 71.57
N LEU A 199 -19.76 -42.23 70.33
CA LEU A 199 -18.75 -43.24 70.03
C LEU A 199 -17.42 -42.99 70.70
N GLU A 200 -16.89 -41.74 70.64
CA GLU A 200 -15.66 -41.34 71.31
C GLU A 200 -15.74 -41.51 72.80
N ALA A 201 -16.87 -41.08 73.38
CA ALA A 201 -17.12 -41.21 74.82
C ALA A 201 -17.15 -42.69 75.19
N SER A 202 -17.85 -43.49 74.37
CA SER A 202 -17.93 -44.93 74.57
C SER A 202 -16.59 -45.63 74.61
N SER A 203 -15.66 -45.27 73.69
CA SER A 203 -14.32 -45.83 73.59
C SER A 203 -13.52 -45.58 74.83
N GLY A 204 -13.56 -44.35 75.40
CA GLY A 204 -12.79 -43.94 76.57
C GLY A 204 -12.87 -44.86 77.75
N VAL A 205 -14.10 -45.32 78.10
CA VAL A 205 -14.36 -46.25 79.17
C VAL A 205 -13.71 -47.60 78.90
N GLU A 206 -13.80 -48.08 77.63
CA GLU A 206 -13.22 -49.32 77.16
C GLU A 206 -11.70 -49.26 77.13
N ASP A 207 -11.11 -48.06 76.83
CA ASP A 207 -9.68 -47.79 76.86
C ASP A 207 -9.14 -48.03 78.26
N GLU A 208 -9.81 -47.48 79.31
CA GLU A 208 -9.50 -47.65 80.73
C GLU A 208 -9.59 -49.10 81.18
N LEU A 209 -10.68 -49.79 80.79
CA LEU A 209 -10.91 -51.19 81.08
C LEU A 209 -9.87 -52.09 80.47
N ALA A 210 -9.47 -51.83 79.20
CA ALA A 210 -8.42 -52.53 78.50
C ALA A 210 -7.07 -52.39 79.19
N ALA A 211 -6.72 -51.16 79.65
CA ALA A 211 -5.51 -50.87 80.41
C ALA A 211 -5.45 -51.62 81.72
N LEU A 212 -6.56 -51.63 82.48
CA LEU A 212 -6.72 -52.32 83.76
C LEU A 212 -6.48 -53.80 83.61
N LYS A 213 -7.10 -54.44 82.58
CA LYS A 213 -6.97 -55.84 82.27
C LYS A 213 -5.58 -56.25 81.84
N ALA A 214 -4.86 -55.36 81.11
CA ALA A 214 -3.46 -55.55 80.78
C ALA A 214 -2.56 -55.54 81.99
N SER A 215 -2.74 -54.58 82.93
CA SER A 215 -2.00 -54.48 84.18
C SER A 215 -2.21 -55.62 85.14
N ALA B 1 -58.57 39.85 -22.38
CA ALA B 1 -57.66 39.56 -21.28
C ALA B 1 -57.88 38.15 -20.74
N LEU B 2 -58.79 37.41 -21.36
CA LEU B 2 -59.10 36.06 -20.95
C LEU B 2 -57.94 35.10 -21.07
N PHE B 3 -57.27 35.09 -22.24
CA PHE B 3 -56.14 34.24 -22.57
C PHE B 3 -54.98 34.59 -21.70
N ASP B 4 -54.79 35.91 -21.53
CA ASP B 4 -53.76 36.53 -20.73
C ASP B 4 -53.87 36.14 -19.27
N ARG B 5 -55.09 36.17 -18.66
CA ARG B 5 -55.32 35.68 -17.30
C ARG B 5 -55.03 34.20 -17.15
N LEU B 6 -55.57 33.36 -18.06
CA LEU B 6 -55.44 31.92 -18.01
C LEU B 6 -54.00 31.46 -18.08
N GLY B 7 -53.20 32.07 -19.00
CA GLY B 7 -51.79 31.76 -19.18
C GLY B 7 -50.95 32.09 -17.99
N ARG B 8 -51.34 33.13 -17.20
CA ARG B 8 -50.61 33.53 -16.02
C ARG B 8 -50.95 32.62 -14.85
N VAL B 9 -52.22 32.13 -14.76
CA VAL B 9 -52.67 31.13 -13.79
C VAL B 9 -51.94 29.81 -13.95
N VAL B 10 -51.79 29.32 -15.20
CA VAL B 10 -51.10 28.08 -15.52
C VAL B 10 -49.65 28.14 -15.06
N ARG B 11 -48.94 29.27 -15.31
CA ARG B 11 -47.59 29.51 -14.85
C ARG B 11 -47.43 29.49 -13.35
N ALA B 12 -48.38 30.12 -12.61
CA ALA B 12 -48.41 30.18 -11.17
C ALA B 12 -48.49 28.83 -10.51
N ASN B 13 -49.39 27.94 -11.00
CA ASN B 13 -49.56 26.60 -10.49
C ASN B 13 -48.33 25.75 -10.73
N LEU B 14 -47.69 25.89 -11.92
CA LEU B 14 -46.40 25.28 -12.26
C LEU B 14 -45.29 25.76 -11.34
N ASN B 15 -45.28 27.07 -10.98
CA ASN B 15 -44.32 27.68 -10.07
C ASN B 15 -44.37 27.05 -8.70
N ASP B 16 -45.59 26.78 -8.15
CA ASP B 16 -45.77 26.05 -6.91
C ASP B 16 -45.20 24.64 -7.00
N LEU B 17 -45.50 23.90 -8.10
CA LEU B 17 -45.03 22.53 -8.31
C LEU B 17 -43.53 22.42 -8.34
N VAL B 18 -42.81 23.35 -9.05
CA VAL B 18 -41.36 23.33 -9.12
C VAL B 18 -40.74 23.84 -7.83
N SER B 19 -41.46 24.70 -7.06
CA SER B 19 -40.97 25.22 -5.78
C SER B 19 -41.09 24.18 -4.69
N LYS B 20 -41.97 23.16 -4.83
CA LYS B 20 -41.97 21.98 -4.01
C LYS B 20 -40.71 21.15 -4.18
N ALA B 21 -40.20 21.08 -5.44
CA ALA B 21 -39.00 20.35 -5.79
C ALA B 21 -37.74 21.08 -5.37
N GLU B 22 -37.79 22.44 -5.20
CA GLU B 22 -36.69 23.21 -4.64
C GLU B 22 -36.65 22.91 -3.15
N ASP B 23 -35.62 22.12 -2.73
CA ASP B 23 -35.23 21.90 -1.34
C ASP B 23 -34.24 23.04 -1.12
N PRO B 24 -34.33 23.91 -0.12
CA PRO B 24 -33.60 25.18 -0.14
C PRO B 24 -32.13 24.98 0.08
N GLU B 25 -31.72 24.03 0.96
CA GLU B 25 -30.33 23.78 1.28
C GLU B 25 -29.48 23.32 0.12
N LYS B 26 -29.99 22.36 -0.69
CA LYS B 26 -29.19 21.69 -1.71
C LYS B 26 -29.14 22.53 -2.96
N VAL B 27 -30.26 23.19 -3.30
CA VAL B 27 -30.39 24.08 -4.44
C VAL B 27 -29.48 25.29 -4.30
N LEU B 28 -29.34 25.83 -3.05
CA LEU B 28 -28.46 26.92 -2.72
C LEU B 28 -27.00 26.60 -3.03
N GLU B 29 -26.53 25.40 -2.62
CA GLU B 29 -25.17 24.92 -2.86
C GLU B 29 -24.85 24.76 -4.32
N GLN B 30 -25.81 24.18 -5.10
CA GLN B 30 -25.69 23.96 -6.53
C GLN B 30 -25.51 25.25 -7.29
N ALA B 31 -26.26 26.33 -6.90
CA ALA B 31 -26.14 27.64 -7.50
C ALA B 31 -24.76 28.25 -7.35
N VAL B 32 -24.10 28.08 -6.17
CA VAL B 32 -22.71 28.49 -5.93
C VAL B 32 -21.74 27.76 -6.84
N ILE B 33 -21.96 26.44 -7.08
CA ILE B 33 -21.23 25.66 -8.04
C ILE B 33 -21.41 26.14 -9.46
N ASP B 34 -22.67 26.47 -9.88
CA ASP B 34 -23.00 26.96 -11.21
C ASP B 34 -22.21 28.22 -11.53
N MET B 35 -22.17 29.20 -10.57
CA MET B 35 -21.45 30.45 -10.69
C MET B 35 -19.98 30.25 -10.95
N GLN B 36 -19.37 29.28 -10.24
CA GLN B 36 -17.98 28.92 -10.37
C GLN B 36 -17.58 28.31 -11.69
N GLU B 37 -18.40 27.39 -12.26
CA GLU B 37 -18.18 26.83 -13.58
C GLU B 37 -18.26 27.91 -14.67
N ASP B 38 -19.25 28.83 -14.58
CA ASP B 38 -19.42 30.00 -15.46
C ASP B 38 -18.23 30.93 -15.40
N LEU B 39 -17.68 31.21 -14.18
CA LEU B 39 -16.58 32.12 -13.93
C LEU B 39 -15.32 31.73 -14.67
N VAL B 40 -15.02 30.41 -14.74
CA VAL B 40 -13.91 29.87 -15.50
C VAL B 40 -14.03 30.19 -16.98
N GLN B 41 -15.25 30.04 -17.56
CA GLN B 41 -15.52 30.29 -18.97
C GLN B 41 -15.26 31.74 -19.32
N LEU B 42 -15.75 32.66 -18.47
CA LEU B 42 -15.58 34.10 -18.59
C LEU B 42 -14.14 34.54 -18.52
N ARG B 43 -13.34 34.01 -17.56
CA ARG B 43 -11.94 34.34 -17.40
C ARG B 43 -11.16 33.98 -18.66
N GLN B 44 -11.45 32.78 -19.24
CA GLN B 44 -10.79 32.33 -20.44
C GLN B 44 -11.25 33.07 -21.69
N ALA B 45 -12.50 33.61 -21.72
CA ALA B 45 -12.96 34.52 -22.76
C ALA B 45 -12.17 35.81 -22.78
N VAL B 46 -11.95 36.43 -21.59
CA VAL B 46 -11.14 37.62 -21.39
C VAL B 46 -9.71 37.38 -21.81
N ALA B 47 -9.12 36.20 -21.44
CA ALA B 47 -7.75 35.82 -21.75
C ALA B 47 -7.47 35.81 -23.24
N ARG B 48 -8.44 35.34 -24.05
CA ARG B 48 -8.35 35.29 -25.50
C ARG B 48 -8.48 36.66 -26.14
N THR B 49 -8.99 37.69 -25.39
CA THR B 49 -9.14 39.04 -25.88
C THR B 49 -7.88 39.82 -25.56
N ILE B 50 -7.32 39.64 -24.33
CA ILE B 50 -6.05 40.19 -23.88
C ILE B 50 -4.92 39.66 -24.74
N ALA B 51 -5.04 38.41 -25.24
CA ALA B 51 -4.13 37.80 -26.17
C ALA B 51 -3.97 38.63 -27.44
N GLU B 52 -5.08 39.16 -27.99
CA GLU B 52 -5.06 40.00 -29.18
C GLU B 52 -4.47 41.36 -28.91
N GLU B 53 -4.50 41.88 -27.65
CA GLU B 53 -3.79 43.08 -27.25
C GLU B 53 -2.29 42.88 -27.50
N LYS B 54 -1.72 41.76 -27.02
CA LYS B 54 -0.31 41.42 -27.17
C LYS B 54 0.02 41.13 -28.62
N ARG B 55 -0.91 40.48 -29.38
CA ARG B 55 -0.76 40.25 -30.81
C ARG B 55 -0.69 41.53 -31.63
N THR B 56 -1.49 42.54 -31.26
CA THR B 56 -1.46 43.81 -31.95
C THR B 56 -0.04 44.36 -31.81
N GLU B 57 0.45 44.43 -30.58
CA GLU B 57 1.79 44.91 -30.31
C GLU B 57 2.82 44.29 -31.23
N GLN B 58 2.74 42.95 -31.48
CA GLN B 58 3.62 42.26 -32.39
C GLN B 58 3.47 42.73 -33.82
N ARG B 59 2.23 42.93 -34.30
CA ARG B 59 1.91 43.43 -35.64
C ARG B 59 2.51 44.81 -35.84
N LEU B 60 2.38 45.70 -34.81
CA LEU B 60 2.98 47.02 -34.75
C LEU B 60 4.48 46.94 -34.82
N ASN B 61 5.07 45.97 -34.13
CA ASN B 61 6.52 45.78 -34.14
C ASN B 61 7.03 45.40 -35.54
N GLN B 62 6.41 44.40 -36.15
CA GLN B 62 6.75 43.94 -37.50
C GLN B 62 7.01 45.06 -38.48
N ASP B 63 5.95 45.84 -38.80
CA ASP B 63 5.93 46.93 -39.75
C ASP B 63 6.91 48.01 -39.36
N THR B 64 7.02 48.36 -38.05
CA THR B 64 7.96 49.35 -37.57
C THR B 64 9.41 48.98 -37.86
N GLN B 65 9.75 47.70 -37.68
CA GLN B 65 11.11 47.23 -37.93
C GLN B 65 11.46 47.30 -39.41
N GLU B 66 10.60 46.71 -40.25
CA GLU B 66 10.82 46.70 -41.68
C GLU B 66 10.88 48.12 -42.24
N ALA B 67 9.95 48.96 -41.83
CA ALA B 67 9.90 50.34 -42.28
C ALA B 67 11.28 50.99 -42.22
N LYS B 68 12.18 50.38 -41.47
CA LYS B 68 13.53 50.88 -41.32
C LYS B 68 14.53 50.09 -42.13
N LYS B 69 14.19 48.83 -42.36
CA LYS B 69 14.99 47.96 -43.21
C LYS B 69 14.90 48.66 -44.56
N TRP B 70 13.67 48.84 -45.06
CA TRP B 70 13.49 49.56 -46.31
C TRP B 70 14.34 50.80 -46.42
N GLU B 71 14.40 51.62 -45.35
CA GLU B 71 15.12 52.88 -45.38
C GLU B 71 16.62 52.78 -45.54
N ASP B 72 17.24 51.78 -44.93
CA ASP B 72 18.67 51.57 -45.10
C ASP B 72 18.92 51.26 -46.58
N ARG B 73 18.20 50.26 -47.10
CA ARG B 73 18.31 49.86 -48.51
C ARG B 73 18.32 51.07 -49.42
N ALA B 74 17.40 52.04 -49.15
CA ALA B 74 17.32 53.31 -49.84
C ALA B 74 18.53 54.18 -49.69
N LYS B 75 19.09 54.31 -48.45
CA LYS B 75 20.30 55.07 -48.16
C LYS B 75 21.50 54.53 -48.90
N LEU B 76 21.65 53.18 -48.95
CA LEU B 76 22.66 52.49 -49.74
C LEU B 76 22.46 52.76 -51.22
N ALA B 77 21.20 52.74 -51.72
CA ALA B 77 20.84 52.93 -53.10
C ALA B 77 21.19 54.32 -53.61
N LEU B 78 21.02 55.37 -52.78
CA LEU B 78 21.41 56.74 -53.11
C LEU B 78 22.90 56.82 -53.31
N THR B 79 23.67 56.16 -52.43
CA THR B 79 25.13 56.12 -52.53
C THR B 79 25.56 55.37 -53.79
N ASN B 80 24.96 54.20 -54.01
CA ASN B 80 25.22 53.37 -55.18
C ASN B 80 24.96 54.11 -56.48
N GLY B 81 23.84 54.88 -56.56
CA GLY B 81 23.45 55.64 -57.73
C GLY B 81 22.01 55.38 -58.01
N GLU B 82 21.36 56.39 -58.58
CA GLU B 82 19.95 56.33 -58.95
C GLU B 82 19.03 56.69 -57.78
N GLU B 83 18.40 57.87 -57.84
CA GLU B 83 17.50 58.27 -56.80
C GLU B 83 16.14 57.64 -57.01
N ASN B 84 15.78 57.22 -58.26
CA ASN B 84 14.54 56.52 -58.55
C ASN B 84 14.50 55.17 -57.87
N LEU B 85 15.64 54.43 -57.87
CA LEU B 85 15.82 53.16 -57.19
C LEU B 85 15.66 53.32 -55.70
N ALA B 86 16.28 54.38 -55.12
CA ALA B 86 16.16 54.75 -53.73
C ALA B 86 14.75 55.11 -53.31
N ARG B 87 14.08 55.90 -54.14
CA ARG B 87 12.72 56.36 -53.85
C ARG B 87 11.71 55.26 -53.56
N GLU B 88 11.59 54.32 -54.49
CA GLU B 88 10.62 53.23 -54.33
C GLU B 88 10.83 52.58 -52.99
N ALA B 89 12.10 52.34 -52.55
CA ALA B 89 12.42 51.80 -51.24
C ALA B 89 11.90 52.70 -50.13
N LEU B 90 12.02 54.03 -50.31
CA LEU B 90 11.40 55.03 -49.46
C LEU B 90 9.87 54.99 -49.48
N ALA B 91 9.21 54.80 -50.66
CA ALA B 91 7.77 54.60 -50.80
C ALA B 91 7.30 53.36 -50.08
N ARG B 92 8.07 52.25 -50.16
CA ARG B 92 7.87 51.02 -49.41
C ARG B 92 7.89 51.26 -47.91
N LYS B 93 8.86 52.05 -47.42
CA LYS B 93 8.94 52.50 -46.05
C LYS B 93 7.74 53.31 -45.64
N LYS B 94 7.29 54.25 -46.51
CA LYS B 94 6.17 55.13 -46.28
C LYS B 94 4.88 54.33 -46.12
N SER B 95 4.63 53.30 -46.99
CA SER B 95 3.47 52.44 -46.91
C SER B 95 3.38 51.61 -45.63
N LEU B 96 4.51 51.02 -45.14
CA LEU B 96 4.51 50.24 -43.91
C LEU B 96 4.43 51.15 -42.70
N THR B 97 4.82 52.44 -42.82
CA THR B 97 4.64 53.43 -41.77
C THR B 97 3.18 53.67 -41.47
N ASP B 98 2.33 53.75 -42.53
CA ASP B 98 0.89 53.93 -42.41
C ASP B 98 0.23 52.77 -41.67
N THR B 99 0.56 51.50 -42.02
CA THR B 99 0.00 50.30 -41.41
C THR B 99 0.35 50.18 -39.95
N ALA B 100 1.63 50.46 -39.59
CA ALA B 100 2.10 50.49 -38.23
C ALA B 100 1.36 51.51 -37.39
N ALA B 101 1.12 52.69 -37.97
CA ALA B 101 0.39 53.77 -37.30
C ALA B 101 -1.00 53.26 -36.95
N ALA B 102 -1.68 52.69 -37.93
CA ALA B 102 -2.99 52.11 -37.74
C ALA B 102 -3.03 51.08 -36.62
N TYR B 103 -2.01 50.18 -36.54
CA TYR B 103 -1.89 49.19 -35.48
C TYR B 103 -1.79 49.77 -34.08
N GLN B 104 -1.01 50.84 -33.91
CA GLN B 104 -0.86 51.51 -32.62
C GLN B 104 -2.19 52.18 -32.22
N THR B 105 -2.82 52.84 -33.20
CA THR B 105 -4.11 53.51 -32.98
C THR B 105 -5.08 52.48 -32.40
N GLN B 106 -5.23 51.37 -33.13
CA GLN B 106 -6.02 50.23 -32.71
C GLN B 106 -5.66 49.72 -31.33
N LEU B 107 -4.34 49.66 -30.99
CA LEU B 107 -3.81 49.20 -29.73
C LEU B 107 -4.32 50.04 -28.56
N ALA B 108 -4.50 51.38 -28.73
CA ALA B 108 -5.10 52.25 -27.74
C ALA B 108 -6.50 51.80 -27.36
N GLN B 109 -7.33 51.43 -28.35
CA GLN B 109 -8.65 50.86 -28.16
C GLN B 109 -8.60 49.53 -27.42
N GLN B 110 -7.65 48.63 -27.78
CA GLN B 110 -7.45 47.33 -27.14
C GLN B 110 -7.14 47.48 -25.67
N ARG B 111 -6.16 48.38 -25.32
CA ARG B 111 -5.72 48.63 -23.97
C ARG B 111 -6.85 49.15 -23.10
N THR B 112 -7.72 50.04 -23.66
CA THR B 112 -8.93 50.54 -23.02
C THR B 112 -9.93 49.45 -22.73
N MET B 113 -10.21 48.56 -23.73
CA MET B 113 -11.12 47.43 -23.59
C MET B 113 -10.68 46.40 -22.58
N SER B 114 -9.38 46.05 -22.56
CA SER B 114 -8.79 45.09 -21.66
C SER B 114 -8.96 45.49 -20.22
N GLU B 115 -8.78 46.80 -19.88
CA GLU B 115 -9.07 47.33 -18.55
C GLU B 115 -10.50 47.15 -18.12
N ASN B 116 -11.48 47.44 -19.02
CA ASN B 116 -12.89 47.25 -18.77
C ASN B 116 -13.20 45.80 -18.47
N LEU B 117 -12.66 44.86 -19.29
CA LEU B 117 -12.78 43.43 -19.08
C LEU B 117 -12.15 42.96 -17.79
N ARG B 118 -10.91 43.42 -17.48
CA ARG B 118 -10.14 43.06 -16.30
C ARG B 118 -10.87 43.43 -15.02
N ARG B 119 -11.41 44.68 -14.97
CA ARG B 119 -11.97 45.22 -13.75
C ARG B 119 -13.44 44.91 -13.56
N ASN B 120 -14.20 44.67 -14.66
CA ASN B 120 -15.58 44.20 -14.60
C ASN B 120 -15.64 42.76 -14.13
N LEU B 121 -14.69 41.90 -14.61
CA LEU B 121 -14.51 40.52 -14.20
C LEU B 121 -14.19 40.43 -12.72
N ALA B 122 -13.30 41.33 -12.22
CA ALA B 122 -12.93 41.42 -10.82
C ALA B 122 -14.12 41.70 -9.92
N ALA B 123 -15.02 42.63 -10.33
CA ALA B 123 -16.26 42.93 -9.64
C ALA B 123 -17.19 41.73 -9.57
N LEU B 124 -17.36 40.99 -10.70
CA LEU B 124 -18.14 39.77 -10.77
C LEU B 124 -17.60 38.67 -9.89
N GLU B 125 -16.26 38.46 -9.90
CA GLU B 125 -15.57 37.48 -9.09
C GLU B 125 -15.73 37.79 -7.62
N ALA B 126 -15.74 39.09 -7.23
CA ALA B 126 -16.07 39.53 -5.88
C ALA B 126 -17.47 39.13 -5.46
N LYS B 127 -18.46 39.34 -6.32
CA LYS B 127 -19.83 38.95 -6.01
C LYS B 127 -19.91 37.44 -5.79
N ILE B 128 -19.30 36.67 -6.70
CA ILE B 128 -19.30 35.22 -6.60
C ILE B 128 -18.65 34.88 -5.25
N SER B 129 -17.50 35.48 -4.97
CA SER B 129 -16.80 35.27 -3.72
C SER B 129 -17.65 35.52 -2.49
N GLU B 130 -18.50 36.59 -2.50
CA GLU B 130 -19.51 36.86 -1.49
C GLU B 130 -20.45 35.70 -1.34
N ALA B 131 -20.95 35.14 -2.49
CA ALA B 131 -21.89 34.04 -2.52
C ALA B 131 -21.36 32.81 -1.82
N LYS B 132 -20.05 32.49 -2.00
CA LYS B 132 -19.40 31.39 -1.31
C LYS B 132 -19.45 31.53 0.21
N THR B 133 -19.06 32.72 0.75
CA THR B 133 -19.09 33.05 2.16
C THR B 133 -20.51 33.11 2.71
N LYS B 134 -21.45 33.73 1.96
CA LYS B 134 -22.85 33.84 2.30
C LYS B 134 -23.52 32.51 2.45
N LYS B 135 -23.25 31.55 1.53
CA LYS B 135 -23.73 30.18 1.55
C LYS B 135 -23.29 29.49 2.83
N ASN B 136 -22.00 29.67 3.24
CA ASN B 136 -21.45 29.07 4.45
C ASN B 136 -22.19 29.47 5.71
N MET B 137 -22.50 30.79 5.89
CA MET B 137 -23.20 31.22 7.08
C MET B 137 -24.69 30.99 7.03
N LEU B 138 -25.30 31.07 5.82
CA LEU B 138 -26.71 30.81 5.59
C LEU B 138 -27.07 29.38 5.92
N GLN B 139 -26.17 28.42 5.56
CA GLN B 139 -26.25 27.02 5.91
C GLN B 139 -26.36 26.76 7.39
N ALA B 140 -25.57 27.48 8.23
CA ALA B 140 -25.62 27.37 9.68
C ALA B 140 -26.97 27.74 10.26
N ARG B 141 -27.60 28.83 9.80
CA ARG B 141 -28.87 29.29 10.32
C ARG B 141 -30.02 28.46 9.79
N ALA B 142 -29.90 27.88 8.57
CA ALA B 142 -30.88 26.99 7.98
C ALA B 142 -31.10 25.74 8.82
N LYS B 143 -30.00 25.17 9.39
CA LYS B 143 -30.06 24.10 10.38
C LYS B 143 -30.75 24.54 11.67
N ALA B 144 -30.36 25.72 12.20
CA ALA B 144 -30.80 26.25 13.47
C ALA B 144 -32.29 26.48 13.54
N ALA B 145 -32.88 27.05 12.45
CA ALA B 145 -34.28 27.39 12.37
C ALA B 145 -35.21 26.21 12.55
N LYS B 146 -34.85 25.08 11.94
CA LYS B 146 -35.66 23.87 12.04
C LYS B 146 -35.61 23.30 13.46
N ALA B 147 -34.45 23.39 14.09
CA ALA B 147 -34.27 22.89 15.45
C ALA B 147 -35.11 23.69 16.44
N ASN B 148 -35.09 25.01 16.31
CA ASN B 148 -35.85 25.88 17.19
C ASN B 148 -37.33 25.55 17.18
N ALA B 149 -37.84 25.16 16.01
CA ALA B 149 -39.25 24.82 15.86
C ALA B 149 -39.52 23.41 16.37
N GLU B 150 -38.55 22.53 16.20
CA GLU B 150 -38.67 21.14 16.65
C GLU B 150 -39.02 21.08 18.14
N LEU B 151 -38.16 21.67 18.96
CA LEU B 151 -38.36 21.68 20.40
C LEU B 151 -39.75 22.21 20.75
N GLN B 152 -40.14 23.30 20.10
CA GLN B 152 -41.43 23.91 20.33
C GLN B 152 -42.58 23.03 19.91
N GLN B 153 -42.48 22.33 18.75
CA GLN B 153 -43.48 21.39 18.28
C GLN B 153 -43.68 20.23 19.26
N THR B 154 -42.57 19.66 19.80
CA THR B 154 -42.60 18.59 20.79
C THR B 154 -43.19 19.04 22.12
N LEU B 155 -42.77 20.22 22.63
CA LEU B 155 -43.28 20.83 23.85
C LEU B 155 -44.73 21.20 23.84
N GLY B 156 -45.19 21.81 22.72
CA GLY B 156 -46.51 22.37 22.54
C GLY B 156 -47.61 21.34 22.66
N GLY B 157 -48.87 21.83 22.78
CA GLY B 157 -50.06 21.02 22.91
C GLY B 157 -50.72 20.86 21.58
N LEU B 158 -49.97 21.12 20.48
CA LEU B 158 -50.47 21.02 19.12
C LEU B 158 -50.90 19.59 18.84
N GLY B 159 -52.16 19.44 18.36
CA GLY B 159 -52.80 18.19 18.03
C GLY B 159 -53.04 17.23 19.17
N THR B 160 -53.68 16.07 18.84
CA THR B 160 -54.00 15.03 19.80
C THR B 160 -53.06 13.86 19.59
N SER B 161 -52.41 13.78 18.41
CA SER B 161 -51.48 12.76 18.00
C SER B 161 -50.20 12.73 18.80
N SER B 162 -49.63 13.94 19.09
CA SER B 162 -48.31 14.14 19.64
C SER B 162 -48.12 13.49 20.99
N ALA B 163 -46.87 13.08 21.33
CA ALA B 163 -46.56 12.25 22.49
C ALA B 163 -46.95 12.87 23.81
N THR B 164 -46.64 14.18 24.05
CA THR B 164 -47.01 14.94 25.24
C THR B 164 -48.52 15.00 25.38
N SER B 165 -49.23 15.36 24.28
CA SER B 165 -50.66 15.47 24.20
C SER B 165 -51.37 14.16 24.48
N ALA B 166 -50.82 13.06 23.91
CA ALA B 166 -51.30 11.71 24.08
C ALA B 166 -51.17 11.20 25.51
N PHE B 167 -49.99 11.42 26.15
CA PHE B 167 -49.64 10.97 27.48
C PHE B 167 -50.44 11.62 28.59
N GLU B 168 -50.54 12.97 28.64
CA GLU B 168 -51.08 13.67 29.80
C GLU B 168 -52.60 13.59 29.73
N ARG B 169 -53.16 13.38 28.51
CA ARG B 169 -54.53 12.95 28.27
C ARG B 169 -54.82 11.57 28.83
N MET B 170 -53.87 10.61 28.68
CA MET B 170 -53.93 9.25 29.19
C MET B 170 -53.97 9.23 30.70
N GLU B 171 -53.25 10.16 31.37
CA GLU B 171 -53.27 10.35 32.81
C GLU B 171 -54.66 10.66 33.33
N ASN B 172 -55.45 11.49 32.59
CA ASN B 172 -56.84 11.77 32.87
C ASN B 172 -57.67 10.49 32.83
N LYS B 173 -57.43 9.61 31.81
CA LYS B 173 -58.13 8.34 31.65
C LYS B 173 -57.92 7.42 32.83
N VAL B 174 -56.67 7.30 33.37
CA VAL B 174 -56.36 6.52 34.57
C VAL B 174 -57.05 7.06 35.81
N LEU B 175 -57.03 8.41 36.01
CA LEU B 175 -57.62 9.10 37.14
C LEU B 175 -59.12 8.89 37.23
N ASP B 176 -59.83 8.78 36.07
CA ASP B 176 -61.25 8.44 35.99
C ASP B 176 -61.55 7.13 36.68
N MET B 177 -60.70 6.08 36.46
CA MET B 177 -60.85 4.77 37.06
C MET B 177 -60.76 4.83 38.57
N GLU B 178 -59.77 5.59 39.11
CA GLU B 178 -59.54 5.77 40.53
C GLU B 178 -60.74 6.40 41.21
N ALA B 179 -61.27 7.49 40.60
CA ALA B 179 -62.44 8.20 41.06
C ALA B 179 -63.69 7.33 41.06
N THR B 180 -63.90 6.56 39.96
CA THR B 180 -65.04 5.68 39.77
C THR B 180 -65.12 4.60 40.84
N SER B 181 -64.00 3.91 41.12
CA SER B 181 -63.90 2.85 42.11
C SER B 181 -64.21 3.34 43.51
N GLN B 182 -63.63 4.51 43.91
CA GLN B 182 -63.86 5.10 45.21
C GLN B 182 -65.30 5.52 45.43
N ALA B 183 -65.93 6.18 44.42
CA ALA B 183 -67.30 6.63 44.44
C ALA B 183 -68.28 5.48 44.57
N ALA B 184 -68.02 4.36 43.84
CA ALA B 184 -68.76 3.12 43.94
C ALA B 184 -68.68 2.55 45.35
N GLY B 185 -67.47 2.60 45.97
CA GLY B 185 -67.20 2.25 47.35
C GLY B 185 -68.03 3.03 48.35
N GLU B 186 -68.15 4.37 48.18
CA GLU B 186 -68.94 5.25 49.04
C GLU B 186 -70.40 4.82 49.07
N LEU B 187 -70.99 4.54 47.88
CA LEU B 187 -72.34 4.04 47.74
C LEU B 187 -72.57 2.66 48.30
N ALA B 188 -71.60 1.73 48.11
CA ALA B 188 -71.62 0.38 48.63
C ALA B 188 -71.68 0.35 50.14
N GLY B 189 -70.93 1.25 50.80
CA GLY B 189 -70.78 1.31 52.23
C GLY B 189 -69.48 0.69 52.61
N PHE B 190 -68.94 1.10 53.78
CA PHE B 190 -67.69 0.62 54.30
C PHE B 190 -68.01 -0.03 55.63
N GLY B 191 -67.63 -1.32 55.77
CA GLY B 191 -67.91 -2.15 56.94
C GLY B 191 -66.74 -2.18 57.89
N ILE B 192 -65.59 -1.61 57.46
CA ILE B 192 -64.29 -1.80 58.05
C ILE B 192 -64.20 -1.37 59.50
N GLU B 193 -64.58 -0.12 59.83
CA GLU B 193 -64.28 0.44 61.12
C GLU B 193 -65.42 0.08 62.06
N ASN B 194 -66.56 -0.35 61.49
CA ASN B 194 -67.68 -0.94 62.18
C ASN B 194 -67.26 -2.24 62.84
N GLN B 195 -66.43 -3.06 62.13
CA GLN B 195 -65.76 -4.23 62.67
C GLN B 195 -64.71 -3.89 63.70
N PHE B 196 -63.92 -2.81 63.47
CA PHE B 196 -62.82 -2.37 64.32
C PHE B 196 -63.28 -2.08 65.75
N ALA B 197 -64.47 -1.44 65.91
CA ALA B 197 -65.05 -1.13 67.20
C ALA B 197 -65.27 -2.38 68.05
N GLN B 198 -65.71 -3.50 67.41
CA GLN B 198 -65.85 -4.79 68.04
C GLN B 198 -64.52 -5.35 68.49
N LEU B 199 -63.42 -5.14 67.72
CA LEU B 199 -62.06 -5.51 68.09
C LEU B 199 -61.58 -4.77 69.32
N GLU B 200 -61.84 -3.44 69.42
CA GLU B 200 -61.52 -2.61 70.56
C GLU B 200 -62.21 -3.09 71.81
N ALA B 201 -63.49 -3.47 71.68
CA ALA B 201 -64.26 -4.02 72.79
C ALA B 201 -63.69 -5.39 73.21
N SER B 202 -63.34 -6.22 72.23
CA SER B 202 -62.77 -7.52 72.47
C SER B 202 -61.50 -7.47 73.30
N SER B 203 -60.63 -6.46 73.05
CA SER B 203 -59.36 -6.26 73.74
C SER B 203 -59.50 -6.12 75.23
N GLY B 204 -60.50 -5.34 75.72
CA GLY B 204 -60.66 -5.02 77.12
C GLY B 204 -60.79 -6.20 78.04
N VAL B 205 -61.58 -7.22 77.63
CA VAL B 205 -61.77 -8.47 78.33
C VAL B 205 -60.49 -9.27 78.41
N GLU B 206 -59.68 -9.24 77.32
CA GLU B 206 -58.45 -9.99 77.21
C GLU B 206 -57.36 -9.29 78.02
N ASP B 207 -57.47 -7.96 78.20
CA ASP B 207 -56.70 -7.18 79.17
C ASP B 207 -57.02 -7.59 80.59
N GLU B 208 -58.33 -7.81 80.94
CA GLU B 208 -58.79 -8.35 82.22
C GLU B 208 -58.22 -9.72 82.47
N LEU B 209 -58.20 -10.58 81.43
CA LEU B 209 -57.63 -11.91 81.46
C LEU B 209 -56.14 -11.92 81.75
N ALA B 210 -55.37 -10.94 81.20
CA ALA B 210 -53.98 -10.71 81.55
C ALA B 210 -53.80 -10.31 83.01
N ALA B 211 -54.67 -9.41 83.55
CA ALA B 211 -54.68 -9.01 84.95
C ALA B 211 -54.98 -10.17 85.89
N LEU B 212 -55.96 -11.03 85.52
CA LEU B 212 -56.29 -12.26 86.22
C LEU B 212 -55.12 -13.21 86.25
N LYS B 213 -54.39 -13.36 85.12
CA LYS B 213 -53.17 -14.16 85.00
C LYS B 213 -52.06 -13.66 85.91
N ALA B 214 -51.86 -12.33 86.01
CA ALA B 214 -50.92 -11.70 86.92
C ALA B 214 -51.24 -11.96 88.37
N SER B 215 -52.55 -11.93 88.73
CA SER B 215 -53.04 -12.28 90.05
C SER B 215 -52.80 -13.74 90.40
N ALA C 1 -74.36 43.00 -34.62
CA ALA C 1 -74.31 43.01 -33.17
C ALA C 1 -74.93 41.75 -32.57
N LEU C 2 -75.75 41.06 -33.37
CA LEU C 2 -76.40 39.86 -32.94
C LEU C 2 -75.45 38.74 -32.54
N PHE C 3 -74.40 38.50 -33.37
CA PHE C 3 -73.41 37.45 -33.16
C PHE C 3 -72.65 37.69 -31.89
N ASP C 4 -72.26 38.96 -31.62
CA ASP C 4 -71.51 39.32 -30.44
C ASP C 4 -72.38 39.38 -29.20
N ARG C 5 -73.74 39.43 -29.30
CA ARG C 5 -74.61 39.19 -28.16
C ARG C 5 -74.46 37.77 -27.64
N LEU C 6 -74.49 36.78 -28.56
CA LEU C 6 -74.25 35.37 -28.29
C LEU C 6 -72.83 35.15 -27.81
N GLY C 7 -71.85 35.81 -28.48
CA GLY C 7 -70.44 35.80 -28.15
C GLY C 7 -70.16 36.25 -26.74
N ARG C 8 -70.84 37.33 -26.28
CA ARG C 8 -70.78 37.82 -24.93
C ARG C 8 -71.21 36.83 -23.87
N VAL C 9 -72.29 36.06 -24.12
CA VAL C 9 -72.77 35.00 -23.23
C VAL C 9 -71.76 33.90 -23.03
N VAL C 10 -71.14 33.39 -24.13
CA VAL C 10 -70.33 32.20 -24.10
C VAL C 10 -68.87 32.60 -23.86
N ARG C 11 -68.56 33.91 -23.70
CA ARG C 11 -67.29 34.33 -23.15
C ARG C 11 -67.42 34.73 -21.70
N ALA C 12 -68.67 34.95 -21.17
CA ALA C 12 -68.90 35.30 -19.78
C ALA C 12 -68.51 34.17 -18.84
N ASN C 13 -69.04 32.96 -19.11
CA ASN C 13 -68.85 31.76 -18.32
C ASN C 13 -67.41 31.32 -18.23
N LEU C 14 -66.67 31.40 -19.37
CA LEU C 14 -65.25 31.13 -19.46
C LEU C 14 -64.43 32.06 -18.59
N ASN C 15 -64.76 33.37 -18.56
CA ASN C 15 -64.07 34.35 -17.73
C ASN C 15 -64.18 34.04 -16.27
N ASP C 16 -65.42 33.70 -15.81
CA ASP C 16 -65.71 33.28 -14.45
C ASP C 16 -64.98 31.99 -14.08
N LEU C 17 -64.94 31.00 -15.00
CA LEU C 17 -64.25 29.73 -14.82
C LEU C 17 -62.77 29.93 -14.57
N VAL C 18 -62.11 30.81 -15.37
CA VAL C 18 -60.72 31.21 -15.21
C VAL C 18 -60.52 31.92 -13.87
N SER C 19 -61.48 32.79 -13.47
CA SER C 19 -61.48 33.54 -12.23
C SER C 19 -61.46 32.71 -10.97
N LYS C 20 -62.10 31.51 -10.97
CA LYS C 20 -62.16 30.67 -9.80
C LYS C 20 -61.04 29.65 -9.86
N ALA C 21 -60.21 29.66 -10.94
CA ALA C 21 -59.01 28.87 -11.04
C ALA C 21 -57.80 29.72 -10.74
N GLU C 22 -57.98 31.07 -10.58
CA GLU C 22 -56.96 31.97 -10.07
C GLU C 22 -56.65 31.57 -8.65
N ASP C 23 -55.35 31.36 -8.32
CA ASP C 23 -54.91 30.92 -7.02
C ASP C 23 -54.08 32.10 -6.52
N PRO C 24 -54.46 32.87 -5.50
CA PRO C 24 -54.05 34.27 -5.37
C PRO C 24 -52.60 34.44 -4.98
N GLU C 25 -52.12 33.74 -3.92
CA GLU C 25 -50.74 33.82 -3.46
C GLU C 25 -49.74 33.42 -4.53
N LYS C 26 -50.04 32.31 -5.28
CA LYS C 26 -49.23 31.77 -6.36
C LYS C 26 -49.10 32.73 -7.53
N VAL C 27 -50.24 33.33 -7.97
CA VAL C 27 -50.33 34.29 -9.05
C VAL C 27 -49.52 35.54 -8.74
N LEU C 28 -49.61 36.03 -7.47
CA LEU C 28 -48.88 37.17 -6.97
C LEU C 28 -47.38 36.98 -7.06
N GLU C 29 -46.86 35.76 -6.72
CA GLU C 29 -45.46 35.41 -6.81
C GLU C 29 -44.99 35.51 -8.25
N GLN C 30 -45.68 34.80 -9.18
CA GLN C 30 -45.23 34.56 -10.54
C GLN C 30 -45.41 35.78 -11.43
N ALA C 31 -46.34 36.70 -11.06
CA ALA C 31 -46.59 37.93 -11.78
C ALA C 31 -45.36 38.82 -11.84
N VAL C 32 -44.60 38.92 -10.72
CA VAL C 32 -43.36 39.66 -10.61
C VAL C 32 -42.27 39.03 -11.47
N ILE C 33 -42.23 37.68 -11.55
CA ILE C 33 -41.32 36.92 -12.39
C ILE C 33 -41.51 37.23 -13.86
N ASP C 34 -42.79 37.28 -14.31
CA ASP C 34 -43.19 37.68 -15.64
C ASP C 34 -42.77 39.10 -15.96
N MET C 35 -43.00 40.07 -15.03
CA MET C 35 -42.62 41.48 -15.20
C MET C 35 -41.14 41.64 -15.43
N GLN C 36 -40.32 40.86 -14.68
CA GLN C 36 -38.89 40.78 -14.86
C GLN C 36 -38.49 40.29 -16.23
N GLU C 37 -39.13 39.21 -16.75
CA GLU C 37 -38.87 38.70 -18.10
C GLU C 37 -39.26 39.71 -19.17
N ASP C 38 -40.41 40.41 -19.00
CA ASP C 38 -40.90 41.50 -19.84
C ASP C 38 -39.85 42.62 -19.89
N LEU C 39 -39.24 42.95 -18.71
CA LEU C 39 -38.17 43.92 -18.57
C LEU C 39 -36.93 43.59 -19.35
N VAL C 40 -36.47 42.30 -19.39
CA VAL C 40 -35.29 41.89 -20.14
C VAL C 40 -35.45 42.25 -21.60
N GLN C 41 -36.65 41.98 -22.17
CA GLN C 41 -36.99 42.31 -23.53
C GLN C 41 -36.95 43.80 -23.81
N LEU C 42 -37.55 44.62 -22.91
CA LEU C 42 -37.56 46.07 -22.99
C LEU C 42 -36.18 46.68 -22.89
N ARG C 43 -35.34 46.17 -21.95
CA ARG C 43 -33.97 46.61 -21.73
C ARG C 43 -33.12 46.38 -22.96
N GLN C 44 -33.25 45.19 -23.60
CA GLN C 44 -32.64 44.85 -24.87
C GLN C 44 -33.09 45.71 -26.02
N ALA C 45 -34.40 46.10 -26.07
CA ALA C 45 -34.93 46.99 -27.08
C ALA C 45 -34.27 48.36 -27.09
N VAL C 46 -34.18 49.01 -25.91
CA VAL C 46 -33.60 50.32 -25.72
C VAL C 46 -32.12 50.34 -26.06
N ALA C 47 -31.36 49.27 -25.69
CA ALA C 47 -29.95 49.14 -25.99
C ALA C 47 -29.68 49.18 -27.48
N ARG C 48 -30.51 48.47 -28.29
CA ARG C 48 -30.37 48.41 -29.74
C ARG C 48 -30.59 49.74 -30.43
N THR C 49 -31.55 50.58 -29.96
CA THR C 49 -31.72 51.95 -30.42
C THR C 49 -30.53 52.84 -30.11
N ILE C 50 -29.98 52.72 -28.88
CA ILE C 50 -28.83 53.48 -28.39
C ILE C 50 -27.58 53.14 -29.17
N ALA C 51 -27.45 51.88 -29.65
CA ALA C 51 -26.35 51.41 -30.46
C ALA C 51 -26.15 52.23 -31.73
N GLU C 52 -27.25 52.62 -32.41
CA GLU C 52 -27.18 53.39 -33.64
C GLU C 52 -26.76 54.84 -33.44
N GLU C 53 -26.79 55.40 -32.18
CA GLU C 53 -26.23 56.71 -31.86
C GLU C 53 -24.76 56.77 -32.26
N LYS C 54 -23.99 55.78 -31.75
CA LYS C 54 -22.56 55.63 -31.90
C LYS C 54 -22.24 55.38 -33.35
N ARG C 55 -23.10 54.57 -34.03
CA ARG C 55 -23.00 54.28 -35.44
C ARG C 55 -23.12 55.49 -36.34
N THR C 56 -24.09 56.42 -36.08
CA THR C 56 -24.19 57.70 -36.78
C THR C 56 -22.95 58.54 -36.60
N GLU C 57 -22.42 58.60 -35.37
CA GLU C 57 -21.19 59.29 -35.04
C GLU C 57 -19.97 58.76 -35.79
N GLN C 58 -19.83 57.41 -35.88
CA GLN C 58 -18.73 56.74 -36.57
C GLN C 58 -18.72 57.03 -38.07
N ARG C 59 -19.89 57.01 -38.75
CA ARG C 59 -20.03 57.35 -40.15
C ARG C 59 -19.65 58.79 -40.44
N LEU C 60 -20.14 59.74 -39.59
CA LEU C 60 -19.91 61.17 -39.67
C LEU C 60 -18.45 61.49 -39.61
N ASN C 61 -17.72 60.76 -38.78
CA ASN C 61 -16.28 60.90 -38.65
C ASN C 61 -15.59 60.53 -39.96
N GLN C 62 -15.99 59.42 -40.59
CA GLN C 62 -15.41 59.01 -41.84
C GLN C 62 -15.56 60.00 -42.98
N ASP C 63 -16.79 60.54 -43.21
CA ASP C 63 -17.10 61.49 -44.27
C ASP C 63 -16.26 62.75 -44.12
N THR C 64 -16.15 63.28 -42.87
CA THR C 64 -15.37 64.45 -42.52
C THR C 64 -13.87 64.25 -42.75
N GLN C 65 -13.32 63.05 -42.40
CA GLN C 65 -11.94 62.68 -42.68
C GLN C 65 -11.59 62.61 -44.15
N GLU C 66 -12.46 61.95 -44.98
CA GLU C 66 -12.30 61.82 -46.42
C GLU C 66 -12.38 63.17 -47.09
N ALA C 67 -13.24 64.10 -46.60
CA ALA C 67 -13.40 65.43 -47.14
C ALA C 67 -12.11 66.23 -47.17
N LYS C 68 -11.29 66.20 -46.08
CA LYS C 68 -9.99 66.83 -46.05
C LYS C 68 -8.93 66.04 -46.80
N LYS C 69 -9.08 64.70 -46.92
CA LYS C 69 -8.22 63.93 -47.81
C LYS C 69 -8.41 64.30 -49.27
N TRP C 70 -9.68 64.60 -49.68
CA TRP C 70 -10.02 65.25 -50.94
C TRP C 70 -9.40 66.62 -51.06
N GLU C 71 -9.37 67.44 -49.98
CA GLU C 71 -8.67 68.71 -49.94
C GLU C 71 -7.20 68.63 -50.20
N ASP C 72 -6.47 67.66 -49.60
CA ASP C 72 -5.05 67.41 -49.82
C ASP C 72 -4.77 67.15 -51.27
N ARG C 73 -5.61 66.28 -51.89
CA ARG C 73 -5.57 65.95 -53.29
C ARG C 73 -5.82 67.13 -54.20
N ALA C 74 -6.82 67.99 -53.88
CA ALA C 74 -7.14 69.21 -54.59
C ALA C 74 -6.03 70.24 -54.55
N LYS C 75 -5.41 70.45 -53.36
CA LYS C 75 -4.32 71.39 -53.15
C LYS C 75 -3.10 71.02 -53.95
N LEU C 76 -2.75 69.71 -53.98
CA LEU C 76 -1.73 69.13 -54.82
C LEU C 76 -2.03 69.27 -56.30
N ALA C 77 -3.31 69.12 -56.73
CA ALA C 77 -3.73 69.28 -58.10
C ALA C 77 -3.56 70.69 -58.60
N LEU C 78 -3.91 71.71 -57.76
CA LEU C 78 -3.68 73.12 -57.98
C LEU C 78 -2.20 73.41 -58.11
N THR C 79 -1.38 72.73 -57.30
CA THR C 79 0.07 72.90 -57.36
C THR C 79 0.65 72.38 -58.68
N ASN C 80 0.14 71.25 -59.14
CA ASN C 80 0.55 70.65 -60.40
C ASN C 80 0.07 71.46 -61.59
N GLY C 81 -0.91 72.39 -61.40
CA GLY C 81 -1.35 73.32 -62.41
C GLY C 81 -2.37 72.71 -63.33
N GLU C 82 -3.29 71.94 -62.75
CA GLU C 82 -4.35 71.33 -63.51
C GLU C 82 -5.73 71.70 -62.97
N GLU C 83 -6.43 72.55 -63.72
CA GLU C 83 -7.78 72.96 -63.38
C GLU C 83 -8.70 71.78 -63.19
N ASN C 84 -8.65 70.77 -64.11
CA ASN C 84 -9.60 69.68 -64.18
C ASN C 84 -9.57 68.78 -62.97
N LEU C 85 -8.37 68.31 -62.56
CA LEU C 85 -8.17 67.42 -61.43
C LEU C 85 -8.52 68.12 -60.13
N ALA C 86 -8.21 69.44 -60.03
CA ALA C 86 -8.58 70.26 -58.90
C ALA C 86 -10.08 70.33 -58.71
N ARG C 87 -10.85 70.58 -59.81
CA ARG C 87 -12.31 70.62 -59.83
C ARG C 87 -12.94 69.29 -59.50
N GLU C 88 -12.37 68.16 -60.02
CA GLU C 88 -12.83 66.81 -59.75
C GLU C 88 -12.75 66.47 -58.29
N ALA C 89 -11.61 66.83 -57.64
CA ALA C 89 -11.37 66.64 -56.22
C ALA C 89 -12.35 67.40 -55.36
N LEU C 90 -12.63 68.68 -55.72
CA LEU C 90 -13.60 69.55 -55.09
C LEU C 90 -15.02 69.01 -55.17
N ALA C 91 -15.45 68.46 -56.33
CA ALA C 91 -16.77 67.88 -56.53
C ALA C 91 -17.03 66.72 -55.61
N ARG C 92 -16.02 65.82 -55.43
CA ARG C 92 -16.02 64.75 -54.46
C ARG C 92 -16.10 65.24 -53.03
N LYS C 93 -15.33 66.25 -52.69
CA LYS C 93 -15.32 66.81 -51.34
C LYS C 93 -16.74 67.15 -50.89
N LYS C 94 -17.31 68.19 -51.48
CA LYS C 94 -18.67 68.62 -51.14
C LYS C 94 -19.61 67.44 -51.03
N SER C 95 -19.54 66.53 -52.00
CA SER C 95 -20.40 65.35 -52.01
C SER C 95 -20.45 64.69 -50.64
N LEU C 96 -19.30 64.65 -49.97
CA LEU C 96 -19.21 64.03 -48.64
C LEU C 96 -19.61 65.03 -47.56
N THR C 97 -19.43 66.31 -47.83
CA THR C 97 -19.77 67.36 -46.87
C THR C 97 -21.24 67.31 -46.56
N ASP C 98 -22.08 67.18 -47.62
CA ASP C 98 -23.52 67.17 -47.52
C ASP C 98 -24.04 65.95 -46.76
N THR C 99 -23.47 64.74 -46.98
CA THR C 99 -23.80 63.52 -46.25
C THR C 99 -23.49 63.63 -44.78
N ALA C 100 -22.31 64.20 -44.43
CA ALA C 100 -21.88 64.47 -43.07
C ALA C 100 -22.84 65.40 -42.36
N ALA C 101 -23.26 66.47 -43.04
CA ALA C 101 -24.21 67.43 -42.49
C ALA C 101 -25.51 66.70 -42.11
N ALA C 102 -26.03 65.90 -43.03
CA ALA C 102 -27.21 65.11 -42.81
C ALA C 102 -27.11 64.22 -41.58
N TYR C 103 -25.94 63.57 -41.34
CA TYR C 103 -25.67 62.77 -40.15
C TYR C 103 -25.79 63.54 -38.86
N GLN C 104 -25.27 64.77 -38.83
CA GLN C 104 -25.34 65.61 -37.64
C GLN C 104 -26.80 65.88 -37.23
N THR C 105 -27.62 66.26 -38.20
CA THR C 105 -29.03 66.52 -37.97
C THR C 105 -29.71 65.25 -37.45
N GLN C 106 -29.46 64.13 -38.11
CA GLN C 106 -30.02 62.84 -37.72
C GLN C 106 -29.65 62.42 -36.31
N LEU C 107 -28.39 62.66 -35.87
CA LEU C 107 -27.85 62.31 -34.57
C LEU C 107 -28.64 62.95 -33.43
N ALA C 108 -29.00 64.25 -33.58
CA ALA C 108 -29.79 64.98 -32.61
C ALA C 108 -31.14 64.33 -32.37
N GLN C 109 -31.81 63.89 -33.46
CA GLN C 109 -33.12 63.29 -33.41
C GLN C 109 -33.07 61.85 -32.96
N GLN C 110 -31.87 61.19 -32.99
CA GLN C 110 -31.67 59.91 -32.32
C GLN C 110 -31.74 60.07 -30.82
N ARG C 111 -31.04 61.09 -30.27
CA ARG C 111 -30.87 61.25 -28.84
C ARG C 111 -32.10 61.80 -28.14
N THR C 112 -33.02 62.50 -28.85
CA THR C 112 -34.35 62.84 -28.34
C THR C 112 -35.15 61.59 -28.04
N MET C 113 -35.12 60.60 -28.97
CA MET C 113 -35.72 59.29 -28.78
C MET C 113 -35.08 58.50 -27.68
N SER C 114 -33.73 58.52 -27.58
CA SER C 114 -32.97 57.82 -26.56
C SER C 114 -33.38 58.25 -25.16
N GLU C 115 -33.59 59.57 -24.95
CA GLU C 115 -34.10 60.12 -23.71
C GLU C 115 -35.50 59.64 -23.35
N ASN C 116 -36.44 59.59 -24.33
CA ASN C 116 -37.78 59.04 -24.16
C ASN C 116 -37.72 57.58 -23.74
N LEU C 117 -36.92 56.77 -24.50
CA LEU C 117 -36.70 55.36 -24.33
C LEU C 117 -36.06 55.01 -23.00
N ARG C 118 -35.06 55.81 -22.54
CA ARG C 118 -34.43 55.67 -21.25
C ARG C 118 -35.41 55.85 -20.09
N ARG C 119 -36.33 56.84 -20.15
CA ARG C 119 -37.45 57.00 -19.21
C ARG C 119 -38.48 55.90 -19.27
N ASN C 120 -38.78 55.40 -20.47
CA ASN C 120 -39.75 54.32 -20.61
C ASN C 120 -39.23 53.07 -19.90
N LEU C 121 -37.99 52.71 -20.20
CA LEU C 121 -37.35 51.57 -19.60
C LEU C 121 -37.39 51.61 -18.10
N ALA C 122 -37.03 52.78 -17.52
CA ALA C 122 -36.99 53.06 -16.09
C ALA C 122 -38.35 52.93 -15.44
N ALA C 123 -39.43 53.32 -16.15
CA ALA C 123 -40.80 53.22 -15.68
C ALA C 123 -41.22 51.79 -15.37
N LEU C 124 -40.84 50.82 -16.23
CA LEU C 124 -41.05 49.40 -15.98
C LEU C 124 -40.29 48.90 -14.76
N GLU C 125 -39.01 49.34 -14.61
CA GLU C 125 -38.16 49.01 -13.48
C GLU C 125 -38.76 49.49 -12.17
N ALA C 126 -39.33 50.73 -12.16
CA ALA C 126 -40.08 51.29 -11.06
C ALA C 126 -41.31 50.47 -10.70
N LYS C 127 -42.11 50.02 -11.69
CA LYS C 127 -43.27 49.16 -11.49
C LYS C 127 -42.95 47.80 -10.88
N ILE C 128 -41.82 47.17 -11.28
CA ILE C 128 -41.28 45.95 -10.68
C ILE C 128 -40.95 46.20 -9.22
N SER C 129 -40.34 47.38 -8.92
CA SER C 129 -40.04 47.81 -7.57
C SER C 129 -41.27 47.95 -6.71
N GLU C 130 -42.37 48.54 -7.24
CA GLU C 130 -43.69 48.61 -6.62
C GLU C 130 -44.19 47.23 -6.27
N ALA C 131 -44.13 46.29 -7.23
CA ALA C 131 -44.72 44.98 -7.11
C ALA C 131 -44.20 44.15 -5.97
N LYS C 132 -42.85 44.12 -5.74
CA LYS C 132 -42.29 43.47 -4.56
C LYS C 132 -42.67 44.14 -3.26
N THR C 133 -42.67 45.51 -3.17
CA THR C 133 -43.05 46.24 -1.97
C THR C 133 -44.48 45.92 -1.57
N LYS C 134 -45.41 45.90 -2.56
CA LYS C 134 -46.79 45.49 -2.45
C LYS C 134 -46.90 44.04 -2.01
N LYS C 135 -46.15 43.10 -2.67
CA LYS C 135 -46.20 41.66 -2.47
C LYS C 135 -45.92 41.24 -1.05
N ASN C 136 -44.97 41.92 -0.38
CA ASN C 136 -44.56 41.67 1.00
C ASN C 136 -45.72 41.74 1.98
N MET C 137 -46.64 42.75 1.88
CA MET C 137 -47.74 42.85 2.81
C MET C 137 -49.04 42.33 2.26
N LEU C 138 -49.22 42.20 0.92
CA LEU C 138 -50.40 41.59 0.33
C LEU C 138 -50.51 40.12 0.70
N GLN C 139 -49.37 39.38 0.66
CA GLN C 139 -49.28 37.99 1.09
C GLN C 139 -49.68 37.84 2.55
N ALA C 140 -49.24 38.81 3.40
CA ALA C 140 -49.62 38.90 4.78
C ALA C 140 -51.11 39.11 5.01
N ARG C 141 -51.79 39.98 4.21
CA ARG C 141 -53.24 40.18 4.21
C ARG C 141 -53.99 38.94 3.85
N ALA C 142 -53.51 38.19 2.82
CA ALA C 142 -54.16 37.00 2.33
C ALA C 142 -54.34 35.94 3.40
N LYS C 143 -53.30 35.64 4.22
CA LYS C 143 -53.41 34.69 5.33
C LYS C 143 -54.01 35.29 6.59
N ALA C 144 -53.91 36.62 6.82
CA ALA C 144 -54.59 37.32 7.90
C ALA C 144 -56.09 37.20 7.77
N ALA C 145 -56.61 37.48 6.55
CA ALA C 145 -58.01 37.49 6.18
C ALA C 145 -58.61 36.13 6.34
N LYS C 146 -57.86 35.10 5.90
CA LYS C 146 -58.21 33.70 6.09
C LYS C 146 -58.28 33.33 7.56
N ALA C 147 -57.32 33.79 8.42
CA ALA C 147 -57.31 33.55 9.86
C ALA C 147 -58.52 34.17 10.54
N ASN C 148 -58.87 35.43 10.16
CA ASN C 148 -60.06 36.12 10.63
C ASN C 148 -61.32 35.37 10.26
N ALA C 149 -61.42 34.88 9.00
CA ALA C 149 -62.51 34.06 8.50
C ALA C 149 -62.64 32.72 9.22
N GLU C 150 -61.50 32.03 9.50
CA GLU C 150 -61.42 30.74 10.19
C GLU C 150 -62.05 30.83 11.58
N LEU C 151 -61.76 31.91 12.35
CA LEU C 151 -62.34 32.20 13.65
C LEU C 151 -63.83 32.40 13.58
N GLN C 152 -64.35 33.16 12.58
CA GLN C 152 -65.75 33.53 12.45
C GLN C 152 -66.68 32.34 12.34
N GLN C 153 -66.30 31.30 11.56
CA GLN C 153 -67.06 30.07 11.42
C GLN C 153 -67.19 29.38 12.77
N THR C 154 -66.07 29.32 13.54
CA THR C 154 -65.98 28.63 14.81
C THR C 154 -66.69 29.38 15.91
N LEU C 155 -66.77 30.73 15.83
CA LEU C 155 -67.63 31.53 16.68
C LEU C 155 -69.11 31.29 16.42
N GLY C 156 -69.50 31.18 15.15
CA GLY C 156 -70.88 30.95 14.79
C GLY C 156 -71.13 29.51 14.37
N GLY C 157 -72.40 29.16 14.24
CA GLY C 157 -72.77 27.81 13.84
C GLY C 157 -73.41 27.78 12.46
N LEU C 158 -72.59 27.51 11.45
CA LEU C 158 -73.07 27.46 10.07
C LEU C 158 -73.05 26.02 9.56
N GLY C 159 -74.19 25.35 9.63
CA GLY C 159 -74.30 23.98 9.17
C GLY C 159 -74.55 23.02 10.31
N THR C 160 -73.85 21.89 10.29
CA THR C 160 -73.99 20.87 11.33
C THR C 160 -73.08 21.19 12.51
N SER C 161 -72.57 22.40 12.55
CA SER C 161 -71.69 22.83 13.63
C SER C 161 -72.48 23.50 14.75
N SER C 162 -73.74 23.10 14.89
CA SER C 162 -74.60 23.63 15.93
C SER C 162 -74.37 22.94 17.25
N ALA C 163 -73.29 22.16 17.34
CA ALA C 163 -72.96 21.43 18.55
C ALA C 163 -72.98 22.37 19.76
N THR C 164 -71.91 23.13 19.93
CA THR C 164 -71.79 24.07 21.03
C THR C 164 -73.05 24.92 21.15
N SER C 165 -73.26 25.79 20.17
CA SER C 165 -74.43 26.67 20.15
C SER C 165 -75.71 25.86 20.04
N ALA C 166 -75.63 24.73 19.34
CA ALA C 166 -76.78 23.86 19.15
C ALA C 166 -76.76 22.72 20.15
N PHE C 167 -75.56 22.33 20.58
CA PHE C 167 -75.39 21.26 21.54
C PHE C 167 -75.70 21.72 22.96
N GLU C 168 -74.95 22.72 23.42
CA GLU C 168 -75.14 23.27 24.75
C GLU C 168 -76.63 23.51 25.03
N ARG C 169 -77.34 23.96 24.01
CA ARG C 169 -78.77 24.24 24.14
C ARG C 169 -79.55 22.94 24.34
N MET C 170 -79.09 21.88 23.69
CA MET C 170 -79.73 20.57 23.77
C MET C 170 -79.71 20.05 25.20
N GLU C 171 -78.53 20.12 25.88
CA GLU C 171 -78.30 19.78 27.27
C GLU C 171 -79.16 20.62 28.21
N ASN C 172 -79.37 21.91 27.86
CA ASN C 172 -80.22 22.82 28.60
C ASN C 172 -81.68 22.38 28.60
N LYS C 173 -82.11 21.54 27.62
CA LYS C 173 -83.45 20.98 27.63
C LYS C 173 -83.49 19.52 28.00
N VAL C 174 -82.34 18.83 28.12
CA VAL C 174 -82.18 17.61 28.88
C VAL C 174 -82.44 17.93 30.36
N LEU C 175 -81.93 19.10 30.82
CA LEU C 175 -82.06 19.61 32.17
C LEU C 175 -83.50 19.76 32.64
N ASP C 176 -84.43 20.20 31.75
CA ASP C 176 -85.87 20.26 32.00
C ASP C 176 -86.43 18.88 32.32
N MET C 177 -85.95 17.82 31.61
CA MET C 177 -86.32 16.43 31.84
C MET C 177 -85.92 15.98 33.24
N GLU C 178 -84.71 16.36 33.70
CA GLU C 178 -84.23 16.13 35.06
C GLU C 178 -85.12 16.81 36.08
N ALA C 179 -85.47 18.09 35.86
CA ALA C 179 -86.27 18.91 36.76
C ALA C 179 -87.66 18.36 36.99
N THR C 180 -88.35 17.92 35.90
CA THR C 180 -89.65 17.26 35.97
C THR C 180 -89.58 15.95 36.75
N SER C 181 -88.51 15.14 36.51
CA SER C 181 -88.25 13.91 37.23
C SER C 181 -88.01 14.11 38.72
N GLN C 182 -87.17 15.12 39.08
CA GLN C 182 -86.85 15.52 40.44
C GLN C 182 -88.06 15.96 41.23
N ALA C 183 -88.92 16.80 40.60
CA ALA C 183 -90.15 17.32 41.14
C ALA C 183 -91.12 16.23 41.52
N ALA C 184 -91.21 15.15 40.71
CA ALA C 184 -92.03 13.99 40.99
C ALA C 184 -91.66 13.28 42.27
N GLY C 185 -90.34 13.12 42.56
CA GLY C 185 -89.81 12.52 43.77
C GLY C 185 -90.05 13.38 44.98
N GLU C 186 -89.79 14.70 44.85
CA GLU C 186 -90.01 15.66 45.90
C GLU C 186 -91.48 15.80 46.29
N LEU C 187 -92.39 15.76 45.28
CA LEU C 187 -93.83 15.72 45.41
C LEU C 187 -94.31 14.49 46.13
N ALA C 188 -93.71 13.30 45.82
CA ALA C 188 -93.98 12.04 46.48
C ALA C 188 -93.65 12.05 47.95
N GLY C 189 -92.53 12.72 48.35
CA GLY C 189 -92.21 12.98 49.74
C GLY C 189 -90.84 12.49 50.08
N PHE C 190 -90.57 12.43 51.41
CA PHE C 190 -89.27 12.16 51.98
C PHE C 190 -89.44 11.36 53.25
N GLY C 191 -88.29 10.93 53.83
CA GLY C 191 -88.23 10.19 55.06
C GLY C 191 -87.03 10.64 55.83
N ILE C 192 -86.48 11.84 55.51
CA ILE C 192 -85.23 12.31 56.05
C ILE C 192 -85.49 12.94 57.38
N GLU C 193 -86.55 13.78 57.46
CA GLU C 193 -87.05 14.37 58.68
C GLU C 193 -87.51 13.32 59.68
N ASN C 194 -88.28 12.29 59.23
CA ASN C 194 -88.77 11.20 60.05
C ASN C 194 -87.63 10.40 60.64
N GLN C 195 -86.62 10.04 59.81
CA GLN C 195 -85.42 9.35 60.26
C GLN C 195 -84.56 10.17 61.21
N PHE C 196 -84.34 11.49 60.94
CA PHE C 196 -83.53 12.36 61.77
C PHE C 196 -84.10 12.50 63.17
N ALA C 197 -85.45 12.66 63.29
CA ALA C 197 -86.15 12.72 64.55
C ALA C 197 -85.98 11.45 65.36
N GLN C 198 -86.04 10.28 64.68
CA GLN C 198 -85.75 8.97 65.24
C GLN C 198 -84.32 8.84 65.73
N LEU C 199 -83.32 9.36 64.97
CA LEU C 199 -81.91 9.39 65.38
C LEU C 199 -81.69 10.15 66.67
N GLU C 200 -82.24 11.38 66.79
CA GLU C 200 -82.14 12.25 67.96
C GLU C 200 -82.78 11.59 69.16
N ALA C 201 -83.97 11.01 68.96
CA ALA C 201 -84.71 10.34 70.03
C ALA C 201 -83.93 9.15 70.58
N SER C 202 -83.45 8.28 69.69
CA SER C 202 -82.68 7.12 70.07
C SER C 202 -81.42 7.53 70.80
N SER C 203 -80.75 8.63 70.35
CA SER C 203 -79.51 9.12 70.92
C SER C 203 -79.65 9.50 72.38
N GLY C 204 -80.71 10.27 72.75
CA GLY C 204 -80.92 10.73 74.11
C GLY C 204 -81.15 9.61 75.09
N VAL C 205 -81.97 8.60 74.69
CA VAL C 205 -82.25 7.39 75.44
C VAL C 205 -80.99 6.57 75.65
N GLU C 206 -80.12 6.45 74.62
CA GLU C 206 -78.90 5.68 74.71
C GLU C 206 -77.81 6.40 75.50
N ASP C 207 -77.81 7.75 75.55
CA ASP C 207 -77.02 8.55 76.48
C ASP C 207 -77.37 8.28 77.93
N GLU C 208 -78.69 8.19 78.26
CA GLU C 208 -79.20 7.82 79.57
C GLU C 208 -78.72 6.43 79.96
N LEU C 209 -78.75 5.47 79.01
CA LEU C 209 -78.23 4.13 79.19
C LEU C 209 -76.74 4.11 79.46
N ALA C 210 -75.94 4.93 78.73
CA ALA C 210 -74.51 5.10 78.96
C ALA C 210 -74.21 5.63 80.35
N ALA C 211 -74.96 6.67 80.81
CA ALA C 211 -74.87 7.25 82.13
C ALA C 211 -75.20 6.25 83.23
N LEU C 212 -76.28 5.44 83.02
CA LEU C 212 -76.72 4.38 83.92
C LEU C 212 -75.64 3.34 84.10
N LYS C 213 -75.01 2.88 82.98
CA LYS C 213 -73.92 1.92 82.94
C LYS C 213 -72.69 2.37 83.70
N ALA C 214 -72.34 3.67 83.59
CA ALA C 214 -71.25 4.28 84.33
C ALA C 214 -71.45 4.25 85.83
N SER C 215 -72.69 4.53 86.32
CA SER C 215 -73.06 4.42 87.71
C SER C 215 -73.02 3.00 88.24
N ALA D 1 13.25 -12.91 -11.72
CA ALA D 1 13.64 -13.40 -10.40
C ALA D 1 12.72 -14.53 -9.95
N LEU D 2 11.42 -14.34 -10.13
CA LEU D 2 10.44 -15.33 -9.75
C LEU D 2 10.70 -16.70 -10.33
N PHE D 3 10.97 -16.76 -11.66
CA PHE D 3 11.15 -18.00 -12.37
C PHE D 3 12.56 -18.51 -12.24
N ASP D 4 13.52 -17.61 -11.95
CA ASP D 4 14.89 -17.96 -11.72
C ASP D 4 15.02 -18.70 -10.40
N ARG D 5 14.28 -18.23 -9.35
CA ARG D 5 14.13 -18.86 -8.06
C ARG D 5 13.38 -20.16 -8.20
N LEU D 6 12.34 -20.20 -9.08
CA LEU D 6 11.54 -21.37 -9.36
C LEU D 6 12.42 -22.49 -9.83
N GLY D 7 13.34 -22.17 -10.77
CA GLY D 7 14.33 -23.08 -11.30
C GLY D 7 15.22 -23.65 -10.26
N ARG D 8 15.71 -22.81 -9.33
CA ARG D 8 16.54 -23.24 -8.23
C ARG D 8 15.88 -24.21 -7.31
N VAL D 9 14.60 -23.97 -6.98
CA VAL D 9 13.80 -24.83 -6.13
C VAL D 9 13.62 -26.16 -6.78
N VAL D 10 13.25 -26.15 -8.08
CA VAL D 10 13.02 -27.33 -8.87
C VAL D 10 14.26 -28.20 -9.05
N ARG D 11 15.44 -27.62 -9.40
CA ARG D 11 16.69 -28.34 -9.60
C ARG D 11 17.16 -29.02 -8.35
N ALA D 12 17.07 -28.30 -7.22
CA ALA D 12 17.44 -28.77 -5.91
C ALA D 12 16.61 -29.94 -5.46
N ASN D 13 15.27 -29.87 -5.69
CA ASN D 13 14.33 -30.91 -5.35
C ASN D 13 14.58 -32.15 -6.17
N LEU D 14 14.85 -31.99 -7.49
CA LEU D 14 15.12 -33.06 -8.42
C LEU D 14 16.37 -33.82 -8.13
N ASN D 15 17.45 -33.10 -7.76
CA ASN D 15 18.72 -33.71 -7.46
C ASN D 15 18.62 -34.56 -6.23
N ASP D 16 17.84 -34.09 -5.23
CA ASP D 16 17.60 -34.82 -4.02
C ASP D 16 16.74 -36.04 -4.24
N LEU D 17 15.74 -35.98 -5.14
CA LEU D 17 14.89 -37.11 -5.51
C LEU D 17 15.70 -38.20 -6.18
N VAL D 18 16.65 -37.80 -7.06
CA VAL D 18 17.54 -38.70 -7.76
C VAL D 18 18.46 -39.38 -6.78
N SER D 19 19.06 -38.61 -5.83
CA SER D 19 19.96 -39.09 -4.80
C SER D 19 19.28 -40.11 -3.89
N LYS D 20 18.01 -39.81 -3.47
CA LYS D 20 17.17 -40.64 -2.63
C LYS D 20 16.88 -41.99 -3.21
N ALA D 21 16.42 -42.03 -4.49
CA ALA D 21 16.06 -43.23 -5.19
C ALA D 21 17.25 -44.13 -5.48
N GLU D 22 18.38 -43.49 -5.83
CA GLU D 22 19.66 -44.07 -6.15
C GLU D 22 20.27 -44.68 -4.92
N ASP D 23 21.10 -45.74 -5.11
CA ASP D 23 21.78 -46.39 -4.03
C ASP D 23 23.25 -46.01 -4.14
N PRO D 24 23.86 -45.22 -3.24
CA PRO D 24 25.20 -44.66 -3.42
C PRO D 24 26.31 -45.67 -3.37
N GLU D 25 26.07 -46.89 -2.84
CA GLU D 25 27.08 -47.91 -2.67
C GLU D 25 27.39 -48.55 -3.97
N LYS D 26 26.34 -48.78 -4.78
CA LYS D 26 26.46 -49.31 -6.12
C LYS D 26 27.16 -48.34 -7.04
N VAL D 27 26.84 -47.03 -6.92
CA VAL D 27 27.41 -45.94 -7.69
C VAL D 27 28.88 -45.77 -7.39
N LEU D 28 29.26 -45.81 -6.08
CA LEU D 28 30.63 -45.72 -5.62
C LEU D 28 31.47 -46.82 -6.18
N GLU D 29 30.93 -48.06 -6.13
CA GLU D 29 31.52 -49.24 -6.68
C GLU D 29 31.76 -49.14 -8.15
N GLN D 30 30.73 -48.66 -8.87
CA GLN D 30 30.72 -48.45 -10.30
C GLN D 30 31.77 -47.43 -10.69
N ALA D 31 31.95 -46.36 -9.88
CA ALA D 31 32.90 -45.29 -10.07
C ALA D 31 34.30 -45.82 -10.05
N VAL D 32 34.62 -46.71 -9.08
CA VAL D 32 35.89 -47.36 -8.94
C VAL D 32 36.19 -48.25 -10.13
N ILE D 33 35.16 -48.99 -10.64
CA ILE D 33 35.24 -49.83 -11.82
C ILE D 33 35.63 -49.02 -13.04
N ASP D 34 34.99 -47.84 -13.22
CA ASP D 34 35.23 -46.93 -14.32
C ASP D 34 36.59 -46.31 -14.27
N MET D 35 37.09 -45.97 -13.06
CA MET D 35 38.40 -45.40 -12.87
C MET D 35 39.48 -46.35 -13.21
N GLN D 36 39.27 -47.63 -12.84
CA GLN D 36 40.16 -48.71 -13.14
C GLN D 36 40.26 -48.95 -14.63
N GLU D 37 39.12 -48.85 -15.34
CA GLU D 37 39.05 -49.01 -16.77
C GLU D 37 39.80 -47.94 -17.51
N ASP D 38 39.63 -46.68 -17.06
CA ASP D 38 40.31 -45.53 -17.61
C ASP D 38 41.80 -45.65 -17.42
N LEU D 39 42.24 -46.15 -16.24
CA LEU D 39 43.61 -46.39 -15.90
C LEU D 39 44.27 -47.35 -16.84
N VAL D 40 43.59 -48.48 -17.17
CA VAL D 40 44.03 -49.46 -18.13
C VAL D 40 44.20 -48.88 -19.50
N GLN D 41 43.22 -48.04 -19.94
CA GLN D 41 43.26 -47.39 -21.22
C GLN D 41 44.43 -46.44 -21.34
N LEU D 42 44.75 -45.71 -20.25
CA LEU D 42 45.87 -44.80 -20.17
C LEU D 42 47.17 -45.53 -20.23
N ARG D 43 47.28 -46.69 -19.55
CA ARG D 43 48.45 -47.53 -19.59
C ARG D 43 48.80 -47.98 -21.00
N GLN D 44 47.78 -48.38 -21.80
CA GLN D 44 47.89 -48.74 -23.21
C GLN D 44 48.33 -47.55 -24.01
N ALA D 45 47.74 -46.36 -23.72
CA ALA D 45 48.03 -45.11 -24.38
C ALA D 45 49.45 -44.66 -24.21
N VAL D 46 49.98 -44.79 -22.96
CA VAL D 46 51.34 -44.54 -22.54
C VAL D 46 52.27 -45.47 -23.27
N ALA D 47 51.89 -46.76 -23.39
CA ALA D 47 52.63 -47.77 -24.07
C ALA D 47 52.87 -47.45 -25.52
N ARG D 48 51.86 -46.85 -26.21
CA ARG D 48 51.97 -46.41 -27.58
C ARG D 48 52.93 -45.24 -27.75
N THR D 49 52.99 -44.29 -26.77
CA THR D 49 53.90 -43.16 -26.82
C THR D 49 55.32 -43.62 -26.58
N ILE D 50 55.48 -44.69 -25.75
CA ILE D 50 56.72 -45.38 -25.51
C ILE D 50 57.19 -46.06 -26.75
N ALA D 51 56.26 -46.74 -27.45
CA ALA D 51 56.51 -47.43 -28.69
C ALA D 51 57.00 -46.49 -29.78
N GLU D 52 56.40 -45.28 -29.87
CA GLU D 52 56.75 -44.24 -30.80
C GLU D 52 58.10 -43.66 -30.46
N GLU D 53 58.42 -43.51 -29.14
CA GLU D 53 59.70 -43.07 -28.63
C GLU D 53 60.80 -44.00 -29.12
N LYS D 54 60.56 -45.32 -28.97
CA LYS D 54 61.43 -46.39 -29.41
C LYS D 54 61.63 -46.45 -30.90
N ARG D 55 60.57 -46.18 -31.69
CA ARG D 55 60.66 -46.09 -33.13
C ARG D 55 61.51 -44.93 -33.58
N THR D 56 61.38 -43.77 -32.91
CA THR D 56 62.16 -42.57 -33.15
C THR D 56 63.62 -42.83 -32.88
N GLU D 57 63.93 -43.55 -31.76
CA GLU D 57 65.26 -43.95 -31.38
C GLU D 57 65.89 -44.82 -32.44
N GLN D 58 65.13 -45.80 -32.98
CA GLN D 58 65.59 -46.74 -33.97
C GLN D 58 65.95 -46.05 -35.26
N ARG D 59 65.13 -45.03 -35.66
CA ARG D 59 65.37 -44.25 -36.84
C ARG D 59 66.64 -43.45 -36.77
N LEU D 60 66.89 -42.82 -35.59
CA LEU D 60 68.07 -42.05 -35.25
C LEU D 60 69.30 -42.93 -35.36
N ASN D 61 69.24 -44.09 -34.71
CA ASN D 61 70.35 -45.05 -34.71
C ASN D 61 70.66 -45.63 -36.08
N GLN D 62 69.63 -45.89 -36.88
CA GLN D 62 69.82 -46.44 -38.20
C GLN D 62 70.64 -45.52 -39.06
N ASP D 63 70.33 -44.21 -39.02
CA ASP D 63 71.05 -43.23 -39.80
C ASP D 63 72.43 -42.98 -39.24
N THR D 64 72.62 -43.11 -37.90
CA THR D 64 73.91 -43.01 -37.22
C THR D 64 74.80 -44.15 -37.71
N GLN D 65 74.24 -45.40 -37.83
CA GLN D 65 74.96 -46.59 -38.30
C GLN D 65 75.42 -46.48 -39.73
N GLU D 66 74.56 -45.94 -40.65
CA GLU D 66 74.89 -45.70 -42.04
C GLU D 66 75.89 -44.59 -42.18
N ALA D 67 75.77 -43.56 -41.31
CA ALA D 67 76.63 -42.40 -41.27
C ALA D 67 78.04 -42.77 -40.94
N LYS D 68 78.24 -43.75 -40.03
CA LYS D 68 79.53 -44.25 -39.64
C LYS D 68 80.21 -45.03 -40.74
N LYS D 69 79.41 -45.72 -41.60
CA LYS D 69 79.95 -46.41 -42.74
C LYS D 69 80.59 -45.48 -43.74
N TRP D 70 79.91 -44.35 -44.08
CA TRP D 70 80.41 -43.36 -45.02
C TRP D 70 81.45 -42.47 -44.38
N GLU D 71 81.44 -42.33 -43.04
CA GLU D 71 82.44 -41.60 -42.27
C GLU D 71 83.78 -42.24 -42.41
N ASP D 72 83.79 -43.58 -42.22
CA ASP D 72 84.97 -44.40 -42.29
C ASP D 72 85.51 -44.48 -43.68
N ARG D 73 84.61 -44.54 -44.69
CA ARG D 73 84.99 -44.55 -46.08
C ARG D 73 85.65 -43.28 -46.49
N ALA D 74 85.14 -42.16 -45.97
CA ALA D 74 85.71 -40.85 -46.17
C ALA D 74 87.06 -40.73 -45.54
N LYS D 75 87.24 -41.25 -44.30
CA LYS D 75 88.50 -41.24 -43.57
C LYS D 75 89.58 -42.01 -44.25
N LEU D 76 89.22 -43.18 -44.83
CA LEU D 76 90.12 -44.02 -45.60
C LEU D 76 90.55 -43.33 -46.85
N ALA D 77 89.59 -42.66 -47.51
CA ALA D 77 89.82 -41.88 -48.69
C ALA D 77 90.73 -40.70 -48.46
N LEU D 78 90.54 -39.97 -47.32
CA LEU D 78 91.35 -38.85 -46.89
C LEU D 78 92.76 -39.30 -46.57
N THR D 79 92.88 -40.48 -45.97
CA THR D 79 94.19 -41.05 -45.63
C THR D 79 94.98 -41.40 -46.90
N ASN D 80 94.29 -41.98 -47.88
CA ASN D 80 94.90 -42.34 -49.14
C ASN D 80 95.29 -41.11 -49.94
N GLY D 81 94.51 -40.02 -49.77
CA GLY D 81 94.72 -38.76 -50.46
C GLY D 81 93.85 -38.66 -51.68
N GLU D 82 92.86 -39.56 -51.76
CA GLU D 82 91.89 -39.59 -52.86
C GLU D 82 90.76 -38.65 -52.49
N GLU D 83 90.87 -37.41 -52.99
CA GLU D 83 89.94 -36.36 -52.71
C GLU D 83 88.51 -36.62 -53.17
N ASN D 84 88.29 -37.14 -54.41
CA ASN D 84 86.98 -37.34 -55.01
C ASN D 84 86.13 -38.31 -54.24
N LEU D 85 86.74 -39.43 -53.81
CA LEU D 85 86.09 -40.45 -53.01
C LEU D 85 85.74 -39.92 -51.64
N ALA D 86 86.66 -39.13 -51.04
CA ALA D 86 86.50 -38.50 -49.74
C ALA D 86 85.33 -37.56 -49.73
N ARG D 87 85.19 -36.73 -50.79
CA ARG D 87 84.12 -35.77 -50.95
C ARG D 87 82.76 -36.38 -51.09
N GLU D 88 82.67 -37.49 -51.88
CA GLU D 88 81.46 -38.24 -52.08
C GLU D 88 80.94 -38.86 -50.83
N ALA D 89 81.83 -39.56 -50.10
CA ALA D 89 81.53 -40.23 -48.87
C ALA D 89 81.16 -39.26 -47.78
N LEU D 90 81.89 -38.13 -47.71
CA LEU D 90 81.66 -37.05 -46.78
C LEU D 90 80.32 -36.42 -46.91
N ALA D 91 79.91 -36.12 -48.16
CA ALA D 91 78.63 -35.57 -48.47
C ALA D 91 77.48 -36.47 -48.05
N ARG D 92 77.63 -37.80 -48.27
CA ARG D 92 76.68 -38.82 -47.86
C ARG D 92 76.53 -38.91 -46.37
N LYS D 93 77.68 -38.83 -45.65
CA LYS D 93 77.75 -38.82 -44.21
C LYS D 93 77.03 -37.64 -43.63
N LYS D 94 77.30 -36.44 -44.18
CA LYS D 94 76.71 -35.18 -43.82
C LYS D 94 75.21 -35.21 -43.90
N SER D 95 74.66 -35.74 -45.03
CA SER D 95 73.23 -35.88 -45.27
C SER D 95 72.54 -36.74 -44.24
N LEU D 96 73.15 -37.91 -43.90
CA LEU D 96 72.63 -38.86 -42.93
C LEU D 96 72.69 -38.32 -41.54
N THR D 97 73.73 -37.51 -41.20
CA THR D 97 73.88 -36.94 -39.89
C THR D 97 72.90 -35.81 -39.66
N ASP D 98 72.50 -35.08 -40.73
CA ASP D 98 71.50 -34.03 -40.65
C ASP D 98 70.15 -34.63 -40.36
N THR D 99 69.86 -35.78 -41.00
CA THR D 99 68.64 -36.52 -40.83
C THR D 99 68.54 -37.06 -39.41
N ALA D 100 69.67 -37.58 -38.90
CA ALA D 100 69.80 -38.09 -37.56
C ALA D 100 69.59 -37.02 -36.52
N ALA D 101 70.05 -35.80 -36.82
CA ALA D 101 69.88 -34.65 -35.92
C ALA D 101 68.39 -34.35 -35.77
N ALA D 102 67.68 -34.29 -36.89
CA ALA D 102 66.24 -34.07 -36.89
C ALA D 102 65.51 -35.07 -36.03
N TYR D 103 65.91 -36.36 -36.14
CA TYR D 103 65.37 -37.43 -35.33
C TYR D 103 65.68 -37.29 -33.87
N GLN D 104 66.87 -36.81 -33.56
CA GLN D 104 67.31 -36.61 -32.18
C GLN D 104 66.44 -35.54 -31.53
N THR D 105 66.20 -34.46 -32.26
CA THR D 105 65.35 -33.37 -31.76
C THR D 105 63.94 -33.88 -31.51
N GLN D 106 63.37 -34.59 -32.49
CA GLN D 106 62.04 -35.17 -32.39
C GLN D 106 61.95 -36.05 -31.16
N LEU D 107 62.98 -36.91 -30.95
CA LEU D 107 63.10 -37.86 -29.87
C LEU D 107 63.11 -37.18 -28.54
N ALA D 108 63.89 -36.09 -28.38
CA ALA D 108 64.01 -35.35 -27.15
C ALA D 108 62.68 -34.76 -26.72
N GLN D 109 61.94 -34.17 -27.68
CA GLN D 109 60.64 -33.60 -27.47
C GLN D 109 59.59 -34.62 -27.10
N GLN D 110 59.56 -35.78 -27.82
CA GLN D 110 58.61 -36.86 -27.65
C GLN D 110 58.86 -37.52 -26.32
N ARG D 111 60.16 -37.65 -25.92
CA ARG D 111 60.60 -38.24 -24.69
C ARG D 111 60.17 -37.50 -23.46
N THR D 112 60.33 -36.16 -23.46
CA THR D 112 59.96 -35.33 -22.33
C THR D 112 58.46 -35.20 -22.20
N MET D 113 57.73 -35.22 -23.35
CA MET D 113 56.28 -35.23 -23.41
C MET D 113 55.76 -36.48 -22.75
N SER D 114 56.33 -37.64 -23.17
CA SER D 114 56.04 -38.97 -22.70
C SER D 114 56.31 -39.10 -21.21
N GLU D 115 57.44 -38.52 -20.71
CA GLU D 115 57.83 -38.53 -19.30
C GLU D 115 56.79 -37.89 -18.43
N ASN D 116 56.23 -36.74 -18.86
CA ASN D 116 55.17 -36.02 -18.19
C ASN D 116 53.90 -36.81 -18.13
N LEU D 117 53.56 -37.50 -19.25
CA LEU D 117 52.42 -38.35 -19.39
C LEU D 117 52.52 -39.55 -18.47
N ARG D 118 53.75 -40.11 -18.36
CA ARG D 118 54.13 -41.19 -17.48
C ARG D 118 53.97 -40.82 -16.01
N ARG D 119 54.31 -39.56 -15.63
CA ARG D 119 54.14 -39.02 -14.29
C ARG D 119 52.70 -38.90 -13.89
N ASN D 120 51.83 -38.48 -14.84
CA ASN D 120 50.39 -38.35 -14.65
C ASN D 120 49.80 -39.72 -14.43
N LEU D 121 50.31 -40.74 -15.18
CA LEU D 121 49.92 -42.12 -15.06
C LEU D 121 50.19 -42.70 -13.71
N ALA D 122 51.39 -42.44 -13.16
CA ALA D 122 51.79 -42.87 -11.84
C ALA D 122 50.89 -42.30 -10.76
N ALA D 123 50.55 -40.99 -10.88
CA ALA D 123 49.70 -40.26 -9.97
C ALA D 123 48.29 -40.81 -9.93
N LEU D 124 47.73 -41.11 -11.13
CA LEU D 124 46.41 -41.68 -11.36
C LEU D 124 46.26 -43.01 -10.67
N GLU D 125 47.26 -43.91 -10.87
CA GLU D 125 47.34 -45.24 -10.31
C GLU D 125 47.33 -45.21 -8.78
N ALA D 126 48.12 -44.29 -8.16
CA ALA D 126 48.24 -44.09 -6.71
C ALA D 126 46.93 -43.70 -6.07
N LYS D 127 46.20 -42.76 -6.73
CA LYS D 127 44.91 -42.26 -6.30
C LYS D 127 43.84 -43.31 -6.32
N ILE D 128 43.84 -44.16 -7.37
CA ILE D 128 42.92 -45.26 -7.55
C ILE D 128 43.13 -46.30 -6.47
N SER D 129 44.41 -46.64 -6.17
CA SER D 129 44.79 -47.55 -5.12
C SER D 129 44.23 -47.13 -3.77
N GLU D 130 44.39 -45.83 -3.43
CA GLU D 130 43.87 -45.20 -2.24
C GLU D 130 42.35 -45.31 -2.16
N ALA D 131 41.62 -45.01 -3.28
CA ALA D 131 40.17 -45.07 -3.40
C ALA D 131 39.63 -46.46 -3.15
N LYS D 132 40.31 -47.53 -3.64
CA LYS D 132 39.95 -48.92 -3.43
C LYS D 132 40.04 -49.30 -1.97
N THR D 133 41.12 -48.86 -1.29
CA THR D 133 41.39 -49.10 0.11
C THR D 133 40.34 -48.50 0.98
N LYS D 134 40.01 -47.23 0.68
CA LYS D 134 38.99 -46.47 1.35
C LYS D 134 37.62 -47.03 1.18
N LYS D 135 37.28 -47.45 -0.07
CA LYS D 135 36.01 -48.04 -0.43
C LYS D 135 35.68 -49.24 0.42
N ASN D 136 36.64 -50.18 0.53
CA ASN D 136 36.47 -51.43 1.23
C ASN D 136 36.35 -51.26 2.71
N MET D 137 37.12 -50.33 3.32
CA MET D 137 37.04 -50.10 4.75
C MET D 137 35.73 -49.51 5.12
N LEU D 138 35.15 -48.70 4.21
CA LEU D 138 33.86 -48.11 4.39
C LEU D 138 32.75 -49.12 4.35
N GLN D 139 32.86 -50.17 3.48
CA GLN D 139 31.86 -51.21 3.42
C GLN D 139 31.84 -52.00 4.69
N ALA D 140 33.04 -52.27 5.23
CA ALA D 140 33.24 -52.97 6.46
C ALA D 140 32.70 -52.21 7.66
N ARG D 141 32.94 -50.87 7.72
CA ARG D 141 32.50 -49.96 8.76
C ARG D 141 31.00 -49.82 8.76
N ALA D 142 30.38 -49.81 7.54
CA ALA D 142 28.94 -49.80 7.30
C ALA D 142 28.30 -51.04 7.83
N LYS D 143 28.93 -52.22 7.58
CA LYS D 143 28.48 -53.50 8.05
C LYS D 143 28.56 -53.61 9.56
N ALA D 144 29.61 -53.03 10.18
CA ALA D 144 29.82 -53.00 11.62
C ALA D 144 28.70 -52.21 12.26
N ALA D 145 28.31 -51.07 11.64
CA ALA D 145 27.23 -50.21 12.08
C ALA D 145 25.90 -50.90 12.02
N LYS D 146 25.62 -51.65 10.94
CA LYS D 146 24.42 -52.43 10.73
C LYS D 146 24.26 -53.50 11.78
N ALA D 147 25.37 -54.24 12.05
CA ALA D 147 25.42 -55.30 13.04
C ALA D 147 25.16 -54.76 14.42
N ASN D 148 25.78 -53.60 14.76
CA ASN D 148 25.65 -52.91 16.03
C ASN D 148 24.22 -52.52 16.29
N ALA D 149 23.52 -52.02 15.25
CA ALA D 149 22.14 -51.62 15.28
C ALA D 149 21.21 -52.78 15.60
N GLU D 150 21.49 -53.98 15.03
CA GLU D 150 20.72 -55.19 15.27
C GLU D 150 20.93 -55.68 16.71
N LEU D 151 22.13 -55.46 17.31
CA LEU D 151 22.40 -55.81 18.70
C LEU D 151 21.71 -54.83 19.62
N GLN D 152 21.57 -53.54 19.21
CA GLN D 152 20.85 -52.55 19.94
C GLN D 152 19.42 -52.88 19.97
N GLN D 153 18.91 -53.59 18.91
CA GLN D 153 17.52 -53.98 18.81
C GLN D 153 17.19 -55.09 19.80
N THR D 154 17.92 -56.22 19.67
CA THR D 154 17.80 -57.43 20.45
C THR D 154 18.14 -57.21 21.92
N LEU D 155 19.19 -56.42 22.22
CA LEU D 155 19.69 -56.20 23.58
C LEU D 155 19.30 -54.81 23.98
N GLY D 156 18.15 -54.34 23.43
CA GLY D 156 17.65 -53.01 23.61
C GLY D 156 16.67 -52.90 24.72
N GLY D 157 15.55 -52.19 24.42
CA GLY D 157 14.43 -51.98 25.31
C GLY D 157 13.47 -53.16 25.30
N LEU D 158 12.18 -52.86 25.34
CA LEU D 158 11.12 -53.87 25.35
C LEU D 158 10.44 -54.03 24.01
N GLY D 159 9.90 -55.20 23.68
CA GLY D 159 9.35 -55.38 22.39
C GLY D 159 8.97 -56.83 22.27
N THR D 160 9.41 -57.48 21.16
CA THR D 160 9.06 -58.84 20.86
C THR D 160 10.30 -59.54 20.34
N SER D 161 11.31 -58.76 19.87
CA SER D 161 12.54 -59.26 19.31
C SER D 161 13.65 -59.14 20.31
N SER D 162 13.33 -58.66 21.54
CA SER D 162 14.31 -58.37 22.54
C SER D 162 14.24 -59.40 23.62
N ALA D 163 15.45 -59.76 24.12
CA ALA D 163 15.73 -60.67 25.18
C ALA D 163 15.15 -60.22 26.52
N THR D 164 15.08 -58.88 26.77
CA THR D 164 14.56 -58.31 28.01
C THR D 164 13.10 -58.61 28.14
N SER D 165 12.32 -58.44 27.04
CA SER D 165 10.94 -58.85 26.96
C SER D 165 10.75 -60.33 27.07
N ALA D 166 11.67 -61.13 26.48
CA ALA D 166 11.64 -62.58 26.51
C ALA D 166 11.71 -63.07 27.95
N PHE D 167 12.59 -62.43 28.78
CA PHE D 167 12.74 -62.64 30.20
C PHE D 167 11.46 -62.37 30.93
N GLU D 168 10.81 -61.23 30.63
CA GLU D 168 9.59 -60.80 31.26
C GLU D 168 8.44 -61.76 31.06
N ARG D 169 8.28 -62.33 29.84
CA ARG D 169 7.25 -63.31 29.52
C ARG D 169 7.40 -64.56 30.34
N MET D 170 8.66 -65.04 30.47
CA MET D 170 9.01 -66.19 31.27
C MET D 170 8.75 -65.97 32.74
N GLU D 171 9.22 -64.79 33.26
CA GLU D 171 9.09 -64.34 34.63
C GLU D 171 7.66 -64.30 35.06
N ASN D 172 6.79 -63.85 34.16
CA ASN D 172 5.36 -63.74 34.43
C ASN D 172 4.69 -65.12 34.44
N LYS D 173 5.09 -65.97 33.50
CA LYS D 173 4.52 -67.31 33.39
C LYS D 173 4.74 -68.10 34.68
N VAL D 174 5.88 -67.88 35.32
CA VAL D 174 6.20 -68.58 36.56
C VAL D 174 5.28 -68.15 37.69
N LEU D 175 5.01 -66.84 37.77
CA LEU D 175 4.14 -66.30 38.80
C LEU D 175 2.78 -66.99 38.80
N ASP D 176 2.75 -68.22 38.30
CA ASP D 176 1.51 -68.99 38.24
C ASP D 176 1.35 -69.87 39.47
N MET D 177 2.46 -70.04 40.20
CA MET D 177 2.48 -70.85 41.41
C MET D 177 3.41 -70.24 42.45
N GLU D 178 3.54 -68.92 42.42
CA GLU D 178 4.39 -68.19 43.36
C GLU D 178 5.85 -68.05 42.96
N ALA D 179 6.50 -67.01 43.47
CA ALA D 179 7.90 -66.71 43.21
C ALA D 179 8.34 -65.44 43.93
N THR D 180 7.75 -65.18 45.10
CA THR D 180 8.08 -64.01 45.88
C THR D 180 9.58 -63.92 46.13
N SER D 181 10.30 -64.96 45.77
CA SER D 181 11.75 -65.01 45.94
C SER D 181 12.12 -65.27 47.41
N GLN D 182 11.12 -65.23 48.28
CA GLN D 182 11.33 -65.47 49.69
C GLN D 182 11.34 -66.95 49.89
N ALA D 183 10.86 -67.69 48.87
CA ALA D 183 10.83 -69.13 48.81
C ALA D 183 12.23 -69.69 48.85
N ALA D 184 12.89 -69.80 47.67
CA ALA D 184 14.23 -70.29 47.42
C ALA D 184 15.26 -69.80 48.42
N GLY D 185 15.30 -68.47 48.64
CA GLY D 185 16.19 -67.78 49.53
C GLY D 185 16.30 -68.37 50.91
N GLU D 186 15.19 -68.27 51.72
CA GLU D 186 15.09 -68.80 53.07
C GLU D 186 15.46 -70.28 53.11
N LEU D 187 14.84 -71.08 52.18
CA LEU D 187 15.04 -72.50 52.00
C LEU D 187 16.47 -72.95 51.95
N ALA D 188 17.18 -72.56 50.87
CA ALA D 188 18.58 -72.80 50.59
C ALA D 188 19.49 -72.56 51.76
N GLY D 189 19.25 -71.45 52.51
CA GLY D 189 19.96 -71.02 53.70
C GLY D 189 20.09 -72.13 54.72
N PHE D 190 18.93 -72.61 55.23
CA PHE D 190 18.82 -73.69 56.20
C PHE D 190 19.44 -74.96 55.70
N GLY D 191 19.30 -75.20 54.38
CA GLY D 191 19.75 -76.38 53.70
C GLY D 191 21.23 -76.53 53.83
N ILE D 192 21.97 -75.55 53.26
CA ILE D 192 23.40 -75.43 53.29
C ILE D 192 23.97 -75.47 54.69
N GLU D 193 23.34 -74.73 55.64
CA GLU D 193 23.70 -74.68 57.05
C GLU D 193 23.77 -76.05 57.71
N ASN D 194 22.58 -76.68 57.88
CA ASN D 194 22.37 -77.94 58.57
C ASN D 194 23.28 -79.03 58.06
N GLN D 195 23.37 -79.16 56.72
CA GLN D 195 24.22 -80.09 56.01
C GLN D 195 25.68 -79.99 56.38
N PHE D 196 26.28 -78.83 56.12
CA PHE D 196 27.68 -78.60 56.43
C PHE D 196 27.90 -78.50 57.93
N ALA D 197 26.83 -78.22 58.66
CA ALA D 197 26.91 -78.11 60.11
C ALA D 197 27.53 -79.35 60.74
N GLN D 198 26.90 -80.50 60.52
CA GLN D 198 27.37 -81.77 61.05
C GLN D 198 28.47 -82.35 60.18
N LEU D 199 28.17 -82.53 58.90
CA LEU D 199 29.11 -83.08 57.97
C LEU D 199 30.54 -82.98 58.47
N GLU D 200 31.08 -81.74 58.50
CA GLU D 200 32.41 -81.37 58.94
C GLU D 200 32.74 -81.81 60.33
N ALA D 201 31.75 -81.73 61.23
CA ALA D 201 31.95 -82.09 62.63
C ALA D 201 32.24 -83.57 62.86
N SER D 202 31.30 -84.42 62.49
CA SER D 202 31.42 -85.85 62.67
C SER D 202 32.72 -86.40 62.06
N SER D 203 33.04 -86.06 60.77
CA SER D 203 34.21 -86.50 60.00
C SER D 203 35.54 -86.29 60.69
N GLY D 204 35.86 -85.04 61.13
CA GLY D 204 37.11 -84.67 61.77
C GLY D 204 37.49 -85.49 62.97
N VAL D 205 36.53 -85.68 63.92
CA VAL D 205 36.67 -86.52 65.10
C VAL D 205 36.94 -87.95 64.73
N GLU D 206 36.08 -88.50 63.83
CA GLU D 206 36.04 -89.87 63.36
C GLU D 206 37.33 -90.31 62.73
N ASP D 207 38.01 -89.41 61.97
CA ASP D 207 39.27 -89.64 61.31
C ASP D 207 40.37 -90.01 62.29
N GLU D 208 40.54 -89.18 63.35
CA GLU D 208 41.56 -89.34 64.37
C GLU D 208 41.45 -90.64 65.12
N LEU D 209 40.20 -91.04 65.45
CA LEU D 209 39.88 -92.29 66.10
C LEU D 209 40.34 -93.49 65.32
N ALA D 210 39.97 -93.53 64.02
CA ALA D 210 40.27 -94.59 63.09
C ALA D 210 41.73 -94.82 62.86
N ALA D 211 42.54 -93.75 62.88
CA ALA D 211 43.97 -93.83 62.75
C ALA D 211 44.59 -94.62 63.89
N ALA E 1 -2.40 3.65 -11.84
CA ALA E 1 -1.29 3.17 -11.02
C ALA E 1 -1.71 1.99 -10.14
N LEU E 2 -3.01 1.83 -9.96
CA LEU E 2 -3.56 0.77 -9.16
C LEU E 2 -3.23 -0.57 -9.75
N PHE E 3 -3.11 -0.64 -11.10
CA PHE E 3 -2.73 -1.81 -11.83
C PHE E 3 -1.32 -2.24 -11.48
N ASP E 4 -0.37 -1.28 -11.44
CA ASP E 4 1.01 -1.47 -11.08
C ASP E 4 1.19 -1.90 -9.66
N ARG E 5 0.39 -1.31 -8.74
CA ARG E 5 0.37 -1.66 -7.34
C ARG E 5 -0.12 -3.05 -7.14
N LEU E 6 -1.16 -3.46 -7.91
CA LEU E 6 -1.72 -4.79 -7.91
C LEU E 6 -0.70 -5.80 -8.35
N GLY E 7 0.05 -5.50 -9.44
CA GLY E 7 1.15 -6.30 -9.96
C GLY E 7 2.23 -6.50 -8.95
N ARG E 8 2.62 -5.42 -8.24
CA ARG E 8 3.57 -5.48 -7.17
C ARG E 8 3.18 -6.39 -6.05
N VAL E 9 1.89 -6.31 -5.62
CA VAL E 9 1.34 -7.15 -4.59
C VAL E 9 1.37 -8.61 -5.01
N VAL E 10 0.97 -8.93 -6.26
CA VAL E 10 0.96 -10.26 -6.82
C VAL E 10 2.33 -10.85 -6.91
N ARG E 11 3.32 -10.06 -7.41
CA ARG E 11 4.69 -10.48 -7.52
C ARG E 11 5.33 -10.76 -6.18
N ALA E 12 5.02 -9.94 -5.14
CA ALA E 12 5.49 -10.11 -3.79
C ALA E 12 4.97 -11.42 -3.19
N ASN E 13 3.67 -11.75 -3.44
CA ASN E 13 2.99 -12.95 -2.93
C ASN E 13 3.62 -14.18 -3.53
N LEU E 14 3.93 -14.12 -4.86
CA LEU E 14 4.55 -15.20 -5.60
C LEU E 14 5.96 -15.43 -5.18
N ASN E 15 6.67 -14.32 -4.87
CA ASN E 15 8.00 -14.36 -4.37
C ASN E 15 8.07 -14.99 -3.03
N ASP E 16 7.07 -14.72 -2.17
CA ASP E 16 6.97 -15.30 -0.86
C ASP E 16 6.69 -16.79 -0.94
N LEU E 17 5.83 -17.23 -1.88
CA LEU E 17 5.50 -18.62 -2.09
C LEU E 17 6.70 -19.43 -2.49
N VAL E 18 7.49 -18.94 -3.46
CA VAL E 18 8.66 -19.64 -3.94
C VAL E 18 9.77 -19.62 -2.91
N SER E 19 9.84 -18.56 -2.07
CA SER E 19 10.79 -18.46 -0.97
C SER E 19 10.55 -19.51 0.08
N LYS E 20 9.26 -19.74 0.39
CA LYS E 20 8.81 -20.75 1.33
C LYS E 20 9.13 -22.15 0.88
N ALA E 21 9.07 -22.42 -0.45
CA ALA E 21 9.30 -23.72 -1.05
C ALA E 21 10.75 -24.12 -1.00
N GLU E 22 11.65 -23.15 -0.71
CA GLU E 22 13.06 -23.39 -0.53
C GLU E 22 13.32 -24.26 0.69
N ASP E 23 14.39 -25.10 0.62
CA ASP E 23 14.82 -25.94 1.72
C ASP E 23 16.33 -25.79 1.73
N PRO E 24 16.96 -25.22 2.75
CA PRO E 24 18.38 -24.92 2.75
C PRO E 24 19.36 -26.00 2.38
N GLU E 25 19.10 -27.28 2.74
CA GLU E 25 20.04 -28.36 2.53
C GLU E 25 20.22 -28.62 1.07
N LYS E 26 19.13 -28.49 0.28
CA LYS E 26 19.14 -28.76 -1.13
C LYS E 26 19.60 -27.53 -1.87
N VAL E 27 19.08 -26.35 -1.46
CA VAL E 27 19.26 -25.10 -2.14
C VAL E 27 20.67 -24.55 -2.04
N LEU E 28 21.27 -24.57 -0.83
CA LEU E 28 22.62 -24.07 -0.54
C LEU E 28 23.63 -24.78 -1.37
N GLU E 29 23.47 -26.11 -1.41
CA GLU E 29 24.24 -27.05 -2.19
C GLU E 29 24.13 -26.75 -3.67
N GLN E 30 22.89 -26.50 -4.13
CA GLN E 30 22.57 -26.17 -5.49
C GLN E 30 23.25 -24.92 -5.96
N ALA E 31 23.36 -23.91 -5.06
CA ALA E 31 24.06 -22.68 -5.32
C ALA E 31 25.52 -22.93 -5.59
N VAL E 32 26.19 -23.84 -4.81
CA VAL E 32 27.58 -24.16 -4.98
C VAL E 32 27.80 -24.85 -6.31
N ILE E 33 26.87 -25.71 -6.69
CA ILE E 33 26.99 -26.37 -7.98
C ILE E 33 27.09 -25.34 -9.08
N ASP E 34 26.20 -24.32 -9.05
CA ASP E 34 26.15 -23.28 -10.04
C ASP E 34 27.44 -22.53 -10.15
N MET E 35 27.99 -22.14 -9.01
CA MET E 35 29.25 -21.42 -8.97
C MET E 35 30.36 -22.27 -9.58
N GLN E 36 30.28 -23.57 -9.37
CA GLN E 36 31.26 -24.51 -9.90
C GLN E 36 31.12 -24.62 -11.41
N GLU E 37 29.89 -24.80 -11.87
CA GLU E 37 29.61 -24.91 -13.30
C GLU E 37 30.17 -23.69 -14.02
N ASP E 38 29.91 -22.51 -13.46
CA ASP E 38 30.39 -21.28 -14.05
C ASP E 38 31.92 -21.21 -14.10
N LEU E 39 32.59 -21.65 -13.04
CA LEU E 39 34.05 -21.61 -12.98
C LEU E 39 34.68 -22.45 -14.09
N VAL E 40 34.13 -23.64 -14.31
CA VAL E 40 34.65 -24.55 -15.33
C VAL E 40 34.73 -23.87 -16.70
N GLN E 41 33.76 -23.02 -16.99
CA GLN E 41 33.72 -22.31 -18.27
C GLN E 41 34.77 -21.22 -18.36
N LEU E 42 34.99 -20.49 -17.27
CA LEU E 42 35.99 -19.43 -17.23
C LEU E 42 37.39 -20.00 -17.39
N ARG E 43 37.61 -21.17 -16.81
CA ARG E 43 38.91 -21.84 -16.88
C ARG E 43 39.23 -22.22 -18.33
N GLN E 44 38.22 -22.70 -19.03
CA GLN E 44 38.38 -23.10 -20.42
C GLN E 44 38.80 -21.93 -21.28
N ALA E 45 38.28 -20.71 -21.00
CA ALA E 45 38.66 -19.48 -21.68
C ALA E 45 40.10 -19.14 -21.45
N VAL E 46 40.56 -19.27 -20.19
CA VAL E 46 41.92 -19.08 -19.76
C VAL E 46 42.81 -20.13 -20.43
N ALA E 47 42.29 -21.38 -20.60
CA ALA E 47 42.96 -22.47 -21.28
C ALA E 47 43.38 -22.09 -22.67
N ARG E 48 42.41 -21.56 -23.47
CA ARG E 48 42.60 -21.07 -24.80
C ARG E 48 43.56 -19.91 -24.87
N THR E 49 43.42 -18.90 -23.95
CA THR E 49 44.26 -17.71 -23.88
C THR E 49 45.73 -18.09 -23.76
N ILE E 50 46.05 -19.06 -22.85
CA ILE E 50 47.37 -19.64 -22.63
C ILE E 50 47.90 -20.32 -23.87
N ALA E 51 47.05 -21.10 -24.59
CA ALA E 51 47.41 -21.81 -25.79
C ALA E 51 47.86 -20.90 -26.88
N GLU E 52 47.15 -19.75 -27.03
CA GLU E 52 47.44 -18.75 -28.03
C GLU E 52 48.72 -18.04 -27.78
N GLU E 53 49.03 -17.78 -26.48
CA GLU E 53 50.27 -17.17 -26.06
C GLU E 53 51.44 -18.00 -26.49
N LYS E 54 51.34 -19.32 -26.25
CA LYS E 54 52.32 -20.32 -26.62
C LYS E 54 52.54 -20.37 -28.11
N ARG E 55 51.45 -20.26 -28.92
CA ARG E 55 51.52 -20.23 -30.36
C ARG E 55 52.27 -19.06 -30.90
N THR E 56 52.04 -17.86 -30.31
CA THR E 56 52.71 -16.62 -30.68
C THR E 56 54.17 -16.73 -30.42
N GLU E 57 54.54 -17.30 -29.25
CA GLU E 57 55.90 -17.57 -28.85
C GLU E 57 56.64 -18.45 -29.81
N GLN E 58 56.00 -19.56 -30.25
CA GLN E 58 56.54 -20.47 -31.21
C GLN E 58 56.81 -19.80 -32.54
N ARG E 59 55.84 -19.00 -33.07
CA ARG E 59 55.94 -18.26 -34.33
C ARG E 59 57.08 -17.28 -34.31
N LEU E 60 57.22 -16.55 -33.17
CA LEU E 60 58.24 -15.57 -32.92
C LEU E 60 59.63 -16.18 -33.01
N ASN E 61 59.85 -17.27 -32.28
CA ASN E 61 61.13 -17.96 -32.26
C ASN E 61 61.51 -18.53 -33.63
N GLN E 62 60.55 -19.15 -34.30
CA GLN E 62 60.75 -19.71 -35.61
C GLN E 62 61.21 -18.70 -36.62
N ASP E 63 60.56 -17.51 -36.65
CA ASP E 63 60.88 -16.43 -37.56
C ASP E 63 62.26 -15.87 -37.26
N THR E 64 62.65 -15.76 -35.96
CA THR E 64 63.95 -15.28 -35.50
C THR E 64 65.05 -16.20 -36.02
N GLN E 65 64.85 -17.53 -35.90
CA GLN E 65 65.77 -18.54 -36.36
C GLN E 65 65.99 -18.53 -37.85
N GLU E 66 64.90 -18.37 -38.66
CA GLU E 66 64.99 -18.32 -40.10
C GLU E 66 65.76 -17.10 -40.55
N ALA E 67 65.58 -15.95 -39.86
CA ALA E 67 66.26 -14.70 -40.14
C ALA E 67 67.76 -14.83 -39.95
N LYS E 68 68.21 -15.59 -38.91
CA LYS E 68 69.60 -15.88 -38.65
C LYS E 68 70.18 -16.73 -39.74
N LYS E 69 69.39 -17.68 -40.29
CA LYS E 69 69.79 -18.50 -41.40
C LYS E 69 70.02 -17.72 -42.66
N TRP E 70 69.15 -16.73 -42.96
CA TRP E 70 69.24 -15.87 -44.12
C TRP E 70 70.38 -14.89 -43.99
N GLU E 71 70.73 -14.44 -42.75
CA GLU E 71 71.90 -13.64 -42.46
C GLU E 71 73.18 -14.33 -42.82
N ASP E 72 73.29 -15.59 -42.36
CA ASP E 72 74.41 -16.46 -42.62
C ASP E 72 74.58 -16.70 -44.09
N ARG E 73 73.45 -17.00 -44.75
CA ARG E 73 73.37 -17.26 -46.16
C ARG E 73 73.82 -16.09 -47.00
N ALA E 74 73.43 -14.86 -46.61
CA ALA E 74 73.81 -13.61 -47.26
C ALA E 74 75.31 -13.41 -47.20
N LYS E 75 75.91 -13.64 -46.00
CA LYS E 75 77.33 -13.45 -45.76
C LYS E 75 78.18 -14.47 -46.49
N LEU E 76 77.67 -15.72 -46.63
CA LEU E 76 78.31 -16.78 -47.39
C LEU E 76 78.30 -16.50 -48.85
N ALA E 77 77.15 -16.02 -49.36
CA ALA E 77 76.98 -15.66 -50.74
C ALA E 77 77.86 -14.50 -51.12
N LEU E 78 77.93 -13.46 -50.26
CA LEU E 78 78.74 -12.26 -50.42
C LEU E 78 80.20 -12.60 -50.45
N THR E 79 80.62 -13.49 -49.55
CA THR E 79 82.01 -13.94 -49.47
C THR E 79 82.43 -14.69 -50.74
N ASN E 80 81.55 -15.56 -51.25
CA ASN E 80 81.83 -16.31 -52.46
C ASN E 80 81.97 -15.40 -53.66
N GLY E 81 81.28 -14.23 -53.66
CA GLY E 81 81.37 -13.23 -54.71
C GLY E 81 80.08 -13.18 -55.49
N GLU E 82 79.01 -13.67 -54.87
CA GLU E 82 77.67 -13.67 -55.46
C GLU E 82 76.87 -12.64 -54.68
N GLU E 83 77.19 -11.39 -54.94
CA GLU E 83 76.63 -10.23 -54.28
C GLU E 83 75.14 -10.08 -54.44
N ASN E 84 74.60 -10.33 -55.66
CA ASN E 84 73.18 -10.18 -55.99
C ASN E 84 72.32 -11.09 -55.16
N LEU E 85 72.81 -12.34 -54.97
CA LEU E 85 72.20 -13.35 -54.16
C LEU E 85 72.19 -12.96 -52.70
N ALA E 86 73.30 -12.37 -52.20
CA ALA E 86 73.43 -11.83 -50.86
C ALA E 86 72.45 -10.73 -50.57
N ARG E 87 72.24 -9.80 -51.53
CA ARG E 87 71.29 -8.70 -51.43
C ARG E 87 69.88 -9.21 -51.28
N GLU E 88 69.55 -10.25 -52.08
CA GLU E 88 68.28 -10.95 -52.07
C GLU E 88 68.06 -11.61 -50.74
N ALA E 89 69.11 -12.25 -50.19
CA ALA E 89 69.11 -12.92 -48.92
C ALA E 89 68.87 -11.97 -47.77
N LEU E 90 69.47 -10.76 -47.84
CA LEU E 90 69.31 -9.69 -46.89
C LEU E 90 67.91 -9.17 -46.90
N ALA E 91 67.26 -9.13 -48.09
CA ALA E 91 65.86 -8.79 -48.21
C ALA E 91 64.96 -9.79 -47.50
N ARG E 92 65.24 -11.12 -47.62
CA ARG E 92 64.51 -12.19 -46.94
C ARG E 92 64.70 -12.14 -45.47
N LYS E 93 65.94 -11.84 -45.04
CA LYS E 93 66.32 -11.65 -43.66
C LYS E 93 65.50 -10.56 -43.00
N LYS E 94 65.40 -9.38 -43.67
CA LYS E 94 64.69 -8.18 -43.26
C LYS E 94 63.22 -8.45 -43.11
N SER E 95 62.61 -9.12 -44.12
CA SER E 95 61.21 -9.49 -44.12
C SER E 95 60.83 -10.29 -42.92
N LEU E 96 61.64 -11.32 -42.58
CA LEU E 96 61.47 -12.19 -41.44
C LEU E 96 61.71 -11.49 -40.13
N THR E 97 62.68 -10.53 -40.08
CA THR E 97 63.00 -9.73 -38.90
C THR E 97 61.81 -8.90 -38.52
N ASP E 98 61.13 -8.27 -39.51
CA ASP E 98 59.95 -7.46 -39.32
C ASP E 98 58.79 -8.28 -38.81
N THR E 99 58.58 -9.48 -39.39
CA THR E 99 57.50 -10.37 -39.03
C THR E 99 57.63 -10.84 -37.61
N ALA E 100 58.87 -11.21 -37.22
CA ALA E 100 59.25 -11.62 -35.89
C ALA E 100 59.04 -10.51 -34.90
N ALA E 101 59.39 -9.29 -35.30
CA ALA E 101 59.20 -8.11 -34.44
C ALA E 101 57.72 -7.94 -34.09
N ALA E 102 56.86 -8.02 -35.11
CA ALA E 102 55.43 -7.92 -34.92
C ALA E 102 54.94 -8.92 -33.93
N TYR E 103 55.45 -10.17 -34.03
CA TYR E 103 55.14 -11.23 -33.12
C TYR E 103 55.63 -10.99 -31.71
N GLN E 104 56.79 -10.37 -31.58
CA GLN E 104 57.36 -10.06 -30.26
C GLN E 104 56.45 -9.12 -29.48
N THR E 105 56.03 -8.04 -30.13
CA THR E 105 55.14 -7.07 -29.51
C THR E 105 53.81 -7.75 -29.19
N GLN E 106 53.35 -8.60 -30.10
CA GLN E 106 52.13 -9.34 -29.94
C GLN E 106 52.16 -10.28 -28.77
N LEU E 107 53.32 -10.93 -28.56
CA LEU E 107 53.57 -11.84 -27.47
C LEU E 107 53.47 -11.13 -26.16
N ALA E 108 54.05 -9.90 -26.10
CA ALA E 108 53.99 -9.04 -24.95
C ALA E 108 52.58 -8.72 -24.54
N GLN E 109 51.71 -8.42 -25.55
CA GLN E 109 50.31 -8.17 -25.35
C GLN E 109 49.56 -9.38 -24.85
N GLN E 110 49.86 -10.57 -25.42
CA GLN E 110 49.27 -11.83 -25.03
C GLN E 110 49.54 -12.16 -23.60
N ARG E 111 50.80 -11.93 -23.17
CA ARG E 111 51.27 -12.16 -21.83
C ARG E 111 50.63 -11.24 -20.81
N THR E 112 50.44 -9.95 -21.18
CA THR E 112 49.88 -8.92 -20.33
C THR E 112 48.43 -9.20 -20.01
N MET E 113 47.68 -9.70 -21.01
CA MET E 113 46.27 -9.93 -20.92
C MET E 113 45.99 -11.26 -20.26
N SER E 114 46.85 -12.28 -20.49
CA SER E 114 46.65 -13.61 -19.95
C SER E 114 47.01 -13.63 -18.49
N GLU E 115 47.76 -12.59 -18.02
CA GLU E 115 48.15 -12.47 -16.65
C GLU E 115 47.06 -11.83 -15.88
N ASN E 116 46.29 -10.92 -16.53
CA ASN E 116 45.14 -10.27 -15.94
C ASN E 116 44.08 -11.30 -15.59
N LEU E 117 43.85 -12.25 -16.52
CA LEU E 117 42.89 -13.32 -16.37
C LEU E 117 43.24 -14.27 -15.29
N ARG E 118 44.55 -14.60 -15.16
CA ARG E 118 45.03 -15.47 -14.12
C ARG E 118 44.76 -14.97 -12.71
N ARG E 119 44.95 -13.65 -12.45
CA ARG E 119 44.67 -13.00 -11.17
C ARG E 119 43.22 -13.10 -10.84
N ASN E 120 42.38 -12.90 -11.87
CA ASN E 120 40.94 -12.91 -11.75
C ASN E 120 40.43 -14.31 -11.52
N LEU E 121 41.06 -15.33 -12.15
CA LEU E 121 40.76 -16.73 -11.98
C LEU E 121 41.00 -17.15 -10.57
N ALA E 122 42.17 -16.74 -10.03
CA ALA E 122 42.59 -17.02 -8.70
C ALA E 122 41.66 -16.44 -7.64
N ALA E 123 41.19 -15.18 -7.81
CA ALA E 123 40.33 -14.47 -6.87
C ALA E 123 38.98 -15.09 -6.77
N LEU E 124 38.41 -15.43 -7.94
CA LEU E 124 37.10 -16.02 -8.05
C LEU E 124 37.07 -17.45 -7.53
N GLU E 125 38.16 -18.24 -7.79
CA GLU E 125 38.41 -19.58 -7.25
C GLU E 125 38.46 -19.63 -5.76
N ALA E 126 39.15 -18.61 -5.16
CA ALA E 126 39.21 -18.38 -3.75
C ALA E 126 37.83 -18.12 -3.16
N LYS E 127 36.99 -17.33 -3.88
CA LYS E 127 35.65 -16.97 -3.48
C LYS E 127 34.73 -18.14 -3.49
N ILE E 128 34.83 -18.99 -4.53
CA ILE E 128 34.00 -20.17 -4.63
C ILE E 128 34.32 -21.16 -3.54
N SER E 129 35.64 -21.39 -3.28
CA SER E 129 36.11 -22.35 -2.31
C SER E 129 35.69 -22.03 -0.91
N GLU E 130 35.60 -20.71 -0.60
CA GLU E 130 35.07 -20.22 0.65
C GLU E 130 33.63 -20.65 0.83
N ALA E 131 32.80 -20.45 -0.21
CA ALA E 131 31.40 -20.82 -0.24
C ALA E 131 31.19 -22.29 -0.10
N LYS E 132 32.02 -23.10 -0.74
CA LYS E 132 31.93 -24.55 -0.64
C LYS E 132 32.19 -25.08 0.78
N THR E 133 33.21 -24.57 1.47
CA THR E 133 33.50 -25.04 2.81
C THR E 133 32.46 -24.57 3.80
N LYS E 134 31.89 -23.37 3.55
CA LYS E 134 30.80 -22.81 4.32
C LYS E 134 29.55 -23.59 4.10
N LYS E 135 29.30 -24.07 2.85
CA LYS E 135 28.14 -24.87 2.53
C LYS E 135 28.05 -26.07 3.42
N ASN E 136 29.18 -26.80 3.60
CA ASN E 136 29.23 -28.00 4.41
C ASN E 136 28.88 -27.77 5.87
N MET E 137 29.49 -26.73 6.50
CA MET E 137 29.30 -26.47 7.92
C MET E 137 27.94 -25.89 8.20
N LEU E 138 27.36 -25.14 7.24
CA LEU E 138 26.03 -24.59 7.33
C LEU E 138 25.01 -25.67 7.26
N GLN E 139 25.26 -26.71 6.43
CA GLN E 139 24.41 -27.89 6.34
C GLN E 139 24.35 -28.63 7.64
N ALA E 140 25.53 -28.77 8.29
CA ALA E 140 25.68 -29.41 9.57
C ALA E 140 24.92 -28.68 10.64
N ARG E 141 25.03 -27.34 10.62
CA ARG E 141 24.37 -26.44 11.52
C ARG E 141 22.88 -26.49 11.42
N ALA E 142 22.36 -26.59 10.18
CA ALA E 142 20.96 -26.66 9.85
C ALA E 142 20.33 -27.88 10.43
N LYS E 143 21.03 -29.03 10.29
CA LYS E 143 20.58 -30.27 10.84
C LYS E 143 20.52 -30.24 12.33
N ALA E 144 21.55 -29.62 12.96
CA ALA E 144 21.67 -29.50 14.39
C ALA E 144 20.56 -28.69 14.97
N ALA E 145 20.26 -27.54 14.34
CA ALA E 145 19.22 -26.64 14.73
C ALA E 145 17.86 -27.28 14.66
N LYS E 146 17.59 -28.02 13.55
CA LYS E 146 16.34 -28.70 13.32
C LYS E 146 16.00 -29.70 14.40
N ALA E 147 16.96 -30.56 14.72
CA ALA E 147 16.88 -31.56 15.76
C ALA E 147 16.70 -30.98 17.13
N ASN E 148 17.43 -29.88 17.44
CA ASN E 148 17.37 -29.21 18.73
C ASN E 148 15.97 -28.71 19.01
N ALA E 149 15.31 -28.09 17.99
CA ALA E 149 13.95 -27.58 18.09
C ALA E 149 12.95 -28.69 18.33
N GLU E 150 13.06 -29.83 17.60
CA GLU E 150 12.17 -30.97 17.70
C GLU E 150 12.21 -31.59 19.08
N LEU E 151 13.41 -31.76 19.67
CA LEU E 151 13.59 -32.31 21.01
C LEU E 151 13.06 -31.44 22.08
N GLN E 152 13.25 -30.10 21.99
CA GLN E 152 12.78 -29.22 23.01
C GLN E 152 11.27 -29.20 23.12
N GLN E 153 10.56 -29.29 21.97
CA GLN E 153 9.12 -29.34 21.93
C GLN E 153 8.59 -30.65 22.48
N THR E 154 9.20 -31.79 22.08
CA THR E 154 8.79 -33.12 22.46
C THR E 154 9.03 -33.38 23.94
N LEU E 155 10.22 -33.01 24.47
CA LEU E 155 10.65 -33.17 25.84
C LEU E 155 10.04 -32.16 26.74
N GLY E 156 9.65 -30.99 26.19
CA GLY E 156 8.96 -29.96 26.91
C GLY E 156 7.58 -30.44 27.31
N GLY E 157 7.06 -29.94 28.46
CA GLY E 157 5.75 -30.30 29.00
C GLY E 157 4.67 -29.53 28.32
N LEU E 158 5.03 -28.39 27.69
CA LEU E 158 4.14 -27.50 27.00
C LEU E 158 3.52 -28.17 25.79
N GLY E 159 2.19 -27.97 25.62
CA GLY E 159 1.39 -28.57 24.58
C GLY E 159 0.82 -29.89 25.04
N THR E 160 -0.11 -30.46 24.24
CA THR E 160 -0.77 -31.71 24.55
C THR E 160 -0.50 -32.71 23.43
N SER E 161 0.46 -32.40 22.54
CA SER E 161 0.85 -33.25 21.43
C SER E 161 2.24 -33.77 21.65
N SER E 162 2.95 -33.18 22.63
CA SER E 162 4.28 -33.56 23.01
C SER E 162 4.26 -34.89 23.75
N ALA E 163 5.35 -35.68 23.61
CA ALA E 163 5.49 -36.98 24.24
C ALA E 163 5.53 -36.86 25.73
N THR E 164 6.23 -35.83 26.27
CA THR E 164 6.36 -35.58 27.69
C THR E 164 5.04 -35.32 28.36
N SER E 165 4.13 -34.53 27.73
CA SER E 165 2.82 -34.28 28.29
C SER E 165 1.98 -35.52 28.32
N ALA E 166 2.11 -36.40 27.29
CA ALA E 166 1.44 -37.68 27.21
C ALA E 166 1.90 -38.58 28.33
N PHE E 167 3.23 -38.59 28.60
CA PHE E 167 3.91 -39.33 29.65
C PHE E 167 3.36 -38.90 31.00
N GLU E 168 3.29 -37.56 31.25
CA GLU E 168 2.82 -36.96 32.48
C GLU E 168 1.38 -37.26 32.79
N ARG E 169 0.50 -37.29 31.76
CA ARG E 169 -0.91 -37.62 31.88
C ARG E 169 -1.11 -39.01 32.39
N MET E 170 -0.34 -39.96 31.83
CA MET E 170 -0.39 -41.36 32.18
C MET E 170 0.24 -41.63 33.52
N GLU E 171 1.31 -40.88 33.89
CA GLU E 171 1.98 -41.00 35.17
C GLU E 171 1.01 -40.70 36.29
N ASN E 172 0.27 -39.58 36.14
CA ASN E 172 -0.75 -39.13 37.04
C ASN E 172 -1.89 -40.12 37.13
N LYS E 173 -2.32 -40.68 35.96
CA LYS E 173 -3.38 -41.68 35.85
C LYS E 173 -3.09 -42.92 36.66
N VAL E 174 -1.85 -43.45 36.55
CA VAL E 174 -1.36 -44.59 37.29
C VAL E 174 -1.32 -44.32 38.78
N LEU E 175 -0.86 -43.12 39.19
CA LEU E 175 -0.81 -42.69 40.57
C LEU E 175 -2.17 -42.61 41.20
N ASP E 176 -3.17 -42.16 40.41
CA ASP E 176 -4.56 -42.09 40.83
C ASP E 176 -5.11 -43.47 41.02
N MET E 177 -4.73 -44.43 40.15
CA MET E 177 -5.16 -45.80 40.24
C MET E 177 -4.61 -46.48 41.47
N GLU E 178 -3.37 -46.12 41.89
CA GLU E 178 -2.74 -46.63 43.08
C GLU E 178 -3.43 -46.15 44.31
N ALA E 179 -3.79 -44.85 44.32
CA ALA E 179 -4.52 -44.18 45.35
C ALA E 179 -5.91 -44.76 45.51
N THR E 180 -6.55 -45.11 44.37
CA THR E 180 -7.83 -45.79 44.29
C THR E 180 -7.78 -47.15 44.95
N SER E 181 -6.71 -47.93 44.66
CA SER E 181 -6.49 -49.24 45.23
C SER E 181 -6.31 -49.18 46.74
N GLN E 182 -5.55 -48.17 47.26
CA GLN E 182 -5.29 -47.94 48.68
C GLN E 182 -6.56 -47.72 49.44
N ALA E 183 -7.41 -46.81 48.89
CA ALA E 183 -8.70 -46.48 49.41
C ALA E 183 -9.67 -47.64 49.40
N ALA E 184 -9.68 -48.43 48.29
CA ALA E 184 -10.52 -49.60 48.09
C ALA E 184 -10.27 -50.63 49.12
N GLY E 185 -8.98 -50.83 49.47
CA GLY E 185 -8.52 -51.76 50.48
C GLY E 185 -9.04 -51.39 51.84
N GLU E 186 -8.96 -50.09 52.19
CA GLU E 186 -9.41 -49.56 53.46
C GLU E 186 -10.90 -49.71 53.63
N LEU E 187 -11.68 -49.49 52.54
CA LEU E 187 -13.13 -49.63 52.48
C LEU E 187 -13.54 -51.08 52.56
N ALA E 188 -12.74 -52.01 51.97
CA ALA E 188 -12.97 -53.46 51.99
C ALA E 188 -12.87 -54.00 53.37
N GLY E 189 -11.88 -53.49 54.14
CA GLY E 189 -11.67 -53.90 55.49
C GLY E 189 -10.22 -54.17 55.64
N PHE E 190 -9.43 -53.09 55.82
CA PHE E 190 -8.00 -53.16 55.97
C PHE E 190 -7.61 -53.76 57.30
N GLY E 191 -6.86 -54.85 57.23
CA GLY E 191 -6.37 -55.53 58.42
C GLY E 191 -4.86 -55.42 58.45
N ILE E 192 -4.21 -56.31 57.71
CA ILE E 192 -2.75 -56.35 57.60
C ILE E 192 -1.99 -55.91 58.85
N GLU E 193 -1.61 -54.63 58.88
CA GLU E 193 -0.87 -54.09 60.00
C GLU E 193 -1.28 -54.78 61.28
N ASN E 194 -2.60 -55.05 61.44
CA ASN E 194 -3.21 -55.82 62.50
C ASN E 194 -2.52 -57.12 62.77
N GLN E 195 -2.62 -58.07 61.80
CA GLN E 195 -2.01 -59.38 61.81
C GLN E 195 -0.52 -59.31 61.99
N PHE E 196 0.16 -58.41 61.23
CA PHE E 196 1.59 -58.19 61.25
C PHE E 196 2.12 -57.88 62.62
N ALA E 197 1.44 -56.95 63.35
CA ALA E 197 1.77 -56.56 64.69
C ALA E 197 1.67 -57.71 65.68
N GLN E 198 0.63 -58.58 65.54
CA GLN E 198 0.43 -59.74 66.41
C GLN E 198 1.44 -60.81 66.11
N LEU E 199 1.83 -60.95 64.83
CA LEU E 199 2.85 -61.89 64.40
C LEU E 199 4.19 -61.50 64.93
N GLU E 200 4.48 -60.18 64.98
CA GLU E 200 5.68 -59.61 65.52
C GLU E 200 5.86 -59.91 66.98
N ALA E 201 4.81 -59.68 67.76
CA ALA E 201 4.84 -59.96 69.20
C ALA E 201 5.00 -61.45 69.47
N SER E 202 4.24 -62.26 68.74
CA SER E 202 4.27 -63.70 68.84
C SER E 202 5.63 -64.26 68.57
N SER E 203 6.31 -63.74 67.51
CA SER E 203 7.63 -64.17 67.14
C SER E 203 8.65 -63.70 68.15
N GLY E 204 8.40 -62.54 68.79
CA GLY E 204 9.19 -61.96 69.85
C GLY E 204 9.39 -62.91 71.01
N VAL E 205 8.27 -63.34 71.65
CA VAL E 205 8.25 -64.26 72.76
C VAL E 205 8.72 -65.62 72.36
N GLU E 206 8.50 -66.00 71.08
CA GLU E 206 8.94 -67.25 70.55
C GLU E 206 10.45 -67.32 70.48
N ASP E 207 11.11 -66.20 70.09
CA ASP E 207 12.55 -66.05 70.04
C ASP E 207 13.13 -66.12 71.42
N GLU E 208 12.41 -65.55 72.41
CA GLU E 208 12.82 -65.52 73.79
C GLU E 208 12.88 -66.89 74.39
N LEU E 209 11.84 -67.71 74.12
CA LEU E 209 11.73 -69.08 74.56
C LEU E 209 12.78 -69.96 73.91
N ALA E 210 13.06 -69.74 72.60
CA ALA E 210 14.06 -70.46 71.85
C ALA E 210 15.44 -70.17 72.36
N ALA E 211 15.73 -68.87 72.63
CA ALA E 211 16.98 -68.36 73.17
C ALA E 211 17.24 -68.93 74.54
N LEU E 212 16.17 -69.05 75.37
CA LEU E 212 16.20 -69.57 76.71
C LEU E 212 16.72 -70.99 76.75
N LYS E 213 16.14 -71.89 75.92
CA LYS E 213 16.51 -73.29 75.88
C LYS E 213 17.81 -73.49 75.16
N ALA E 214 18.14 -72.58 74.22
CA ALA E 214 19.40 -72.58 73.50
C ALA E 214 20.60 -72.28 74.35
N SER E 215 20.43 -71.34 75.31
CA SER E 215 21.51 -70.85 76.13
C SER E 215 21.78 -71.73 77.31
N ALA F 1 -38.62 30.76 -16.78
CA ALA F 1 -37.55 29.94 -16.21
C ALA F 1 -38.12 28.77 -15.42
N LEU F 2 -39.36 28.40 -15.72
CA LEU F 2 -40.02 27.30 -15.03
C LEU F 2 -39.33 25.97 -15.25
N PHE F 3 -38.94 25.65 -16.52
CA PHE F 3 -38.14 24.48 -16.86
C PHE F 3 -36.76 24.55 -16.24
N ASP F 4 -36.12 25.75 -16.32
CA ASP F 4 -34.79 26.04 -15.85
C ASP F 4 -34.66 25.82 -14.36
N ARG F 5 -35.71 26.20 -13.58
CA ARG F 5 -35.84 25.92 -12.16
C ARG F 5 -35.77 24.42 -11.86
N LEU F 6 -36.54 23.59 -12.62
CA LEU F 6 -36.56 22.13 -12.50
C LEU F 6 -35.22 21.53 -12.86
N GLY F 7 -34.58 21.98 -13.96
CA GLY F 7 -33.30 21.50 -14.43
C GLY F 7 -32.20 21.71 -13.43
N ARG F 8 -32.20 22.88 -12.74
CA ARG F 8 -31.30 23.20 -11.66
C ARG F 8 -31.51 22.27 -10.47
N VAL F 9 -32.79 21.97 -10.10
CA VAL F 9 -33.15 21.08 -9.01
C VAL F 9 -32.64 19.67 -9.20
N VAL F 10 -32.80 19.10 -10.43
CA VAL F 10 -32.33 17.76 -10.76
C VAL F 10 -30.83 17.66 -10.57
N ARG F 11 -30.07 18.68 -11.03
CA ARG F 11 -28.64 18.78 -10.85
C ARG F 11 -28.20 18.83 -9.40
N ALA F 12 -28.89 19.63 -8.55
CA ALA F 12 -28.62 19.75 -7.14
C ALA F 12 -28.79 18.44 -6.41
N ASN F 13 -29.89 17.70 -6.69
CA ASN F 13 -30.19 16.41 -6.11
C ASN F 13 -29.16 15.36 -6.49
N LEU F 14 -28.70 15.34 -7.77
CA LEU F 14 -27.62 14.49 -8.25
C LEU F 14 -26.32 14.74 -7.53
N ASN F 15 -25.97 16.03 -7.29
CA ASN F 15 -24.80 16.45 -6.54
C ASN F 15 -24.83 15.94 -5.12
N ASP F 16 -26.01 16.00 -4.46
CA ASP F 16 -26.23 15.49 -3.12
C ASP F 16 -25.96 13.99 -3.05
N LEU F 17 -26.42 13.19 -4.06
CA LEU F 17 -26.15 11.76 -4.15
C LEU F 17 -24.67 11.41 -4.22
N VAL F 18 -23.87 12.16 -5.03
CA VAL F 18 -22.42 12.04 -5.09
C VAL F 18 -21.82 12.39 -3.74
N SER F 19 -22.33 13.45 -3.07
CA SER F 19 -21.89 13.88 -1.76
C SER F 19 -22.09 12.83 -0.68
N LYS F 20 -23.22 12.07 -0.70
CA LYS F 20 -23.44 10.89 0.11
C LYS F 20 -22.48 9.75 -0.16
N ALA F 21 -22.19 9.46 -1.46
CA ALA F 21 -21.29 8.40 -1.90
C ALA F 21 -19.87 8.61 -1.44
N GLU F 22 -19.39 9.88 -1.43
CA GLU F 22 -18.10 10.26 -0.90
C GLU F 22 -17.95 9.93 0.58
N ASP F 23 -17.11 8.90 0.90
CA ASP F 23 -16.65 8.51 2.22
C ASP F 23 -15.58 9.52 2.63
N PRO F 24 -15.38 9.92 3.90
CA PRO F 24 -14.51 11.04 4.22
C PRO F 24 -13.06 10.72 4.02
N GLU F 25 -12.53 9.64 4.63
CA GLU F 25 -11.15 9.22 4.54
C GLU F 25 -10.69 8.78 3.16
N LYS F 26 -11.50 7.96 2.47
CA LYS F 26 -11.02 7.21 1.34
C LYS F 26 -10.92 8.08 0.11
N VAL F 27 -11.90 8.99 -0.07
CA VAL F 27 -11.88 10.03 -1.08
C VAL F 27 -10.72 10.97 -0.84
N LEU F 28 -10.45 11.31 0.45
CA LEU F 28 -9.38 12.20 0.86
C LEU F 28 -7.99 11.71 0.50
N GLU F 29 -7.65 10.41 0.75
CA GLU F 29 -6.39 9.79 0.32
C GLU F 29 -6.23 9.78 -1.17
N GLN F 30 -7.31 9.38 -1.90
CA GLN F 30 -7.37 9.30 -3.35
C GLN F 30 -7.12 10.64 -3.99
N ALA F 31 -7.67 11.71 -3.38
CA ALA F 31 -7.49 13.08 -3.82
C ALA F 31 -6.05 13.53 -3.84
N VAL F 32 -5.23 13.19 -2.81
CA VAL F 32 -3.81 13.41 -2.77
C VAL F 32 -3.07 12.63 -3.84
N ILE F 33 -3.45 11.35 -4.05
CA ILE F 33 -2.89 10.43 -5.03
C ILE F 33 -3.06 10.94 -6.45
N ASP F 34 -4.24 11.50 -6.79
CA ASP F 34 -4.53 12.11 -8.08
C ASP F 34 -3.55 13.25 -8.36
N MET F 35 -3.31 14.15 -7.38
CA MET F 35 -2.39 15.28 -7.46
C MET F 35 -0.97 14.84 -7.72
N GLN F 36 -0.52 13.74 -7.05
CA GLN F 36 0.78 13.13 -7.23
C GLN F 36 1.05 12.64 -8.65
N GLU F 37 0.07 11.93 -9.31
CA GLU F 37 0.18 11.50 -10.70
C GLU F 37 0.27 12.69 -11.63
N ASP F 38 -0.63 13.71 -11.45
CA ASP F 38 -0.73 14.92 -12.27
C ASP F 38 0.56 15.71 -12.24
N LEU F 39 1.15 15.89 -11.04
CA LEU F 39 2.36 16.64 -10.81
C LEU F 39 3.55 16.09 -11.56
N VAL F 40 3.73 14.74 -11.52
CA VAL F 40 4.81 14.06 -12.21
C VAL F 40 4.71 14.23 -13.71
N GLN F 41 3.48 14.12 -14.30
CA GLN F 41 3.25 14.30 -15.72
C GLN F 41 3.62 15.69 -16.18
N LEU F 42 3.21 16.71 -15.39
CA LEU F 42 3.51 18.11 -15.60
C LEU F 42 4.98 18.42 -15.51
N ARG F 43 5.70 17.85 -14.51
CA ARG F 43 7.14 18.01 -14.32
C ARG F 43 7.89 17.53 -15.56
N GLN F 44 7.46 16.38 -16.16
CA GLN F 44 7.97 15.89 -17.43
C GLN F 44 7.72 16.85 -18.59
N ALA F 45 6.52 17.49 -18.67
CA ALA F 45 6.21 18.50 -19.69
C ALA F 45 7.12 19.71 -19.60
N VAL F 46 7.35 20.23 -18.37
CA VAL F 46 8.26 21.32 -18.07
C VAL F 46 9.69 20.96 -18.43
N ALA F 47 10.15 19.71 -18.10
CA ALA F 47 11.48 19.20 -18.41
C ALA F 47 11.73 19.18 -19.90
N ARG F 48 10.72 18.76 -20.71
CA ARG F 48 10.78 18.71 -22.16
C ARG F 48 10.76 20.11 -22.78
N THR F 49 10.39 21.15 -22.01
CA THR F 49 10.41 22.54 -22.44
C THR F 49 11.77 23.13 -22.10
N ILE F 50 12.35 22.77 -20.93
CA ILE F 50 13.65 23.22 -20.46
C ILE F 50 14.74 22.60 -21.29
N ALA F 51 14.42 21.50 -22.02
CA ALA F 51 15.24 20.92 -23.05
C ALA F 51 15.56 21.91 -24.17
N GLU F 52 14.56 22.71 -24.64
CA GLU F 52 14.73 23.65 -25.75
C GLU F 52 15.63 24.80 -25.41
N GLU F 53 15.77 25.18 -24.11
CA GLU F 53 16.80 26.11 -23.68
C GLU F 53 18.18 25.60 -24.03
N LYS F 54 18.47 24.32 -23.67
CA LYS F 54 19.72 23.63 -23.91
C LYS F 54 19.96 23.49 -25.40
N ARG F 55 18.92 23.11 -26.19
CA ARG F 55 18.99 22.99 -27.63
C ARG F 55 19.32 24.29 -28.31
N THR F 56 18.71 25.43 -27.88
CA THR F 56 19.00 26.74 -28.42
C THR F 56 20.43 27.14 -28.12
N GLU F 57 20.94 26.83 -26.91
CA GLU F 57 22.35 27.00 -26.57
C GLU F 57 23.25 26.19 -27.50
N GLN F 58 22.93 24.90 -27.78
CA GLN F 58 23.65 24.02 -28.70
C GLN F 58 23.72 24.53 -30.12
N ARG F 59 22.56 24.98 -30.69
CA ARG F 59 22.44 25.48 -32.04
C ARG F 59 23.33 26.68 -32.28
N LEU F 60 23.37 27.60 -31.29
CA LEU F 60 24.20 28.77 -31.27
C LEU F 60 25.70 28.49 -31.28
N ASN F 61 26.14 27.51 -30.49
CA ASN F 61 27.56 27.15 -30.37
C ASN F 61 28.14 26.72 -31.70
N GLN F 62 27.41 25.83 -32.35
CA GLN F 62 27.74 25.34 -33.69
C GLN F 62 28.10 26.44 -34.65
N ASP F 63 27.09 27.26 -35.03
CA ASP F 63 27.12 28.23 -36.10
C ASP F 63 28.19 29.27 -35.89
N THR F 64 28.41 29.72 -34.62
CA THR F 64 29.45 30.67 -34.26
C THR F 64 30.83 30.17 -34.61
N GLN F 65 31.13 28.87 -34.40
CA GLN F 65 32.43 28.30 -34.69
C GLN F 65 32.56 27.85 -36.12
N GLU F 66 31.44 27.53 -36.81
CA GLU F 66 31.43 27.35 -38.26
C GLU F 66 31.74 28.64 -38.98
N ALA F 67 31.23 29.78 -38.45
CA ALA F 67 31.55 31.11 -38.92
C ALA F 67 33.03 31.41 -38.84
N LYS F 68 33.70 30.92 -37.80
CA LYS F 68 35.14 31.08 -37.68
C LYS F 68 35.91 30.30 -38.76
N LYS F 69 35.46 29.08 -39.08
CA LYS F 69 36.13 28.28 -40.09
C LYS F 69 36.08 28.89 -41.47
N TRP F 70 34.99 29.60 -41.83
CA TRP F 70 34.94 30.47 -42.98
C TRP F 70 35.92 31.63 -42.88
N GLU F 71 36.06 32.30 -41.70
CA GLU F 71 37.01 33.39 -41.49
C GLU F 71 38.45 32.96 -41.67
N ASP F 72 38.85 31.79 -41.11
CA ASP F 72 40.19 31.23 -41.14
C ASP F 72 40.64 31.02 -42.57
N ARG F 73 39.78 30.33 -43.36
CA ARG F 73 39.97 30.02 -44.76
C ARG F 73 40.01 31.23 -45.66
N ALA F 74 39.16 32.25 -45.37
CA ALA F 74 39.14 33.51 -46.08
C ALA F 74 40.44 34.27 -45.98
N LYS F 75 41.03 34.37 -44.76
CA LYS F 75 42.31 35.02 -44.53
C LYS F 75 43.45 34.27 -45.22
N LEU F 76 43.44 32.91 -45.19
CA LEU F 76 44.36 32.04 -45.94
C LEU F 76 44.23 32.21 -47.44
N ALA F 77 43.01 32.47 -47.97
CA ALA F 77 42.77 32.80 -49.36
C ALA F 77 43.48 34.08 -49.79
N LEU F 78 43.57 35.11 -48.90
CA LEU F 78 44.31 36.34 -49.13
C LEU F 78 45.79 36.08 -49.39
N THR F 79 46.36 35.14 -48.64
CA THR F 79 47.76 34.77 -48.78
C THR F 79 48.04 34.13 -50.14
N ASN F 80 47.11 33.31 -50.62
CA ASN F 80 47.24 32.65 -51.90
C ASN F 80 46.99 33.61 -53.05
N GLY F 81 46.28 34.75 -52.82
CA GLY F 81 46.17 35.83 -53.77
C GLY F 81 44.92 35.79 -54.62
N GLU F 82 43.79 35.49 -53.96
CA GLU F 82 42.49 35.50 -54.60
C GLU F 82 41.50 36.20 -53.67
N GLU F 83 41.09 37.42 -54.03
CA GLU F 83 40.16 38.17 -53.21
C GLU F 83 38.75 37.65 -53.43
N ASN F 84 38.44 37.10 -54.63
CA ASN F 84 37.11 36.63 -55.01
C ASN F 84 36.66 35.46 -54.16
N LEU F 85 37.57 34.48 -53.94
CA LEU F 85 37.37 33.32 -53.09
C LEU F 85 37.16 33.74 -51.65
N ALA F 86 37.95 34.75 -51.19
CA ALA F 86 37.83 35.32 -49.86
C ALA F 86 36.49 35.97 -49.57
N ARG F 87 35.91 36.76 -50.52
CA ARG F 87 34.58 37.36 -50.40
C ARG F 87 33.50 36.33 -50.35
N GLU F 88 33.62 35.25 -51.16
CA GLU F 88 32.69 34.14 -51.19
C GLU F 88 32.62 33.45 -49.86
N ALA F 89 33.78 33.22 -49.19
CA ALA F 89 33.85 32.73 -47.83
C ALA F 89 33.27 33.66 -46.79
N LEU F 90 33.61 34.97 -46.83
CA LEU F 90 33.18 35.98 -45.88
C LEU F 90 31.70 36.25 -45.88
N ALA F 91 31.05 36.30 -47.06
CA ALA F 91 29.61 36.48 -47.21
C ALA F 91 28.85 35.36 -46.54
N ARG F 92 29.33 34.13 -46.73
CA ARG F 92 28.70 32.96 -46.13
C ARG F 92 28.81 33.06 -44.61
N LYS F 93 29.95 33.53 -44.14
CA LYS F 93 30.19 33.69 -42.71
C LYS F 93 29.19 34.68 -42.14
N LYS F 94 28.99 35.78 -42.86
CA LYS F 94 28.06 36.80 -42.45
C LYS F 94 26.69 36.20 -42.16
N SER F 95 26.16 35.32 -43.04
CA SER F 95 24.87 34.67 -42.87
C SER F 95 24.78 33.81 -41.63
N LEU F 96 25.85 33.02 -41.32
CA LEU F 96 25.98 32.27 -40.08
C LEU F 96 26.01 33.20 -38.89
N THR F 97 26.70 34.37 -38.98
CA THR F 97 26.75 35.39 -37.94
C THR F 97 25.37 35.93 -37.64
N ASP F 98 24.55 36.20 -38.69
CA ASP F 98 23.16 36.63 -38.61
C ASP F 98 22.30 35.58 -37.91
N THR F 99 22.46 34.28 -38.27
CA THR F 99 21.69 33.15 -37.74
C THR F 99 21.89 32.98 -36.26
N ALA F 100 23.15 33.07 -35.79
CA ALA F 100 23.54 33.01 -34.40
C ALA F 100 22.89 34.12 -33.59
N ALA F 101 22.79 35.31 -34.18
CA ALA F 101 22.16 36.46 -33.53
C ALA F 101 20.70 36.15 -33.24
N ALA F 102 19.99 35.64 -34.26
CA ALA F 102 18.60 35.24 -34.12
C ALA F 102 18.39 34.26 -32.99
N TYR F 103 19.30 33.26 -32.83
CA TYR F 103 19.28 32.33 -31.71
C TYR F 103 19.42 32.98 -30.35
N GLN F 104 20.31 33.94 -30.21
CA GLN F 104 20.48 34.66 -28.95
C GLN F 104 19.19 35.40 -28.59
N THR F 105 18.56 36.02 -29.58
CA THR F 105 17.31 36.75 -29.41
C THR F 105 16.29 35.78 -28.80
N GLN F 106 16.07 34.65 -29.48
CA GLN F 106 15.20 33.59 -29.00
C GLN F 106 15.57 33.15 -27.60
N LEU F 107 16.87 32.94 -27.35
CA LEU F 107 17.41 32.28 -26.18
C LEU F 107 17.32 33.16 -24.96
N ALA F 108 17.37 34.50 -25.13
CA ALA F 108 17.09 35.45 -24.08
C ALA F 108 15.68 35.25 -23.54
N GLN F 109 14.69 35.11 -24.46
CA GLN F 109 13.31 34.77 -24.15
C GLN F 109 13.17 33.40 -23.52
N GLN F 110 13.88 32.36 -24.04
CA GLN F 110 13.87 31.01 -23.51
C GLN F 110 14.35 30.93 -22.07
N ARG F 111 15.50 31.58 -21.75
CA ARG F 111 16.08 31.59 -20.42
C ARG F 111 15.16 32.23 -19.40
N THR F 112 14.51 33.38 -19.75
CA THR F 112 13.47 34.01 -18.93
C THR F 112 12.24 33.14 -18.74
N MET F 113 11.76 32.48 -19.84
CA MET F 113 10.62 31.59 -19.85
C MET F 113 10.80 30.38 -18.96
N SER F 114 12.00 29.74 -18.99
CA SER F 114 12.36 28.60 -18.17
C SER F 114 12.25 28.90 -16.69
N GLU F 115 12.75 30.08 -16.25
CA GLU F 115 12.62 30.57 -14.89
C GLU F 115 11.18 30.76 -14.44
N ASN F 116 10.31 31.33 -15.33
CA ASN F 116 8.89 31.48 -15.08
C ASN F 116 8.22 30.14 -14.85
N LEU F 117 8.46 29.15 -15.75
CA LEU F 117 7.92 27.80 -15.69
C LEU F 117 8.36 27.07 -14.45
N ARG F 118 9.68 27.16 -14.12
CA ARG F 118 10.34 26.51 -13.00
C ARG F 118 9.75 26.96 -11.67
N ARG F 119 9.54 28.30 -11.47
CA ARG F 119 8.93 28.84 -10.27
C ARG F 119 7.47 28.51 -10.07
N ASN F 120 6.64 28.54 -11.15
CA ASN F 120 5.24 28.16 -11.10
C ASN F 120 5.08 26.73 -10.68
N LEU F 121 5.92 25.82 -11.24
CA LEU F 121 5.99 24.41 -10.89
C LEU F 121 6.39 24.21 -9.45
N ALA F 122 7.40 24.96 -8.95
CA ALA F 122 7.87 24.88 -7.57
C ALA F 122 6.78 25.22 -6.57
N ALA F 123 5.94 26.24 -6.87
CA ALA F 123 4.77 26.61 -6.09
C ALA F 123 3.75 25.48 -6.02
N LEU F 124 3.48 24.80 -7.17
CA LEU F 124 2.62 23.64 -7.24
C LEU F 124 3.14 22.47 -6.43
N GLU F 125 4.45 22.16 -6.52
CA GLU F 125 5.11 21.07 -5.82
C GLU F 125 4.99 21.23 -4.32
N ALA F 126 5.19 22.47 -3.81
CA ALA F 126 5.00 22.83 -2.43
C ALA F 126 3.57 22.64 -1.96
N LYS F 127 2.56 23.09 -2.74
CA LYS F 127 1.16 23.02 -2.36
C LYS F 127 0.60 21.61 -2.36
N ILE F 128 1.04 20.74 -3.30
CA ILE F 128 0.73 19.33 -3.32
C ILE F 128 1.34 18.65 -2.10
N SER F 129 2.56 19.08 -1.68
CA SER F 129 3.18 18.66 -0.44
C SER F 129 2.37 19.05 0.79
N GLU F 130 1.79 20.29 0.84
CA GLU F 130 0.88 20.74 1.88
C GLU F 130 -0.30 19.81 1.99
N ALA F 131 -0.91 19.41 0.85
CA ALA F 131 -2.02 18.48 0.77
C ALA F 131 -1.75 17.10 1.33
N LYS F 132 -0.56 16.49 1.07
CA LYS F 132 -0.16 15.22 1.68
C LYS F 132 -0.08 15.36 3.19
N THR F 133 0.50 16.47 3.70
CA THR F 133 0.57 16.80 5.13
C THR F 133 -0.81 16.97 5.76
N LYS F 134 -1.76 17.70 5.09
CA LYS F 134 -3.17 17.83 5.43
C LYS F 134 -3.79 16.47 5.66
N LYS F 135 -3.69 15.56 4.66
CA LYS F 135 -4.32 14.26 4.63
C LYS F 135 -3.93 13.37 5.77
N ASN F 136 -2.61 13.32 6.10
CA ASN F 136 -2.06 12.47 7.15
C ASN F 136 -2.64 12.77 8.51
N MET F 137 -2.78 14.06 8.90
CA MET F 137 -3.34 14.44 10.18
C MET F 137 -4.85 14.46 10.17
N LEU F 138 -5.47 14.72 9.00
CA LEU F 138 -6.91 14.87 8.85
C LEU F 138 -7.67 13.58 9.10
N GLN F 139 -7.13 12.43 8.63
CA GLN F 139 -7.64 11.10 8.92
C GLN F 139 -7.66 10.76 10.38
N ALA F 140 -6.63 11.22 11.16
CA ALA F 140 -6.53 11.00 12.60
C ALA F 140 -7.72 11.55 13.34
N ARG F 141 -8.18 12.77 12.98
CA ARG F 141 -9.38 13.39 13.48
C ARG F 141 -10.63 12.61 13.16
N ALA F 142 -10.77 12.08 11.92
CA ALA F 142 -11.90 11.28 11.50
C ALA F 142 -12.03 10.03 12.35
N LYS F 143 -10.89 9.33 12.62
CA LYS F 143 -10.83 8.20 13.52
C LYS F 143 -11.25 8.57 14.94
N ALA F 144 -10.73 9.71 15.49
CA ALA F 144 -11.05 10.20 16.82
C ALA F 144 -12.50 10.57 17.01
N ALA F 145 -13.10 11.31 16.05
CA ALA F 145 -14.48 11.74 16.06
C ALA F 145 -15.43 10.57 16.05
N LYS F 146 -15.14 9.57 15.23
CA LYS F 146 -15.97 8.38 15.17
C LYS F 146 -15.94 7.64 16.52
N ALA F 147 -14.73 7.39 17.01
CA ALA F 147 -14.54 6.72 18.29
C ALA F 147 -15.27 7.39 19.43
N ASN F 148 -15.22 8.75 19.51
CA ASN F 148 -15.88 9.57 20.52
C ASN F 148 -17.38 9.36 20.50
N ALA F 149 -17.98 9.28 19.29
CA ALA F 149 -19.40 9.10 19.10
C ALA F 149 -19.93 7.81 19.71
N GLU F 150 -19.18 6.68 19.59
CA GLU F 150 -19.50 5.38 20.16
C GLU F 150 -19.56 5.44 21.67
N LEU F 151 -18.61 6.18 22.33
CA LEU F 151 -18.60 6.40 23.77
C LEU F 151 -19.84 7.12 24.23
N GLN F 152 -20.28 8.17 23.50
CA GLN F 152 -21.51 8.88 23.80
C GLN F 152 -22.74 7.98 23.73
N GLN F 153 -22.82 7.10 22.69
CA GLN F 153 -23.92 6.17 22.51
C GLN F 153 -24.02 5.13 23.62
N THR F 154 -22.88 4.50 24.00
CA THR F 154 -22.81 3.46 25.02
C THR F 154 -23.19 3.92 26.40
N LEU F 155 -22.71 5.12 26.81
CA LEU F 155 -23.08 5.77 28.05
C LEU F 155 -24.56 6.11 28.12
N GLY F 156 -25.16 6.56 26.99
CA GLY F 156 -26.57 6.93 26.90
C GLY F 156 -27.39 5.83 26.27
N GLY F 157 -28.33 6.25 25.38
CA GLY F 157 -29.29 5.41 24.68
C GLY F 157 -30.54 5.38 25.50
N LEU F 158 -31.72 5.58 24.84
CA LEU F 158 -32.98 5.81 25.51
C LEU F 158 -34.04 5.02 24.77
N GLY F 159 -35.23 4.82 25.39
CA GLY F 159 -36.36 4.09 24.85
C GLY F 159 -36.06 2.65 24.58
N THR F 160 -36.68 2.07 23.52
CA THR F 160 -36.64 0.64 23.24
C THR F 160 -35.47 0.31 22.34
N SER F 161 -34.50 1.23 22.18
CA SER F 161 -33.40 1.04 21.28
C SER F 161 -32.09 0.70 21.96
N SER F 162 -32.06 0.57 23.31
CA SER F 162 -30.82 0.62 24.05
C SER F 162 -30.66 -0.63 24.90
N ALA F 163 -29.39 -1.10 25.05
CA ALA F 163 -28.98 -2.18 25.91
C ALA F 163 -29.26 -1.91 27.38
N THR F 164 -28.96 -0.68 27.89
CA THR F 164 -29.18 -0.25 29.25
C THR F 164 -30.65 -0.21 29.63
N SER F 165 -31.50 0.36 28.75
CA SER F 165 -32.92 0.52 28.97
C SER F 165 -33.61 -0.80 29.15
N ALA F 166 -33.23 -1.82 28.35
CA ALA F 166 -33.66 -3.18 28.51
C ALA F 166 -33.22 -3.80 29.83
N PHE F 167 -31.95 -3.59 30.26
CA PHE F 167 -31.36 -4.16 31.47
C PHE F 167 -32.08 -3.75 32.74
N GLU F 168 -32.35 -2.43 32.90
CA GLU F 168 -32.94 -1.91 34.13
C GLU F 168 -34.44 -2.08 34.12
N ARG F 169 -35.06 -2.33 32.92
CA ARG F 169 -36.42 -2.84 32.79
C ARG F 169 -36.55 -4.20 33.43
N MET F 170 -35.55 -5.10 33.21
CA MET F 170 -35.50 -6.42 33.82
C MET F 170 -35.39 -6.41 35.32
N GLU F 171 -34.52 -5.55 35.91
CA GLU F 171 -34.33 -5.44 37.36
C GLU F 171 -35.61 -5.11 38.07
N ASN F 172 -36.40 -4.17 37.49
CA ASN F 172 -37.67 -3.76 38.04
C ASN F 172 -38.63 -4.92 38.19
N LYS F 173 -38.70 -5.83 37.18
CA LYS F 173 -39.51 -7.04 37.22
C LYS F 173 -39.13 -7.95 38.37
N VAL F 174 -37.82 -8.16 38.63
CA VAL F 174 -37.31 -8.95 39.75
C VAL F 174 -37.69 -8.34 41.08
N LEU F 175 -37.55 -7.01 41.24
CA LEU F 175 -37.94 -6.28 42.44
C LEU F 175 -39.42 -6.38 42.70
N ASP F 176 -40.29 -6.26 41.65
CA ASP F 176 -41.73 -6.44 41.73
C ASP F 176 -42.09 -7.83 42.21
N MET F 177 -41.41 -8.91 41.70
CA MET F 177 -41.58 -10.27 42.18
C MET F 177 -41.21 -10.45 43.62
N GLU F 178 -40.07 -9.87 44.08
CA GLU F 178 -39.62 -9.91 45.47
C GLU F 178 -40.66 -9.30 46.40
N ALA F 179 -41.13 -8.08 46.07
CA ALA F 179 -42.12 -7.34 46.82
C ALA F 179 -43.46 -8.06 46.89
N THR F 180 -43.95 -8.61 45.75
CA THR F 180 -45.18 -9.37 45.61
C THR F 180 -45.16 -10.61 46.47
N SER F 181 -44.03 -11.34 46.51
CA SER F 181 -43.87 -12.55 47.26
C SER F 181 -44.03 -12.35 48.75
N GLN F 182 -43.39 -11.28 49.31
CA GLN F 182 -43.53 -10.92 50.72
C GLN F 182 -44.96 -10.56 51.06
N ALA F 183 -45.62 -9.75 50.19
CA ALA F 183 -46.98 -9.27 50.34
C ALA F 183 -48.00 -10.38 50.41
N ALA F 184 -47.82 -11.45 49.60
CA ALA F 184 -48.63 -12.65 49.64
C ALA F 184 -48.59 -13.33 50.99
N GLY F 185 -47.39 -13.40 51.64
CA GLY F 185 -47.20 -13.90 53.00
C GLY F 185 -47.89 -13.03 54.02
N GLU F 186 -47.79 -11.69 53.89
CA GLU F 186 -48.41 -10.70 54.76
C GLU F 186 -49.91 -10.89 54.84
N LEU F 187 -50.57 -11.11 53.67
CA LEU F 187 -52.00 -11.35 53.55
C LEU F 187 -52.41 -12.75 53.93
N ALA F 188 -51.51 -13.75 53.77
CA ALA F 188 -51.74 -15.12 54.14
C ALA F 188 -51.95 -15.29 55.63
N GLY F 189 -51.17 -14.54 56.43
CA GLY F 189 -51.15 -14.63 57.87
C GLY F 189 -49.98 -15.49 58.22
N PHE F 190 -49.26 -15.09 59.28
CA PHE F 190 -48.16 -15.84 59.83
C PHE F 190 -48.61 -16.33 61.17
N GLY F 191 -48.30 -17.61 61.49
CA GLY F 191 -48.62 -18.25 62.75
C GLY F 191 -47.37 -18.85 63.30
N ILE F 192 -46.22 -18.62 62.61
CA ILE F 192 -44.91 -19.15 62.90
C ILE F 192 -44.42 -18.72 64.25
N GLU F 193 -44.65 -17.43 64.61
CA GLU F 193 -44.14 -16.78 65.81
C GLU F 193 -44.62 -17.45 67.06
N ASN F 194 -45.94 -17.75 67.13
CA ASN F 194 -46.58 -18.46 68.22
C ASN F 194 -46.04 -19.86 68.34
N GLN F 195 -45.82 -20.54 67.18
CA GLN F 195 -45.22 -21.86 67.15
C GLN F 195 -43.79 -21.90 67.64
N PHE F 196 -42.96 -20.89 67.25
CA PHE F 196 -41.58 -20.70 67.65
C PHE F 196 -41.47 -20.51 69.15
N ALA F 197 -42.39 -19.70 69.75
CA ALA F 197 -42.46 -19.43 71.18
C ALA F 197 -42.65 -20.70 71.97
N GLN F 198 -43.46 -21.67 71.46
CA GLN F 198 -43.58 -23.00 72.02
C GLN F 198 -42.29 -23.79 72.01
N LEU F 199 -41.45 -23.71 70.94
CA LEU F 199 -40.10 -24.30 70.88
C LEU F 199 -39.16 -23.69 71.90
N GLU F 200 -39.15 -22.35 72.05
CA GLU F 200 -38.37 -21.61 73.02
C GLU F 200 -38.77 -21.99 74.45
N ALA F 201 -40.08 -22.15 74.65
CA ALA F 201 -40.63 -22.57 75.95
C ALA F 201 -40.15 -23.99 76.26
N SER F 202 -40.23 -24.88 75.27
CA SER F 202 -39.77 -26.24 75.40
C SER F 202 -38.34 -26.31 75.87
N SER F 203 -37.46 -25.43 75.31
CA SER F 203 -36.06 -25.31 75.68
C SER F 203 -35.88 -24.96 77.14
N GLY F 204 -36.71 -24.03 77.68
CA GLY F 204 -36.69 -23.64 79.08
C GLY F 204 -37.03 -24.74 80.04
N VAL F 205 -37.97 -25.65 79.66
CA VAL F 205 -38.29 -26.86 80.42
C VAL F 205 -37.08 -27.78 80.48
N GLU F 206 -36.36 -27.90 79.34
CA GLU F 206 -35.21 -28.76 79.16
C GLU F 206 -33.99 -28.29 79.90
N ASP F 207 -33.88 -26.95 80.19
CA ASP F 207 -32.85 -26.39 81.04
C ASP F 207 -32.90 -26.97 82.44
N GLU F 208 -34.11 -27.03 83.06
CA GLU F 208 -34.38 -27.63 84.36
C GLU F 208 -34.04 -29.10 84.35
N LEU F 209 -34.44 -29.84 83.26
CA LEU F 209 -34.16 -31.25 83.10
C LEU F 209 -32.67 -31.55 83.04
N ALA F 210 -31.85 -30.69 82.38
CA ALA F 210 -30.41 -30.73 82.43
C ALA F 210 -29.87 -30.49 83.82
N ALA F 211 -30.40 -29.45 84.52
CA ALA F 211 -29.96 -29.02 85.85
C ALA F 211 -30.12 -30.08 86.91
N LEU F 212 -31.25 -30.82 86.91
CA LEU F 212 -31.54 -31.91 87.81
C LEU F 212 -30.53 -33.04 87.76
N LYS F 213 -30.09 -33.48 86.55
CA LYS F 213 -29.09 -34.52 86.39
C LYS F 213 -27.72 -34.07 86.81
N ALA F 214 -27.38 -32.80 86.54
CA ALA F 214 -26.15 -32.19 86.99
C ALA F 214 -26.07 -32.11 88.50
N SER F 215 -27.20 -31.73 89.15
CA SER F 215 -27.37 -31.68 90.59
C SER F 215 -27.24 -33.02 91.27
PB ADP G . -4.08 -71.23 44.12
O1B ADP G . -2.61 -71.33 43.80
O2B ADP G . -4.51 -72.05 45.30
O3B ADP G . -4.63 -69.82 44.12
PA ADP G . -4.71 -71.28 41.40
O1A ADP G . -3.67 -72.05 40.61
O2A ADP G . -4.57 -69.78 41.56
O3A ADP G . -4.81 -71.93 42.88
O5' ADP G . -6.15 -71.60 40.77
C5' ADP G . -6.61 -72.94 40.68
C4' ADP G . -6.65 -73.37 39.21
O4' ADP G . -7.28 -74.64 39.09
C3' ADP G . -7.44 -72.37 38.38
O3' ADP G . -6.61 -71.82 37.35
C2' ADP G . -8.58 -73.16 37.75
O2' ADP G . -8.48 -73.11 36.33
C1' ADP G . -8.42 -74.60 38.24
N9 ADP G . -9.64 -74.99 39.00
C8 ADP G . -10.81 -75.35 38.46
N7 ADP G . -11.72 -75.66 39.43
C5 ADP G . -11.10 -75.50 40.62
C6 ADP G . -11.48 -75.66 42.05
N6 ADP G . -12.72 -76.07 42.40
N1 ADP G . -10.53 -75.40 42.98
C2 ADP G . -9.29 -75.00 42.63
N3 ADP G . -8.89 -74.84 41.37
C4 ADP G . -9.73 -75.07 40.33
#